data_7VON
#
_entry.id   7VON
#
_cell.length_a   1.00
_cell.length_b   1.00
_cell.length_c   1.00
_cell.angle_alpha   90.00
_cell.angle_beta   90.00
_cell.angle_gamma   90.00
#
_symmetry.space_group_name_H-M   'P 1'
#
_entity_poly.entity_id   1
_entity_poly.type   'polypeptide(L)'
_entity_poly.pdbx_seq_one_letter_code
;GKPQYMVLVPSLLHTETTEKGCVLLSYLNETVTVSASLESVRGNRSLFTDLEAENDVLHCVAFAVPKSSSNEEVMFLTVQ
VKGPTQEFKKRTTVMVKNEDSLVFVQTDKSIYKPGQTVKFRVVSMDENFHPLNELIPLVYIQDPKGNRIAQWQSFQLEGG
LKQFSFPLSSEPFQGSYKVVVQKKSGGRTEHPFTVEEFVLPKFEVQVTVPKIITILEEEMNVSVCGLYTYGKPVPGHVTV
SICRKYSDASDCHGEDSQAFCEKFSGQLNSHGCFYQQVKTKVFQLKRKEYEMKLHTEAQIQEEGTVVELTGRQSSEITRT
ITKLSFVKVDSHFRQGIPFFGQVRLVDGKGVPIPNKVIFIRGNEANYYSNATTDEHGLVQFSINTTNVMGTSLTVRVNYK
DRSPCYGYQWVSEEHEEAHHTAYLVFSPSKSFVHLEPMSHELPCGHTQTVQAHYILNGGTLLGLKKLSFYYLIMAKGGIV
RTGTHGLLVKQEDMKGHFSISIPVKSDIAPVARLLIYAVLPTGDVIGDSAKYDVENCLANKVDLSFSPSQSLPASHAHLR
VTAAPQSVCALRAVDQSVLLMKPDAELSASSVYNLLPEKDLTGFPGPLNDQDNEDCINRHNVYINGITYTPVSSTNEKDM
YSFLEDMGLKAFTNSKIRKPKMCPQLQQYEMHGPEGLRVGFYESDVMGRGHARLVHVEEPHTETVRKYFPETWIWDLVVV
NSAGVAEVGVTVPDTITEWKAGAFCLSEDAGLGISSTASLRAFQPFFVELTMPYSVIRGEAFTLKATVLNYLPKCIRVSV
QLEASPAFLAVPVEKEQAPHCICANGRQTVSWAVTPKSLGNVNFTVSAEALESQELCGTEVPSVPEHGRKDTVIKPLLVE
PEGLEKETTFNSLLCPSGGEVSEELSLKLPPNVVEESARASVSVLGDILGSAMQNTQNLLQMPYGCGEQNMVLFAPNIYV
LDYLNETQQLTPEIKSKAIGYLNTGYQRQLNYKHYDGSYSTFGERYGRNQGNTWLTAFVLKTFAQARAYIFIDEAHITQA
LIWLSQRQKDNGCFRSSGSLLNNAIKGGVEDEVTLSAYITIALLEIPLTVTHPVVRNALFCLESAWKTAQEGDHGSHVYT
KALLAYAFALAGNQDKRKEVLKSLNEEAVKKDNSVHWERPQKPKAPVGHFYEPQAPSAEVEMTSYVLLAYLTAQPAPTSE
DLTSATNIVKWITKQQNAQGGFSSTQDTVVALHALSKYGAATFTRTGKAAQVTIQSSGTFSSKFQVDNNNRLLLQQVSLP
ELPGEYSMKVTGEGCVYLQTSLKYNILPEKEEFPFALGVQTLPQTCDEPKAHTSFQISLSVSYTGSRSASNMAIVDVKMV
SGFIPLKPTVKMLERSNHVSRTEVSSNHVLIYLDKVSNQTLSLFFTVLQDVPVRDLKPAIVKVYDYYETDEFAIAEYNAP
CS
;
_entity_poly.pdbx_strand_id   A
#
# COMPACT_ATOMS: atom_id res chain seq x y z
N GLY A 1 -19.84 42.01 -50.88
CA GLY A 1 -19.24 41.74 -49.59
C GLY A 1 -17.96 42.51 -49.36
N LYS A 2 -17.93 43.32 -48.31
CA LYS A 2 -16.74 44.09 -47.99
C LYS A 2 -15.64 43.17 -47.48
N PRO A 3 -14.37 43.56 -47.58
CA PRO A 3 -13.29 42.70 -47.08
C PRO A 3 -13.42 42.45 -45.58
N GLN A 4 -13.07 41.22 -45.18
CA GLN A 4 -13.13 40.83 -43.78
C GLN A 4 -12.36 39.54 -43.59
N TYR A 5 -11.45 39.54 -42.63
CA TYR A 5 -10.69 38.35 -42.26
C TYR A 5 -11.38 37.65 -41.10
N MET A 6 -10.95 36.40 -40.86
CA MET A 6 -11.38 35.69 -39.65
C MET A 6 -10.41 34.55 -39.41
N VAL A 7 -9.87 34.49 -38.20
CA VAL A 7 -8.92 33.44 -37.81
C VAL A 7 -9.20 33.04 -36.37
N LEU A 8 -9.17 31.73 -36.11
CA LEU A 8 -9.39 31.19 -34.78
C LEU A 8 -8.13 30.48 -34.30
N VAL A 9 -7.74 30.77 -33.06
CA VAL A 9 -6.57 30.14 -32.45
C VAL A 9 -6.93 29.69 -31.05
N PRO A 10 -6.59 28.45 -30.66
CA PRO A 10 -6.89 27.99 -29.30
C PRO A 10 -5.97 28.66 -28.29
N SER A 11 -6.56 29.33 -27.31
CA SER A 11 -5.79 30.06 -26.31
C SER A 11 -5.31 29.14 -25.20
N LEU A 12 -4.71 28.01 -25.59
CA LEU A 12 -4.02 27.13 -24.66
C LEU A 12 -2.79 26.56 -25.35
N LEU A 13 -2.03 27.41 -26.03
CA LEU A 13 -0.90 26.94 -26.82
C LEU A 13 0.10 26.20 -25.93
N HIS A 14 0.33 24.93 -26.25
CA HIS A 14 1.23 24.09 -25.49
C HIS A 14 2.59 24.03 -26.17
N THR A 15 3.65 23.90 -25.35
CA THR A 15 5.01 24.00 -25.87
C THR A 15 5.30 22.91 -26.90
N GLU A 16 5.29 21.65 -26.49
CA GLU A 16 5.65 20.58 -27.41
C GLU A 16 4.54 20.22 -28.38
N THR A 17 3.29 20.56 -28.05
CA THR A 17 2.16 20.20 -28.89
C THR A 17 2.10 21.09 -30.13
N THR A 18 1.89 20.46 -31.28
CA THR A 18 1.71 21.19 -32.53
C THR A 18 0.33 21.86 -32.51
N GLU A 19 0.30 23.17 -32.29
CA GLU A 19 -0.96 23.90 -32.09
C GLU A 19 -1.68 24.01 -33.41
N LYS A 20 -2.59 23.07 -33.64
CA LYS A 20 -3.43 23.10 -34.84
C LYS A 20 -4.36 24.29 -34.80
N GLY A 21 -4.58 24.91 -35.96
CA GLY A 21 -5.42 26.09 -36.06
C GLY A 21 -6.13 26.17 -37.40
N CYS A 22 -6.93 27.21 -37.55
CA CYS A 22 -7.70 27.44 -38.77
C CYS A 22 -7.67 28.92 -39.14
N VAL A 23 -7.77 29.18 -40.44
CA VAL A 23 -7.80 30.53 -40.97
C VAL A 23 -8.90 30.61 -42.02
N LEU A 24 -9.34 31.82 -42.34
CA LEU A 24 -10.38 32.00 -43.34
C LEU A 24 -10.44 33.46 -43.76
N LEU A 25 -10.67 33.68 -45.06
CA LEU A 25 -11.02 34.97 -45.61
C LEU A 25 -12.44 34.90 -46.17
N SER A 26 -13.22 35.94 -45.92
CA SER A 26 -14.66 35.88 -46.11
C SER A 26 -15.13 36.46 -47.44
N TYR A 27 -14.88 37.75 -47.70
CA TYR A 27 -15.47 38.38 -48.88
C TYR A 27 -14.50 39.29 -49.62
N LEU A 28 -13.21 39.20 -49.34
CA LEU A 28 -12.23 39.96 -50.10
C LEU A 28 -12.01 39.32 -51.47
N ASN A 29 -12.15 40.13 -52.53
CA ASN A 29 -12.00 39.66 -53.89
C ASN A 29 -10.56 39.66 -54.38
N GLU A 30 -9.63 40.18 -53.59
CA GLU A 30 -8.22 40.26 -53.98
C GLU A 30 -7.40 39.33 -53.11
N THR A 31 -6.53 38.55 -53.75
CA THR A 31 -5.74 37.54 -53.06
C THR A 31 -4.71 38.21 -52.15
N VAL A 32 -4.68 37.80 -50.88
CA VAL A 32 -3.75 38.35 -49.91
C VAL A 32 -3.10 37.22 -49.12
N THR A 33 -2.29 37.58 -48.12
CA THR A 33 -1.64 36.62 -47.24
C THR A 33 -1.79 37.09 -45.80
N VAL A 34 -1.57 36.17 -44.86
CA VAL A 34 -1.73 36.45 -43.44
C VAL A 34 -0.46 36.04 -42.71
N SER A 35 -0.18 36.73 -41.61
CA SER A 35 1.01 36.46 -40.79
C SER A 35 0.59 36.46 -39.33
N ALA A 36 1.01 35.43 -38.59
CA ALA A 36 0.70 35.30 -37.18
C ALA A 36 2.02 35.38 -36.40
N SER A 37 2.32 36.56 -35.86
CA SER A 37 3.52 36.78 -35.08
C SER A 37 3.21 36.60 -33.60
N LEU A 38 4.04 35.84 -32.90
CA LEU A 38 3.84 35.53 -31.48
C LEU A 38 4.97 36.14 -30.68
N GLU A 39 4.83 37.42 -30.36
CA GLU A 39 5.84 38.12 -29.57
C GLU A 39 5.72 37.75 -28.09
N SER A 40 6.87 37.66 -27.44
CA SER A 40 6.92 37.20 -26.05
C SER A 40 7.06 38.38 -25.09
N VAL A 41 6.43 38.24 -23.92
CA VAL A 41 6.46 39.31 -22.93
C VAL A 41 7.78 39.27 -22.17
N ARG A 42 8.18 40.44 -21.65
CA ARG A 42 9.38 40.63 -20.83
C ARG A 42 10.66 40.26 -21.56
N GLY A 43 10.57 39.93 -22.85
CA GLY A 43 11.73 39.58 -23.65
C GLY A 43 11.40 39.66 -25.12
N ASN A 44 12.05 38.82 -25.93
CA ASN A 44 11.75 38.78 -27.36
C ASN A 44 11.92 37.34 -27.84
N ARG A 45 10.80 36.64 -28.03
CA ARG A 45 10.81 35.33 -28.67
C ARG A 45 9.61 35.29 -29.61
N SER A 46 9.82 35.73 -30.84
CA SER A 46 8.75 35.91 -31.82
C SER A 46 8.69 34.71 -32.74
N LEU A 47 7.53 34.04 -32.75
CA LEU A 47 7.29 32.91 -33.64
C LEU A 47 6.33 33.36 -34.73
N PHE A 48 6.87 33.80 -35.85
CA PHE A 48 6.05 34.22 -36.98
C PHE A 48 5.38 33.02 -37.63
N THR A 49 4.14 33.23 -38.10
CA THR A 49 3.39 32.19 -38.83
C THR A 49 2.72 32.89 -40.02
N ASP A 50 3.41 32.90 -41.15
CA ASP A 50 2.95 33.56 -42.36
C ASP A 50 2.54 32.51 -43.40
N LEU A 51 1.41 32.75 -44.06
CA LEU A 51 0.89 31.78 -45.01
C LEU A 51 -0.16 32.46 -45.89
N GLU A 52 -0.67 31.70 -46.85
CA GLU A 52 -1.51 32.23 -47.92
C GLU A 52 -2.93 32.50 -47.42
N ALA A 53 -3.84 32.81 -48.34
CA ALA A 53 -5.24 33.02 -48.01
C ALA A 53 -6.10 32.61 -49.20
N GLU A 54 -7.36 32.30 -48.91
CA GLU A 54 -8.35 31.95 -49.92
C GLU A 54 -9.60 32.79 -49.71
N ASN A 55 -10.15 33.29 -50.81
CA ASN A 55 -11.16 34.33 -50.73
C ASN A 55 -12.46 33.83 -50.10
N ASP A 56 -12.76 32.54 -50.23
CA ASP A 56 -14.03 32.03 -49.73
C ASP A 56 -13.94 30.71 -48.97
N VAL A 57 -12.79 30.03 -48.96
CA VAL A 57 -12.68 28.72 -48.34
C VAL A 57 -11.56 28.74 -47.31
N LEU A 58 -11.76 28.00 -46.23
CA LEU A 58 -10.80 27.93 -45.13
C LEU A 58 -9.80 26.79 -45.38
N HIS A 59 -8.77 26.75 -44.55
CA HIS A 59 -7.83 25.63 -44.57
C HIS A 59 -7.15 25.56 -43.21
N CYS A 60 -6.77 24.34 -42.83
CA CYS A 60 -6.17 24.11 -41.54
C CYS A 60 -4.71 24.57 -41.52
N VAL A 61 -4.18 24.72 -40.31
CA VAL A 61 -2.78 25.04 -40.10
C VAL A 61 -2.35 24.50 -38.74
N ALA A 62 -1.10 24.05 -38.65
CA ALA A 62 -0.52 23.58 -37.40
C ALA A 62 0.88 24.16 -37.25
N PHE A 63 1.26 24.39 -36.00
CA PHE A 63 2.59 24.90 -35.69
C PHE A 63 2.92 24.54 -34.24
N ALA A 64 4.22 24.48 -33.95
CA ALA A 64 4.69 24.12 -32.62
C ALA A 64 5.52 25.27 -32.07
N VAL A 65 5.09 25.83 -30.94
CA VAL A 65 5.81 26.94 -30.31
C VAL A 65 7.07 26.41 -29.65
N PRO A 66 8.13 27.21 -29.55
CA PRO A 66 9.35 26.75 -28.87
C PRO A 66 9.10 26.55 -27.38
N LYS A 67 9.92 25.67 -26.80
CA LYS A 67 9.80 25.35 -25.38
C LYS A 67 10.12 26.58 -24.55
N SER A 68 9.10 27.18 -23.95
CA SER A 68 9.27 28.39 -23.16
C SER A 68 9.96 28.07 -21.85
N SER A 69 10.95 28.89 -21.47
CA SER A 69 11.64 28.71 -20.20
C SER A 69 10.69 28.92 -19.02
N SER A 70 9.84 29.95 -19.10
CA SER A 70 8.90 30.22 -18.03
C SER A 70 7.84 29.11 -17.95
N ASN A 71 7.31 28.91 -16.74
CA ASN A 71 6.34 27.83 -16.54
C ASN A 71 5.03 28.13 -17.27
N GLU A 72 4.37 29.22 -16.92
CA GLU A 72 3.14 29.66 -17.58
C GLU A 72 3.35 31.09 -18.05
N GLU A 73 3.55 31.27 -19.35
CA GLU A 73 3.80 32.58 -19.92
C GLU A 73 2.50 33.14 -20.51
N VAL A 74 2.21 34.40 -20.19
CA VAL A 74 1.08 35.12 -20.74
C VAL A 74 1.65 36.09 -21.77
N MET A 75 1.74 35.62 -23.01
CA MET A 75 2.48 36.32 -24.06
C MET A 75 1.53 36.86 -25.12
N PHE A 76 1.91 38.00 -25.69
CA PHE A 76 1.07 38.67 -26.67
C PHE A 76 0.99 37.90 -27.98
N LEU A 77 -0.17 37.97 -28.62
CA LEU A 77 -0.39 37.38 -29.94
C LEU A 77 -0.93 38.45 -30.88
N THR A 78 -0.29 38.59 -32.05
CA THR A 78 -0.71 39.54 -33.06
C THR A 78 -0.74 38.85 -34.42
N VAL A 79 -1.83 39.04 -35.16
CA VAL A 79 -1.99 38.48 -36.49
C VAL A 79 -1.91 39.61 -37.50
N GLN A 80 -0.97 39.50 -38.45
CA GLN A 80 -0.75 40.53 -39.46
C GLN A 80 -1.31 40.02 -40.78
N VAL A 81 -2.51 40.49 -41.13
CA VAL A 81 -3.13 40.15 -42.40
C VAL A 81 -2.63 41.13 -43.45
N LYS A 82 -1.62 40.72 -44.22
CA LYS A 82 -1.04 41.60 -45.23
C LYS A 82 -1.97 41.65 -46.45
N GLY A 83 -2.44 42.84 -46.78
CA GLY A 83 -3.32 43.03 -47.91
C GLY A 83 -3.04 44.29 -48.69
N PRO A 84 -2.86 44.15 -50.00
CA PRO A 84 -2.71 45.35 -50.84
C PRO A 84 -3.89 46.29 -50.78
N THR A 85 -5.09 45.78 -50.54
CA THR A 85 -6.25 46.66 -50.33
C THR A 85 -6.09 47.46 -49.04
N GLN A 86 -6.01 46.77 -47.91
CA GLN A 86 -5.78 47.39 -46.61
C GLN A 86 -4.93 46.46 -45.76
N GLU A 87 -4.28 47.04 -44.76
CA GLU A 87 -3.44 46.30 -43.82
C GLU A 87 -4.22 46.05 -42.54
N PHE A 88 -4.22 44.81 -42.07
CA PHE A 88 -5.05 44.41 -40.95
C PHE A 88 -4.21 43.74 -39.87
N LYS A 89 -4.35 44.22 -38.65
CA LYS A 89 -3.60 43.70 -37.51
C LYS A 89 -4.48 43.76 -36.27
N LYS A 90 -4.18 42.88 -35.31
CA LYS A 90 -4.89 42.85 -34.04
C LYS A 90 -4.02 42.16 -33.00
N ARG A 91 -3.86 42.82 -31.86
CA ARG A 91 -3.03 42.31 -30.77
C ARG A 91 -3.91 41.75 -29.66
N THR A 92 -3.44 40.66 -29.04
CA THR A 92 -4.16 40.01 -27.96
C THR A 92 -3.16 39.23 -27.12
N THR A 93 -3.62 38.80 -25.95
CA THR A 93 -2.81 38.00 -25.04
C THR A 93 -3.32 36.57 -24.98
N VAL A 94 -2.40 35.62 -25.14
CA VAL A 94 -2.73 34.21 -25.00
C VAL A 94 -1.83 33.59 -23.95
N MET A 95 -2.23 32.44 -23.41
CA MET A 95 -1.56 31.81 -22.28
C MET A 95 -0.90 30.52 -22.77
N VAL A 96 0.43 30.51 -22.78
CA VAL A 96 1.20 29.31 -23.07
C VAL A 96 1.77 28.77 -21.77
N LYS A 97 1.99 27.46 -21.74
CA LYS A 97 2.54 26.81 -20.56
C LYS A 97 3.20 25.51 -20.99
N ASN A 98 4.23 25.11 -20.23
CA ASN A 98 4.85 23.82 -20.45
C ASN A 98 3.88 22.71 -20.10
N GLU A 99 3.69 21.78 -21.03
CA GLU A 99 2.74 20.69 -20.87
C GLU A 99 3.47 19.48 -20.30
N ASP A 100 3.34 19.29 -18.99
CA ASP A 100 3.91 18.12 -18.35
C ASP A 100 3.21 16.86 -18.82
N SER A 101 3.99 15.79 -18.97
CA SER A 101 3.44 14.53 -19.40
C SER A 101 2.45 13.99 -18.37
N LEU A 102 1.41 13.33 -18.85
CA LEU A 102 0.37 12.76 -18.00
C LEU A 102 0.91 11.48 -17.38
N VAL A 103 1.04 11.47 -16.05
CA VAL A 103 1.56 10.29 -15.36
C VAL A 103 0.53 9.74 -14.37
N PHE A 104 -0.28 8.80 -14.82
CA PHE A 104 -1.15 8.05 -13.92
C PHE A 104 -0.37 6.88 -13.35
N VAL A 105 -0.94 6.28 -12.31
CA VAL A 105 -0.17 5.38 -11.45
C VAL A 105 -1.02 4.14 -11.15
N GLN A 106 -0.46 3.24 -10.35
CA GLN A 106 -0.98 1.91 -10.06
C GLN A 106 -0.54 1.63 -8.63
N THR A 107 -0.20 0.39 -8.27
CA THR A 107 -0.33 -0.21 -6.93
C THR A 107 -1.79 -0.56 -6.70
N ASP A 108 -2.21 -1.60 -7.41
CA ASP A 108 -3.58 -2.05 -7.65
C ASP A 108 -4.52 -1.75 -6.48
N LYS A 109 -4.11 -2.08 -5.27
CA LYS A 109 -4.92 -1.88 -4.08
C LYS A 109 -4.32 -0.76 -3.26
N SER A 110 -5.18 0.07 -2.67
CA SER A 110 -4.72 1.15 -1.81
C SER A 110 -4.47 0.73 -0.38
N ILE A 111 -4.80 -0.51 -0.03
CA ILE A 111 -4.71 -1.01 1.33
C ILE A 111 -4.09 -2.39 1.33
N TYR A 112 -3.14 -2.61 2.25
CA TYR A 112 -2.23 -3.74 2.18
C TYR A 112 -2.28 -4.55 3.47
N LYS A 113 -1.76 -5.78 3.37
CA LYS A 113 -1.27 -6.52 4.52
C LYS A 113 0.11 -6.01 4.92
N PRO A 114 0.52 -6.21 6.18
CA PRO A 114 1.85 -5.74 6.60
C PRO A 114 3.00 -6.38 5.83
N GLY A 115 3.00 -7.71 5.76
CA GLY A 115 4.16 -8.43 5.24
C GLY A 115 4.23 -8.59 3.74
N GLN A 116 3.44 -7.82 2.99
CA GLN A 116 3.40 -7.94 1.54
C GLN A 116 4.34 -6.93 0.90
N THR A 117 4.52 -7.08 -0.42
CA THR A 117 5.41 -6.24 -1.20
C THR A 117 4.59 -5.45 -2.20
N VAL A 118 5.09 -4.27 -2.57
CA VAL A 118 4.40 -3.36 -3.48
C VAL A 118 4.87 -3.63 -4.90
N LYS A 119 3.95 -3.53 -5.86
CA LYS A 119 4.26 -3.84 -7.25
C LYS A 119 4.49 -2.61 -8.11
N PHE A 120 3.72 -1.54 -7.92
CA PHE A 120 4.16 -0.19 -8.29
C PHE A 120 4.46 0.02 -9.78
N ARG A 121 3.46 -0.02 -10.65
CA ARG A 121 3.63 0.44 -12.02
C ARG A 121 3.41 1.94 -12.13
N VAL A 122 4.17 2.57 -13.03
CA VAL A 122 3.98 3.98 -13.36
C VAL A 122 4.01 4.10 -14.88
N VAL A 123 3.12 4.95 -15.42
CA VAL A 123 2.94 5.08 -16.86
C VAL A 123 2.84 6.56 -17.20
N SER A 124 3.44 6.96 -18.31
CA SER A 124 3.43 8.34 -18.77
C SER A 124 2.98 8.42 -20.22
N MET A 125 2.24 9.49 -20.55
CA MET A 125 1.89 9.80 -21.93
C MET A 125 1.55 11.28 -22.03
N ASP A 126 1.49 11.77 -23.26
CA ASP A 126 1.18 13.17 -23.54
C ASP A 126 -0.32 13.35 -23.73
N GLU A 127 -0.72 14.49 -24.29
CA GLU A 127 -2.13 14.78 -24.51
C GLU A 127 -2.81 13.66 -25.29
N ASN A 128 -2.24 13.28 -26.44
CA ASN A 128 -2.63 12.04 -27.08
C ASN A 128 -2.13 10.89 -26.22
N PHE A 129 -2.99 9.92 -25.95
CA PHE A 129 -2.71 8.95 -24.91
C PHE A 129 -1.77 7.83 -25.34
N HIS A 130 -1.04 8.00 -26.43
CA HIS A 130 0.07 7.11 -26.71
C HIS A 130 1.22 7.41 -25.76
N PRO A 131 1.86 6.39 -25.21
CA PRO A 131 2.91 6.60 -24.22
C PRO A 131 4.14 7.25 -24.84
N LEU A 132 4.88 7.98 -24.02
CA LEU A 132 6.08 8.69 -24.43
C LEU A 132 7.26 8.21 -23.61
N ASN A 133 8.43 8.15 -24.23
CA ASN A 133 9.64 7.67 -23.57
C ASN A 133 10.37 8.88 -22.99
N GLU A 134 10.27 9.05 -21.66
CA GLU A 134 10.88 10.18 -20.97
C GLU A 134 11.69 9.68 -19.79
N LEU A 135 12.73 10.43 -19.42
CA LEU A 135 13.53 10.10 -18.25
C LEU A 135 12.92 10.79 -17.03
N ILE A 136 12.24 10.01 -16.20
CA ILE A 136 11.61 10.55 -14.99
C ILE A 136 12.69 10.84 -13.97
N PRO A 137 12.75 12.06 -13.44
CA PRO A 137 13.86 12.40 -12.53
C PRO A 137 13.75 11.78 -11.16
N LEU A 138 12.56 11.76 -10.56
CA LEU A 138 12.45 11.38 -9.15
C LEU A 138 11.15 10.63 -8.90
N VAL A 139 11.26 9.49 -8.23
CA VAL A 139 10.10 8.77 -7.70
C VAL A 139 10.46 8.25 -6.32
N TYR A 140 9.55 8.42 -5.35
CA TYR A 140 9.83 8.03 -3.98
C TYR A 140 8.52 7.72 -3.27
N ILE A 141 8.64 7.04 -2.13
CA ILE A 141 7.51 6.61 -1.32
C ILE A 141 7.62 7.26 0.05
N GLN A 142 6.51 7.79 0.54
CA GLN A 142 6.50 8.61 1.74
C GLN A 142 5.63 7.96 2.81
N ASP A 143 6.07 8.05 4.06
CA ASP A 143 5.34 7.50 5.20
C ASP A 143 4.48 8.60 5.83
N PRO A 144 3.68 8.28 6.85
CA PRO A 144 2.95 9.34 7.55
C PRO A 144 3.85 10.42 8.15
N LYS A 145 5.08 10.08 8.52
CA LYS A 145 5.99 11.03 9.13
C LYS A 145 6.81 11.81 8.10
N GLY A 146 6.58 11.57 6.81
CA GLY A 146 7.28 12.26 5.76
C GLY A 146 8.64 11.69 5.40
N ASN A 147 9.08 10.64 6.08
CA ASN A 147 10.39 10.05 5.81
C ASN A 147 10.35 9.23 4.52
N ARG A 148 11.47 9.26 3.80
CA ARG A 148 11.60 8.58 2.52
C ARG A 148 11.98 7.13 2.76
N ILE A 149 11.08 6.21 2.43
CA ILE A 149 11.33 4.79 2.63
C ILE A 149 12.28 4.29 1.54
N ALA A 150 11.93 4.57 0.29
CA ALA A 150 12.74 4.15 -0.85
C ALA A 150 12.83 5.29 -1.86
N GLN A 151 13.59 5.04 -2.92
CA GLN A 151 13.85 6.06 -3.92
C GLN A 151 14.54 5.42 -5.12
N TRP A 152 14.18 5.88 -6.31
CA TRP A 152 14.80 5.45 -7.55
C TRP A 152 15.37 6.66 -8.26
N GLN A 153 16.57 6.53 -8.80
CA GLN A 153 17.22 7.65 -9.48
C GLN A 153 16.60 7.87 -10.86
N SER A 154 17.19 8.76 -11.64
CA SER A 154 16.66 9.09 -12.96
C SER A 154 16.68 7.86 -13.86
N PHE A 155 15.49 7.32 -14.16
CA PHE A 155 15.32 6.18 -15.02
C PHE A 155 14.56 6.60 -16.26
N GLN A 156 14.53 5.71 -17.25
CA GLN A 156 13.77 5.95 -18.48
C GLN A 156 12.81 4.80 -18.68
N LEU A 157 11.52 5.07 -18.50
CA LEU A 157 10.51 4.03 -18.64
C LEU A 157 10.27 3.71 -20.11
N GLU A 158 10.86 2.61 -20.57
CA GLU A 158 10.79 2.24 -21.98
C GLU A 158 9.35 1.88 -22.35
N GLY A 159 8.86 2.46 -23.44
CA GLY A 159 7.50 2.24 -23.88
C GLY A 159 6.44 2.86 -22.98
N GLY A 160 6.82 3.77 -22.10
CA GLY A 160 5.87 4.34 -21.16
C GLY A 160 5.48 3.43 -20.03
N LEU A 161 6.28 2.41 -19.72
CA LEU A 161 5.92 1.43 -18.70
C LEU A 161 7.18 0.80 -18.14
N LYS A 162 7.29 0.78 -16.81
CA LYS A 162 8.41 0.13 -16.14
C LYS A 162 8.02 -0.14 -14.69
N GLN A 163 8.08 -1.40 -14.28
CA GLN A 163 7.64 -1.80 -12.96
C GLN A 163 8.69 -1.46 -11.90
N PHE A 164 8.28 -1.52 -10.64
CA PHE A 164 9.14 -1.22 -9.49
C PHE A 164 8.74 -2.11 -8.31
N SER A 165 9.49 -3.18 -8.10
CA SER A 165 9.30 -3.98 -6.90
C SER A 165 9.76 -3.19 -5.67
N PHE A 166 8.99 -3.30 -4.59
CA PHE A 166 9.36 -2.64 -3.34
C PHE A 166 8.72 -3.36 -2.17
N PRO A 167 9.50 -3.84 -1.22
CA PRO A 167 8.94 -4.62 -0.10
C PRO A 167 8.60 -3.76 1.11
N LEU A 168 7.78 -4.34 1.99
CA LEU A 168 7.44 -3.75 3.26
C LEU A 168 7.99 -4.62 4.39
N SER A 169 7.79 -4.17 5.62
CA SER A 169 8.32 -4.86 6.78
C SER A 169 7.22 -5.56 7.57
N SER A 170 7.60 -6.20 8.67
CA SER A 170 6.64 -6.97 9.45
C SER A 170 5.64 -6.08 10.16
N GLU A 171 6.09 -4.98 10.74
CA GLU A 171 5.23 -4.10 11.54
C GLU A 171 5.43 -2.64 11.14
N PRO A 172 5.03 -2.26 9.92
CA PRO A 172 5.11 -0.85 9.53
C PRO A 172 3.97 -0.06 10.17
N PHE A 173 4.32 1.11 10.72
CA PHE A 173 3.33 1.95 11.37
C PHE A 173 2.30 2.44 10.34
N GLN A 174 1.06 2.56 10.79
CA GLN A 174 -0.08 2.67 9.89
C GLN A 174 -0.87 3.96 10.15
N GLY A 175 -0.39 5.07 9.63
CA GLY A 175 -1.27 6.21 9.47
C GLY A 175 -1.81 6.34 8.06
N SER A 176 -0.90 6.54 7.11
CA SER A 176 -1.18 6.52 5.68
C SER A 176 0.12 6.67 4.89
N TYR A 177 0.32 5.86 3.86
CA TYR A 177 1.40 6.07 2.92
C TYR A 177 0.89 6.83 1.71
N LYS A 178 1.83 7.29 0.88
CA LYS A 178 1.46 7.92 -0.38
C LYS A 178 2.61 7.79 -1.36
N VAL A 179 2.27 7.78 -2.63
CA VAL A 179 3.23 7.65 -3.72
C VAL A 179 3.32 8.98 -4.43
N VAL A 180 4.52 9.56 -4.45
CA VAL A 180 4.76 10.85 -5.10
C VAL A 180 5.75 10.65 -6.23
N VAL A 181 5.36 11.03 -7.44
CA VAL A 181 6.23 10.97 -8.61
C VAL A 181 6.46 12.40 -9.09
N GLN A 182 7.71 12.81 -9.17
CA GLN A 182 8.07 14.15 -9.58
C GLN A 182 8.45 14.15 -11.06
N LYS A 183 7.70 14.93 -11.85
CA LYS A 183 7.97 15.06 -13.27
C LYS A 183 9.22 15.90 -13.50
N LYS A 184 9.77 15.82 -14.71
CA LYS A 184 10.95 16.58 -15.07
C LYS A 184 10.66 18.06 -15.25
N SER A 185 9.41 18.47 -15.25
CA SER A 185 9.01 19.86 -15.46
C SER A 185 8.37 20.44 -14.20
N GLY A 186 8.92 20.09 -13.04
CA GLY A 186 8.43 20.67 -11.79
C GLY A 186 7.39 19.84 -11.08
N GLY A 187 6.11 20.17 -11.30
CA GLY A 187 4.99 19.58 -10.59
C GLY A 187 5.02 18.07 -10.39
N ARG A 188 4.66 17.63 -9.19
CA ARG A 188 4.64 16.22 -8.83
C ARG A 188 3.21 15.73 -8.69
N THR A 189 3.02 14.43 -8.88
CA THR A 189 1.71 13.79 -8.76
C THR A 189 1.72 12.81 -7.60
N GLU A 190 0.57 12.64 -6.96
CA GLU A 190 0.46 11.87 -5.73
C GLU A 190 -0.57 10.75 -5.88
N HIS A 191 -0.47 9.76 -5.00
CA HIS A 191 -1.41 8.65 -4.93
C HIS A 191 -1.45 8.08 -3.52
N PRO A 192 -2.50 8.37 -2.75
CA PRO A 192 -2.60 7.80 -1.40
C PRO A 192 -2.83 6.30 -1.43
N PHE A 193 -2.30 5.63 -0.39
CA PHE A 193 -2.46 4.20 -0.21
C PHE A 193 -1.95 3.83 1.17
N THR A 194 -2.70 3.00 1.89
CA THR A 194 -2.42 2.72 3.29
C THR A 194 -2.10 1.24 3.49
N VAL A 195 -1.62 0.92 4.69
CA VAL A 195 -1.34 -0.45 5.10
C VAL A 195 -1.81 -0.61 6.54
N GLU A 196 -2.44 -1.76 6.84
CA GLU A 196 -2.91 -2.03 8.20
C GLU A 196 -3.38 -3.48 8.26
N GLU A 197 -3.36 -4.07 9.46
CA GLU A 197 -3.95 -5.38 9.68
C GLU A 197 -5.44 -5.21 9.92
N PHE A 198 -6.24 -5.53 8.91
CA PHE A 198 -7.56 -4.91 8.75
C PHE A 198 -8.50 -5.23 9.90
N VAL A 199 -9.04 -6.45 9.89
CA VAL A 199 -9.95 -7.04 10.88
C VAL A 199 -9.98 -8.52 10.53
N LEU A 200 -10.16 -9.40 11.51
CA LEU A 200 -10.53 -10.76 11.17
C LEU A 200 -11.95 -10.97 11.65
N PRO A 201 -12.97 -10.58 10.88
CA PRO A 201 -14.35 -10.70 11.37
C PRO A 201 -14.91 -12.09 11.11
N LYS A 202 -15.45 -12.71 12.15
CA LYS A 202 -16.00 -14.05 11.99
C LYS A 202 -17.35 -14.03 11.30
N PHE A 203 -18.16 -12.98 11.51
CA PHE A 203 -19.41 -12.84 10.79
C PHE A 203 -19.77 -11.36 10.71
N GLU A 204 -20.40 -10.97 9.61
CA GLU A 204 -20.73 -9.57 9.35
C GLU A 204 -22.17 -9.47 8.86
N VAL A 205 -22.76 -8.30 9.05
CA VAL A 205 -24.12 -8.07 8.59
C VAL A 205 -24.10 -7.56 7.16
N GLN A 206 -25.16 -7.90 6.42
CA GLN A 206 -25.38 -7.41 5.05
C GLN A 206 -26.86 -7.09 4.92
N VAL A 207 -27.23 -5.85 5.18
CA VAL A 207 -28.64 -5.45 5.19
C VAL A 207 -28.87 -4.39 4.13
N THR A 208 -29.98 -4.53 3.43
CA THR A 208 -30.44 -3.53 2.46
C THR A 208 -31.49 -2.63 3.12
N VAL A 209 -31.29 -1.32 2.98
CA VAL A 209 -32.12 -0.34 3.65
C VAL A 209 -32.41 0.81 2.71
N PRO A 210 -33.53 1.51 2.91
CA PRO A 210 -33.80 2.72 2.13
C PRO A 210 -32.94 3.89 2.58
N LYS A 211 -31.73 3.99 2.01
CA LYS A 211 -30.73 4.98 2.45
C LYS A 211 -31.33 6.37 2.60
N ILE A 212 -32.33 6.70 1.79
CA ILE A 212 -33.15 7.88 2.00
C ILE A 212 -34.62 7.49 1.91
N ILE A 213 -35.46 8.23 2.62
CA ILE A 213 -36.85 7.85 2.84
C ILE A 213 -37.76 9.04 2.59
N THR A 214 -38.94 8.76 2.05
CA THR A 214 -39.92 9.79 1.76
C THR A 214 -40.44 10.42 3.05
N ILE A 215 -40.77 11.71 2.99
CA ILE A 215 -41.36 12.38 4.14
C ILE A 215 -42.73 11.81 4.47
N LEU A 216 -43.48 11.38 3.46
CA LEU A 216 -44.84 10.87 3.62
C LEU A 216 -44.89 9.44 3.09
N GLU A 217 -44.61 8.48 3.97
CA GLU A 217 -44.52 7.08 3.61
C GLU A 217 -44.82 6.22 4.84
N GLU A 218 -45.16 4.96 4.61
CA GLU A 218 -45.49 4.05 5.70
C GLU A 218 -44.48 2.92 5.89
N GLU A 219 -44.04 2.28 4.81
CA GLU A 219 -43.30 1.02 4.90
C GLU A 219 -41.87 1.17 4.39
N MET A 220 -40.95 0.47 5.06
CA MET A 220 -39.58 0.28 4.58
C MET A 220 -39.28 -1.21 4.52
N ASN A 221 -38.75 -1.65 3.38
CA ASN A 221 -38.30 -3.03 3.24
C ASN A 221 -36.86 -3.18 3.71
N VAL A 222 -36.65 -4.06 4.69
CA VAL A 222 -35.32 -4.30 5.25
C VAL A 222 -35.09 -5.80 5.31
N SER A 223 -34.07 -6.28 4.60
CA SER A 223 -33.63 -7.66 4.68
C SER A 223 -32.33 -7.73 5.47
N VAL A 224 -32.21 -8.74 6.32
CA VAL A 224 -31.08 -8.87 7.25
C VAL A 224 -30.48 -10.26 7.06
N CYS A 225 -29.31 -10.32 6.43
CA CYS A 225 -28.56 -11.57 6.26
C CYS A 225 -27.16 -11.38 6.83
N GLY A 226 -26.74 -12.32 7.68
CA GLY A 226 -25.39 -12.30 8.22
C GLY A 226 -24.44 -13.27 7.52
N LEU A 227 -23.62 -12.75 6.62
CA LEU A 227 -22.62 -13.55 5.92
C LEU A 227 -21.34 -13.57 6.74
N TYR A 228 -20.75 -14.76 6.90
CA TYR A 228 -19.63 -14.89 7.83
C TYR A 228 -18.29 -14.69 7.13
N THR A 229 -17.97 -15.52 6.14
CA THR A 229 -16.75 -15.31 5.37
C THR A 229 -16.96 -15.33 3.87
N TYR A 230 -17.85 -16.20 3.36
CA TYR A 230 -17.97 -16.42 1.93
C TYR A 230 -19.38 -16.29 1.39
N GLY A 231 -20.40 -16.42 2.21
CA GLY A 231 -21.77 -16.44 1.71
C GLY A 231 -22.49 -17.75 1.96
N LYS A 232 -22.19 -18.37 3.10
CA LYS A 232 -22.93 -19.52 3.60
C LYS A 232 -23.47 -19.14 4.97
N PRO A 233 -24.37 -18.14 5.03
CA PRO A 233 -24.55 -17.33 6.26
C PRO A 233 -24.54 -18.08 7.58
N VAL A 234 -25.10 -19.29 7.59
CA VAL A 234 -25.34 -20.11 8.78
C VAL A 234 -25.66 -19.21 9.98
N PRO A 235 -26.68 -18.35 9.88
CA PRO A 235 -26.90 -17.34 10.92
C PRO A 235 -27.79 -17.83 12.05
N GLY A 236 -28.08 -16.94 13.00
CA GLY A 236 -28.92 -17.30 14.13
C GLY A 236 -30.10 -16.37 14.31
N HIS A 237 -30.23 -15.78 15.50
CA HIS A 237 -31.32 -14.85 15.82
C HIS A 237 -30.76 -13.44 15.90
N VAL A 238 -31.31 -12.55 15.09
CA VAL A 238 -30.90 -11.15 15.08
C VAL A 238 -31.89 -10.35 15.93
N THR A 239 -31.45 -9.19 16.39
CA THR A 239 -32.34 -8.20 17.01
C THR A 239 -31.94 -6.84 16.43
N VAL A 240 -32.64 -6.44 15.39
CA VAL A 240 -32.29 -5.22 14.65
C VAL A 240 -32.96 -4.03 15.32
N SER A 241 -32.24 -2.91 15.37
CA SER A 241 -32.71 -1.69 16.00
C SER A 241 -32.80 -0.58 14.97
N ILE A 242 -33.98 0.00 14.83
CA ILE A 242 -34.20 1.15 13.98
C ILE A 242 -34.44 2.34 14.90
N CYS A 243 -33.41 3.17 15.11
CA CYS A 243 -33.55 4.29 16.03
C CYS A 243 -33.58 5.59 15.27
N ARG A 244 -34.74 6.23 15.27
CA ARG A 244 -34.89 7.54 14.64
C ARG A 244 -34.38 8.63 15.56
N LYS A 245 -34.00 9.75 14.98
CA LYS A 245 -33.51 10.90 15.73
C LYS A 245 -34.23 12.16 15.24
N TYR A 246 -34.84 12.89 16.17
CA TYR A 246 -35.56 14.10 15.84
C TYR A 246 -34.59 15.27 15.71
N SER A 247 -35.15 16.44 15.39
CA SER A 247 -34.33 17.65 15.30
C SER A 247 -33.77 18.00 16.67
N ASP A 248 -32.48 18.32 16.72
CA ASP A 248 -31.77 18.58 17.96
C ASP A 248 -31.91 17.39 18.92
N ALA A 249 -31.78 16.18 18.36
CA ALA A 249 -31.83 14.97 19.17
C ALA A 249 -30.68 14.95 20.15
N SER A 250 -30.99 14.72 21.43
CA SER A 250 -30.05 14.71 22.54
C SER A 250 -29.37 16.06 22.77
N ASP A 251 -29.75 17.09 22.00
CA ASP A 251 -29.23 18.43 22.24
C ASP A 251 -29.86 19.09 23.46
N CYS A 252 -31.08 18.69 23.83
CA CYS A 252 -31.69 19.14 25.07
C CYS A 252 -31.07 18.41 26.23
N HIS A 253 -29.94 18.91 26.74
CA HIS A 253 -29.18 18.23 27.79
C HIS A 253 -29.84 18.44 29.16
N GLY A 254 -31.11 18.06 29.23
CA GLY A 254 -31.86 18.14 30.46
C GLY A 254 -32.97 17.11 30.52
N GLU A 255 -32.97 16.31 31.60
CA GLU A 255 -34.00 15.32 31.89
C GLU A 255 -33.99 14.16 30.88
N ASP A 256 -33.15 14.26 29.85
CA ASP A 256 -33.08 13.25 28.81
C ASP A 256 -31.85 13.50 27.95
N SER A 257 -31.27 12.42 27.43
CA SER A 257 -30.17 12.50 26.48
C SER A 257 -30.29 11.47 25.37
N GLN A 258 -31.50 10.94 25.15
CA GLN A 258 -31.74 9.87 24.19
C GLN A 258 -32.73 10.33 23.14
N ALA A 259 -32.88 9.51 22.10
CA ALA A 259 -33.87 9.73 21.06
C ALA A 259 -34.85 8.57 21.05
N PHE A 260 -36.14 8.89 21.01
CA PHE A 260 -37.18 7.88 21.05
C PHE A 260 -37.14 7.02 19.78
N CYS A 261 -37.31 5.71 19.96
CA CYS A 261 -37.27 4.77 18.86
C CYS A 261 -37.77 3.40 19.31
N GLU A 262 -37.72 2.45 18.35
CA GLU A 262 -38.33 1.12 18.49
C GLU A 262 -37.40 0.07 17.90
N LYS A 263 -37.40 -1.13 18.48
CA LYS A 263 -36.48 -2.19 18.09
C LYS A 263 -37.25 -3.45 17.64
N PHE A 264 -36.55 -4.31 16.91
CA PHE A 264 -37.13 -5.55 16.41
C PHE A 264 -36.24 -6.73 16.78
N SER A 265 -36.74 -7.93 16.49
CA SER A 265 -35.99 -9.17 16.62
C SER A 265 -36.52 -10.16 15.59
N GLY A 266 -35.68 -11.14 15.25
CA GLY A 266 -36.07 -12.11 14.24
C GLY A 266 -35.14 -13.29 14.06
N GLN A 267 -35.64 -14.36 13.47
CA GLN A 267 -34.87 -15.57 13.24
C GLN A 267 -34.33 -15.58 11.81
N LEU A 268 -33.21 -16.28 11.61
CA LEU A 268 -32.57 -16.41 10.31
C LEU A 268 -32.25 -17.89 10.07
N ASN A 269 -32.62 -18.40 8.90
CA ASN A 269 -32.49 -19.82 8.63
C ASN A 269 -31.76 -20.18 7.35
N SER A 270 -31.95 -19.41 6.28
CA SER A 270 -31.43 -19.80 4.97
C SER A 270 -30.93 -18.54 4.25
N HIS A 271 -30.72 -18.65 2.94
CA HIS A 271 -30.33 -17.48 2.14
C HIS A 271 -31.38 -16.38 2.28
N GLY A 272 -32.65 -16.75 2.33
CA GLY A 272 -33.67 -15.85 2.82
C GLY A 272 -33.63 -15.84 4.33
N CYS A 273 -33.03 -14.80 4.91
CA CYS A 273 -32.65 -14.83 6.31
C CYS A 273 -33.69 -14.14 7.20
N PHE A 274 -33.95 -12.87 6.96
CA PHE A 274 -34.87 -12.09 7.77
C PHE A 274 -35.28 -10.87 6.98
N TYR A 275 -36.59 -10.73 6.74
CA TYR A 275 -37.14 -9.66 5.91
C TYR A 275 -38.07 -8.85 6.80
N GLN A 276 -37.59 -7.71 7.29
CA GLN A 276 -38.31 -6.88 8.25
C GLN A 276 -38.99 -5.74 7.51
N GLN A 277 -40.30 -5.87 7.28
CA GLN A 277 -41.10 -4.74 6.84
C GLN A 277 -41.26 -3.77 7.99
N VAL A 278 -40.95 -2.50 7.74
CA VAL A 278 -40.86 -1.50 8.80
C VAL A 278 -41.99 -0.49 8.61
N LYS A 279 -42.95 -0.50 9.52
CA LYS A 279 -43.99 0.51 9.52
C LYS A 279 -43.40 1.86 9.93
N THR A 280 -44.01 2.93 9.41
CA THR A 280 -43.56 4.27 9.78
C THR A 280 -44.81 5.14 9.97
N LYS A 281 -45.31 5.16 11.19
CA LYS A 281 -46.32 6.09 11.67
C LYS A 281 -45.85 6.84 12.91
N VAL A 282 -45.16 6.14 13.83
CA VAL A 282 -44.52 6.78 14.97
C VAL A 282 -43.05 7.02 14.72
N PHE A 283 -42.62 7.07 13.47
CA PHE A 283 -41.22 7.24 13.11
C PHE A 283 -40.79 8.66 13.45
N GLN A 284 -39.59 9.03 12.99
CA GLN A 284 -38.88 10.22 13.46
C GLN A 284 -39.79 11.42 13.64
N LEU A 285 -40.33 11.95 12.53
CA LEU A 285 -41.32 13.02 12.59
C LEU A 285 -41.80 13.45 11.21
N LYS A 286 -42.89 14.19 11.17
CA LYS A 286 -43.22 15.07 10.05
C LYS A 286 -42.87 16.51 10.37
N ARG A 287 -42.35 16.77 11.57
CA ARG A 287 -41.91 18.09 12.00
C ARG A 287 -40.88 17.93 13.10
N LYS A 288 -39.76 18.65 12.97
CA LYS A 288 -38.64 18.59 13.90
C LYS A 288 -38.00 17.19 13.89
N GLU A 289 -37.49 16.82 12.71
CA GLU A 289 -36.72 15.61 12.55
C GLU A 289 -35.47 15.94 11.74
N TYR A 290 -34.36 15.25 12.06
CA TYR A 290 -33.10 15.51 11.39
C TYR A 290 -32.60 14.32 10.58
N GLU A 291 -32.35 13.17 11.22
CA GLU A 291 -31.84 12.00 10.52
C GLU A 291 -31.91 10.76 11.39
N MET A 292 -32.53 9.70 10.89
CA MET A 292 -32.59 8.45 11.64
C MET A 292 -31.32 7.64 11.44
N LYS A 293 -31.11 6.66 12.33
CA LYS A 293 -29.95 5.79 12.29
C LYS A 293 -30.40 4.33 12.33
N LEU A 294 -29.54 3.45 11.81
CA LEU A 294 -29.88 2.04 11.67
C LEU A 294 -28.75 1.20 12.25
N HIS A 295 -29.03 0.49 13.34
CA HIS A 295 -28.03 -0.35 14.00
C HIS A 295 -28.57 -1.76 14.14
N THR A 296 -27.73 -2.74 13.81
CA THR A 296 -28.13 -4.14 13.82
C THR A 296 -27.27 -4.93 14.78
N GLU A 297 -27.91 -5.86 15.51
CA GLU A 297 -27.24 -6.72 16.48
C GLU A 297 -27.45 -8.18 16.05
N ALA A 298 -26.54 -8.68 15.22
CA ALA A 298 -26.62 -10.05 14.76
C ALA A 298 -25.95 -10.99 15.75
N GLN A 299 -26.57 -12.14 15.97
CA GLN A 299 -26.03 -13.13 16.90
C GLN A 299 -26.46 -14.52 16.45
N ILE A 300 -25.55 -15.48 16.55
CA ILE A 300 -25.81 -16.86 16.18
C ILE A 300 -25.86 -17.71 17.44
N GLN A 301 -26.50 -18.87 17.33
CA GLN A 301 -26.75 -19.74 18.47
C GLN A 301 -25.96 -21.05 18.41
N GLU A 302 -25.93 -21.72 17.26
CA GLU A 302 -25.25 -23.01 17.17
C GLU A 302 -23.75 -22.88 17.38
N GLU A 303 -23.22 -21.66 17.24
CA GLU A 303 -21.79 -21.41 17.45
C GLU A 303 -21.61 -20.30 18.47
N GLY A 304 -20.39 -19.79 18.60
CA GLY A 304 -20.08 -18.72 19.54
C GLY A 304 -21.08 -17.59 19.53
N THR A 305 -21.63 -17.28 20.71
CA THR A 305 -22.72 -16.33 20.86
C THR A 305 -22.25 -14.88 20.89
N VAL A 306 -21.06 -14.59 20.37
CA VAL A 306 -20.59 -13.21 20.28
C VAL A 306 -21.53 -12.40 19.39
N VAL A 307 -21.84 -11.19 19.81
CA VAL A 307 -22.76 -10.33 19.08
C VAL A 307 -21.96 -9.23 18.38
N GLU A 308 -22.22 -9.04 17.09
CA GLU A 308 -21.56 -8.03 16.28
C GLU A 308 -22.51 -6.85 16.14
N LEU A 309 -22.46 -5.93 17.09
CA LEU A 309 -23.30 -4.73 17.06
C LEU A 309 -22.77 -3.79 16.00
N THR A 310 -23.40 -3.79 14.83
CA THR A 310 -22.94 -3.04 13.67
C THR A 310 -23.72 -1.74 13.52
N GLY A 311 -23.01 -0.68 13.18
CA GLY A 311 -23.65 0.59 12.89
C GLY A 311 -23.65 0.92 11.41
N ARG A 312 -24.80 0.77 10.76
CA ARG A 312 -24.97 1.14 9.36
C ARG A 312 -25.89 2.35 9.30
N GLN A 313 -25.28 3.52 9.36
CA GLN A 313 -26.00 4.79 9.48
C GLN A 313 -26.54 5.30 8.15
N SER A 314 -26.62 4.42 7.14
CA SER A 314 -27.13 4.81 5.81
C SER A 314 -28.63 5.03 5.92
N SER A 315 -28.99 6.23 6.40
CA SER A 315 -30.38 6.60 6.61
C SER A 315 -30.47 8.12 6.69
N GLU A 316 -31.15 8.73 5.72
CA GLU A 316 -31.28 10.17 5.64
C GLU A 316 -32.71 10.53 5.31
N ILE A 317 -33.21 11.59 5.95
CA ILE A 317 -34.56 12.06 5.67
C ILE A 317 -34.57 12.82 4.35
N THR A 318 -35.73 12.79 3.68
CA THR A 318 -35.97 13.59 2.48
C THR A 318 -37.32 14.27 2.65
N ARG A 319 -37.31 15.43 3.31
CA ARG A 319 -38.56 16.16 3.52
C ARG A 319 -39.13 16.70 2.21
N THR A 320 -38.26 17.11 1.29
CA THR A 320 -38.66 17.51 -0.04
C THR A 320 -38.75 16.28 -0.93
N ILE A 321 -39.89 16.13 -1.61
CA ILE A 321 -40.16 14.95 -2.43
C ILE A 321 -40.68 15.42 -3.79
N THR A 322 -40.60 14.51 -4.77
CA THR A 322 -41.04 14.76 -6.14
C THR A 322 -40.34 15.99 -6.72
N LYS A 323 -39.02 15.93 -6.74
CA LYS A 323 -38.22 17.05 -7.24
C LYS A 323 -38.20 17.06 -8.76
N LEU A 324 -38.37 18.25 -9.34
CA LEU A 324 -38.29 18.45 -10.78
C LEU A 324 -36.92 19.03 -11.14
N SER A 325 -36.29 18.44 -12.15
CA SER A 325 -34.93 18.81 -12.52
C SER A 325 -34.84 19.06 -14.01
N PHE A 326 -34.12 20.12 -14.40
CA PHE A 326 -33.82 20.33 -15.81
C PHE A 326 -32.69 19.42 -16.25
N VAL A 327 -32.95 18.54 -17.20
CA VAL A 327 -31.93 17.67 -17.77
C VAL A 327 -31.43 18.18 -19.12
N LYS A 328 -32.26 18.89 -19.87
CA LYS A 328 -31.87 19.44 -21.17
C LYS A 328 -32.68 20.71 -21.39
N VAL A 329 -32.11 21.86 -21.01
CA VAL A 329 -32.71 23.15 -21.29
C VAL A 329 -31.72 23.97 -22.09
N ASP A 330 -32.20 24.54 -23.20
CA ASP A 330 -31.36 25.33 -24.09
C ASP A 330 -31.08 26.67 -23.43
N SER A 331 -29.86 26.83 -22.90
CA SER A 331 -29.55 27.94 -22.01
C SER A 331 -29.69 29.30 -22.69
N HIS A 332 -29.56 29.38 -24.00
CA HIS A 332 -29.66 30.64 -24.72
C HIS A 332 -30.74 30.54 -25.78
N PHE A 333 -31.80 31.32 -25.61
CA PHE A 333 -32.96 31.23 -26.50
C PHE A 333 -32.81 32.23 -27.64
N ARG A 334 -33.52 31.94 -28.73
CA ARG A 334 -33.34 32.66 -29.98
C ARG A 334 -34.71 33.10 -30.49
N GLN A 335 -34.82 34.37 -30.87
CA GLN A 335 -36.09 34.96 -31.29
C GLN A 335 -36.36 34.56 -32.74
N GLY A 336 -37.26 33.60 -32.93
CA GLY A 336 -37.61 33.13 -34.25
C GLY A 336 -37.53 31.62 -34.37
N ILE A 337 -36.56 31.01 -33.69
CA ILE A 337 -36.38 29.58 -33.66
C ILE A 337 -36.68 29.10 -32.24
N PRO A 338 -37.70 28.28 -32.03
CA PRO A 338 -38.04 27.86 -30.66
C PRO A 338 -36.92 27.02 -30.04
N PHE A 339 -36.72 27.20 -28.74
CA PHE A 339 -35.76 26.41 -27.98
C PHE A 339 -36.51 25.29 -27.29
N PHE A 340 -35.89 24.11 -27.24
CA PHE A 340 -36.56 22.88 -26.81
C PHE A 340 -36.24 22.61 -25.35
N GLY A 341 -37.19 22.97 -24.47
CA GLY A 341 -37.05 22.65 -23.05
C GLY A 341 -37.40 21.20 -22.78
N GLN A 342 -36.61 20.58 -21.89
CA GLN A 342 -36.79 19.16 -21.56
C GLN A 342 -36.56 19.01 -20.07
N VAL A 343 -37.63 18.77 -19.32
CA VAL A 343 -37.57 18.68 -17.87
C VAL A 343 -37.66 17.22 -17.44
N ARG A 344 -37.32 16.95 -16.19
CA ARG A 344 -37.33 15.59 -15.64
C ARG A 344 -38.07 15.58 -14.32
N LEU A 345 -39.05 14.69 -14.20
CA LEU A 345 -39.77 14.48 -12.95
C LEU A 345 -39.27 13.17 -12.32
N VAL A 346 -38.95 13.24 -11.04
CA VAL A 346 -38.35 12.13 -10.33
C VAL A 346 -38.71 12.24 -8.85
N ASP A 347 -38.88 11.08 -8.21
CA ASP A 347 -39.11 11.02 -6.78
C ASP A 347 -37.84 11.39 -6.01
N GLY A 348 -38.03 11.81 -4.76
CA GLY A 348 -36.90 12.17 -3.93
C GLY A 348 -35.89 11.06 -3.74
N LYS A 349 -36.34 9.80 -3.76
CA LYS A 349 -35.42 8.68 -3.65
C LYS A 349 -34.52 8.60 -4.88
N GLY A 350 -35.07 8.85 -6.06
CA GLY A 350 -34.32 8.79 -7.30
C GLY A 350 -35.01 8.05 -8.43
N VAL A 351 -36.17 7.45 -8.22
CA VAL A 351 -36.88 6.78 -9.31
C VAL A 351 -37.86 7.76 -9.93
N PRO A 352 -37.92 7.85 -11.26
CA PRO A 352 -38.91 8.73 -11.89
C PRO A 352 -40.32 8.20 -11.72
N ILE A 353 -41.29 9.13 -11.76
CA ILE A 353 -42.70 8.79 -11.62
C ILE A 353 -43.34 8.92 -13.00
N PRO A 354 -43.65 7.82 -13.68
CA PRO A 354 -44.25 7.93 -15.01
C PRO A 354 -45.72 8.33 -14.94
N ASN A 355 -46.21 8.86 -16.06
CA ASN A 355 -47.61 9.22 -16.23
C ASN A 355 -48.06 10.20 -15.14
N LYS A 356 -47.41 11.37 -15.11
CA LYS A 356 -47.78 12.46 -14.22
C LYS A 356 -47.98 13.72 -15.05
N VAL A 357 -49.18 14.29 -14.99
CA VAL A 357 -49.47 15.50 -15.76
C VAL A 357 -48.87 16.69 -15.04
N ILE A 358 -48.01 17.43 -15.73
CA ILE A 358 -47.38 18.61 -15.16
C ILE A 358 -47.95 19.85 -15.82
N PHE A 359 -47.72 21.01 -15.20
CA PHE A 359 -48.14 22.29 -15.75
C PHE A 359 -46.91 23.16 -15.92
N ILE A 360 -46.74 23.73 -17.11
CA ILE A 360 -45.54 24.48 -17.46
C ILE A 360 -45.77 25.96 -17.21
N ARG A 361 -44.96 26.54 -16.33
CA ARG A 361 -44.90 27.99 -16.18
C ARG A 361 -44.20 28.63 -17.36
N GLY A 362 -44.98 29.10 -18.33
CA GLY A 362 -44.41 29.98 -19.32
C GLY A 362 -44.50 31.40 -18.80
N ASN A 363 -43.44 31.84 -18.12
CA ASN A 363 -43.45 33.15 -17.47
C ASN A 363 -43.57 34.28 -18.48
N GLU A 364 -43.13 34.05 -19.71
CA GLU A 364 -43.30 34.98 -20.81
C GLU A 364 -43.83 34.19 -22.00
N ALA A 365 -44.56 34.88 -22.89
CA ALA A 365 -45.24 34.31 -24.04
C ALA A 365 -46.38 33.36 -23.66
N ASN A 366 -46.61 33.17 -22.35
CA ASN A 366 -47.81 32.50 -21.84
C ASN A 366 -47.98 31.09 -22.40
N TYR A 367 -46.94 30.27 -22.28
CA TYR A 367 -47.05 28.85 -22.64
C TYR A 367 -47.51 28.09 -21.42
N TYR A 368 -48.83 27.84 -21.35
CA TYR A 368 -49.47 27.16 -20.23
C TYR A 368 -50.13 25.89 -20.76
N SER A 369 -49.41 24.78 -20.70
CA SER A 369 -49.91 23.51 -21.22
C SER A 369 -49.86 22.44 -20.14
N ASN A 370 -50.75 21.46 -20.26
CA ASN A 370 -50.87 20.35 -19.31
C ASN A 370 -50.15 19.10 -19.83
N ALA A 371 -48.84 19.22 -19.99
CA ALA A 371 -48.03 18.10 -20.45
C ALA A 371 -47.93 17.03 -19.36
N THR A 372 -47.58 15.82 -19.78
CA THR A 372 -47.45 14.70 -18.87
C THR A 372 -46.08 14.04 -19.03
N THR A 373 -45.65 13.36 -17.96
CA THR A 373 -44.34 12.74 -17.93
C THR A 373 -44.33 11.45 -18.77
N ASP A 374 -43.13 11.08 -19.22
CA ASP A 374 -42.92 9.84 -19.93
C ASP A 374 -42.66 8.70 -18.94
N GLU A 375 -42.33 7.53 -19.47
CA GLU A 375 -41.97 6.40 -18.61
C GLU A 375 -40.76 6.71 -17.76
N HIS A 376 -39.80 7.47 -18.30
CA HIS A 376 -38.64 7.90 -17.56
C HIS A 376 -38.86 9.21 -16.81
N GLY A 377 -40.12 9.60 -16.61
CA GLY A 377 -40.41 10.89 -16.03
C GLY A 377 -39.94 12.07 -16.85
N LEU A 378 -40.06 11.98 -18.17
CA LEU A 378 -39.46 12.94 -19.09
C LEU A 378 -40.54 13.71 -19.83
N VAL A 379 -40.30 15.01 -20.01
CA VAL A 379 -41.20 15.89 -20.76
C VAL A 379 -40.37 16.76 -21.69
N GLN A 380 -40.84 16.88 -22.93
CA GLN A 380 -40.17 17.71 -23.92
C GLN A 380 -41.18 18.69 -24.49
N PHE A 381 -40.73 19.93 -24.71
CA PHE A 381 -41.64 21.00 -25.12
C PHE A 381 -40.83 22.15 -25.70
N SER A 382 -41.47 22.92 -26.58
CA SER A 382 -40.87 24.10 -27.17
C SER A 382 -41.78 25.31 -27.01
N ILE A 383 -41.20 26.49 -27.12
CA ILE A 383 -41.93 27.75 -26.98
C ILE A 383 -41.61 28.63 -28.18
N ASN A 384 -42.65 29.10 -28.86
CA ASN A 384 -42.45 30.05 -29.94
C ASN A 384 -41.85 31.34 -29.41
N THR A 385 -40.91 31.91 -30.15
CA THR A 385 -40.13 33.06 -29.69
C THR A 385 -40.35 34.23 -30.64
N THR A 386 -41.24 35.14 -30.23
CA THR A 386 -41.35 36.49 -30.78
C THR A 386 -41.49 37.38 -29.56
N ASN A 387 -40.36 37.77 -28.97
CA ASN A 387 -40.35 38.34 -27.63
C ASN A 387 -39.37 39.51 -27.64
N VAL A 388 -39.03 40.01 -26.44
CA VAL A 388 -38.25 41.23 -26.35
C VAL A 388 -36.85 40.98 -25.80
N MET A 389 -36.76 40.53 -24.55
CA MET A 389 -35.45 40.41 -23.90
C MET A 389 -35.18 39.03 -23.34
N GLY A 390 -36.07 38.48 -22.51
CA GLY A 390 -35.76 37.23 -21.83
C GLY A 390 -36.97 36.48 -21.32
N THR A 391 -36.90 35.15 -21.35
CA THR A 391 -37.98 34.30 -20.89
C THR A 391 -37.53 33.48 -19.68
N SER A 392 -38.46 33.21 -18.77
CA SER A 392 -38.22 32.39 -17.59
C SER A 392 -39.06 31.14 -17.69
N LEU A 393 -38.57 30.03 -17.14
CA LEU A 393 -39.26 28.75 -17.17
C LEU A 393 -39.34 28.16 -15.77
N THR A 394 -40.46 27.51 -15.47
CA THR A 394 -40.70 26.90 -14.17
C THR A 394 -41.74 25.80 -14.35
N VAL A 395 -41.76 24.87 -13.40
CA VAL A 395 -42.66 23.73 -13.42
C VAL A 395 -43.72 23.93 -12.33
N ARG A 396 -44.83 23.21 -12.47
CA ARG A 396 -45.94 23.27 -11.53
C ARG A 396 -46.41 21.86 -11.21
N VAL A 397 -46.13 21.40 -10.00
CA VAL A 397 -46.59 20.06 -9.59
C VAL A 397 -47.38 20.05 -8.29
N ASN A 398 -47.18 20.98 -7.35
CA ASN A 398 -47.86 20.78 -6.07
C ASN A 398 -48.64 21.99 -5.57
N TYR A 399 -48.10 23.21 -5.73
CA TYR A 399 -48.77 24.44 -5.33
C TYR A 399 -48.93 24.59 -3.82
N LYS A 400 -48.52 23.59 -3.04
CA LYS A 400 -49.01 23.43 -1.69
C LYS A 400 -48.06 23.98 -0.63
N ASP A 401 -48.65 24.39 0.50
CA ASP A 401 -47.93 24.71 1.73
C ASP A 401 -48.81 24.14 2.85
N ARG A 402 -48.43 22.98 3.36
CA ARG A 402 -49.36 22.12 4.09
C ARG A 402 -49.51 22.56 5.54
N SER A 403 -50.25 21.77 6.31
CA SER A 403 -50.64 21.97 7.71
C SER A 403 -49.44 22.13 8.64
N PRO A 404 -48.25 21.70 8.22
CA PRO A 404 -47.08 21.70 9.12
C PRO A 404 -47.00 22.94 9.99
N CYS A 405 -46.60 22.74 11.25
CA CYS A 405 -46.79 23.74 12.29
C CYS A 405 -46.09 25.05 11.97
N TYR A 406 -44.82 24.98 11.54
CA TYR A 406 -44.01 26.16 11.35
C TYR A 406 -43.57 26.28 9.90
N GLY A 407 -43.65 27.50 9.37
CA GLY A 407 -43.16 27.78 8.03
C GLY A 407 -41.83 28.49 8.07
N TYR A 408 -41.10 28.35 9.18
CA TYR A 408 -39.81 29.00 9.36
C TYR A 408 -38.76 28.52 8.38
N GLN A 409 -38.71 27.21 8.11
CA GLN A 409 -37.76 26.68 7.16
C GLN A 409 -38.21 26.99 5.72
N TRP A 410 -37.32 26.72 4.77
CA TRP A 410 -37.67 26.88 3.36
C TRP A 410 -38.77 25.91 2.99
N VAL A 411 -39.33 26.08 1.79
CA VAL A 411 -40.40 25.22 1.32
C VAL A 411 -39.89 23.79 1.27
N SER A 412 -40.39 22.96 2.18
CA SER A 412 -39.86 21.60 2.36
C SER A 412 -40.94 20.55 2.12
N GLU A 413 -42.09 20.70 2.76
CA GLU A 413 -43.18 19.74 2.62
C GLU A 413 -43.74 19.68 1.21
N GLU A 414 -43.53 20.73 0.41
CA GLU A 414 -43.91 20.70 -1.00
C GLU A 414 -42.73 20.24 -1.85
N HIS A 415 -42.85 20.43 -3.16
CA HIS A 415 -41.78 20.12 -4.09
C HIS A 415 -41.16 21.43 -4.54
N GLU A 416 -39.86 21.57 -4.32
CA GLU A 416 -39.15 22.77 -4.75
C GLU A 416 -39.14 22.82 -6.27
N GLU A 417 -39.94 23.72 -6.85
CA GLU A 417 -40.09 23.81 -8.28
C GLU A 417 -38.77 24.23 -8.92
N ALA A 418 -38.54 23.73 -10.14
CA ALA A 418 -37.33 24.00 -10.89
C ALA A 418 -37.51 25.29 -11.69
N HIS A 419 -36.59 26.24 -11.49
CA HIS A 419 -36.65 27.53 -12.16
C HIS A 419 -35.47 27.65 -13.12
N HIS A 420 -35.71 28.29 -14.27
CA HIS A 420 -34.65 28.57 -15.22
C HIS A 420 -35.05 29.79 -16.04
N THR A 421 -34.05 30.59 -16.41
CA THR A 421 -34.25 31.81 -17.18
C THR A 421 -33.18 31.87 -18.27
N ALA A 422 -33.59 31.63 -19.51
CA ALA A 422 -32.69 31.73 -20.66
C ALA A 422 -32.53 33.19 -21.07
N TYR A 423 -31.42 33.48 -21.74
CA TYR A 423 -31.10 34.82 -22.20
C TYR A 423 -31.03 34.85 -23.72
N LEU A 424 -31.26 36.04 -24.27
CA LEU A 424 -31.33 36.21 -25.71
C LEU A 424 -29.96 36.46 -26.30
N VAL A 425 -29.69 35.84 -27.45
CA VAL A 425 -28.43 36.03 -28.15
C VAL A 425 -28.45 37.37 -28.85
N PHE A 426 -27.30 38.05 -28.87
CA PHE A 426 -27.17 39.28 -29.63
C PHE A 426 -27.22 38.98 -31.12
N SER A 427 -28.31 39.35 -31.79
CA SER A 427 -28.48 39.10 -33.20
C SER A 427 -28.41 40.43 -33.95
N PRO A 428 -27.22 40.85 -34.41
CA PRO A 428 -27.15 42.15 -35.11
C PRO A 428 -27.95 42.20 -36.40
N SER A 429 -28.12 41.08 -37.09
CA SER A 429 -28.82 41.04 -38.37
C SER A 429 -30.20 40.40 -38.25
N LYS A 430 -30.75 40.37 -37.04
CA LYS A 430 -32.06 39.76 -36.78
C LYS A 430 -32.10 38.32 -37.25
N SER A 431 -30.94 37.65 -37.18
CA SER A 431 -30.79 36.30 -37.70
C SER A 431 -29.70 35.57 -36.94
N PHE A 432 -29.70 34.25 -37.05
CA PHE A 432 -28.80 33.39 -36.31
C PHE A 432 -28.95 31.97 -36.84
N VAL A 433 -28.16 31.06 -36.26
CA VAL A 433 -28.29 29.63 -36.52
C VAL A 433 -28.33 28.93 -35.16
N HIS A 434 -29.25 27.98 -35.01
CA HIS A 434 -29.36 27.25 -33.77
C HIS A 434 -28.96 25.79 -33.96
N LEU A 435 -28.22 25.27 -33.00
CA LEU A 435 -27.77 23.89 -33.01
C LEU A 435 -28.45 23.15 -31.87
N GLU A 436 -29.04 22.00 -32.18
CA GLU A 436 -29.73 21.20 -31.17
C GLU A 436 -28.72 20.48 -30.29
N PRO A 437 -28.72 20.73 -28.98
CA PRO A 437 -27.83 20.01 -28.08
C PRO A 437 -28.29 18.57 -27.90
N MET A 438 -27.48 17.80 -27.19
CA MET A 438 -27.82 16.41 -26.92
C MET A 438 -27.64 16.13 -25.45
N SER A 439 -28.52 15.29 -24.90
CA SER A 439 -28.49 14.91 -23.49
C SER A 439 -27.75 13.61 -23.24
N HIS A 440 -28.07 12.54 -23.96
CA HIS A 440 -27.39 11.27 -23.76
C HIS A 440 -25.95 11.36 -24.23
N GLU A 441 -25.08 10.59 -23.57
CA GLU A 441 -23.66 10.65 -23.87
C GLU A 441 -23.39 10.07 -25.26
N LEU A 442 -22.52 10.75 -26.01
CA LEU A 442 -22.29 10.38 -27.41
C LEU A 442 -21.49 9.09 -27.48
N PRO A 443 -21.97 8.07 -28.19
CA PRO A 443 -21.20 6.84 -28.36
C PRO A 443 -20.08 7.02 -29.37
N CYS A 444 -18.96 6.38 -29.10
CA CYS A 444 -17.81 6.44 -29.99
C CYS A 444 -17.99 5.47 -31.16
N GLY A 445 -17.23 5.71 -32.23
CA GLY A 445 -17.28 4.84 -33.39
C GLY A 445 -18.54 5.02 -34.20
N HIS A 446 -19.68 4.68 -33.59
CA HIS A 446 -20.97 4.88 -34.23
C HIS A 446 -21.23 6.36 -34.47
N THR A 447 -21.23 6.77 -35.74
CA THR A 447 -21.43 8.17 -36.06
C THR A 447 -22.83 8.63 -35.69
N GLN A 448 -22.94 9.89 -35.29
CA GLN A 448 -24.22 10.48 -34.92
C GLN A 448 -24.30 11.90 -35.43
N THR A 449 -25.29 12.17 -36.27
CA THR A 449 -25.50 13.50 -36.81
C THR A 449 -26.32 14.33 -35.84
N VAL A 450 -26.14 15.65 -35.90
CA VAL A 450 -26.88 16.59 -35.07
C VAL A 450 -27.57 17.61 -35.98
N GLN A 451 -28.84 17.85 -35.73
CA GLN A 451 -29.62 18.76 -36.54
C GLN A 451 -29.29 20.21 -36.20
N ALA A 452 -29.25 21.06 -37.22
CA ALA A 452 -29.02 22.49 -37.05
C ALA A 452 -30.17 23.27 -37.67
N HIS A 453 -30.58 24.34 -36.98
CA HIS A 453 -31.67 25.18 -37.44
C HIS A 453 -31.14 26.59 -37.69
N TYR A 454 -31.53 27.16 -38.83
CA TYR A 454 -30.96 28.40 -39.31
C TYR A 454 -32.08 29.39 -39.65
N ILE A 455 -31.73 30.68 -39.62
CA ILE A 455 -32.62 31.74 -40.06
C ILE A 455 -31.75 32.86 -40.62
N LEU A 456 -32.28 33.54 -41.64
CA LEU A 456 -31.51 34.54 -42.37
C LEU A 456 -32.12 35.93 -42.26
N ASN A 457 -33.45 36.05 -42.33
CA ASN A 457 -34.15 37.33 -42.21
C ASN A 457 -33.68 38.34 -43.26
N GLY A 458 -33.24 37.87 -44.41
CA GLY A 458 -32.83 38.75 -45.48
C GLY A 458 -31.49 39.42 -45.29
N GLY A 459 -30.71 38.98 -44.29
CA GLY A 459 -29.41 39.58 -44.07
C GLY A 459 -28.43 39.33 -45.20
N THR A 460 -28.50 38.14 -45.81
CA THR A 460 -27.58 37.76 -46.88
C THR A 460 -28.07 38.35 -48.20
N LEU A 461 -27.98 39.68 -48.29
CA LEU A 461 -28.37 40.36 -49.53
C LEU A 461 -27.37 40.10 -50.64
N LEU A 462 -26.09 40.33 -50.37
CA LEU A 462 -25.06 40.10 -51.38
C LEU A 462 -24.79 38.61 -51.57
N GLY A 463 -24.75 37.85 -50.49
CA GLY A 463 -24.50 36.42 -50.57
C GLY A 463 -25.60 35.73 -51.36
N LEU A 464 -25.23 34.98 -52.39
CA LEU A 464 -26.19 34.33 -53.27
C LEU A 464 -25.56 33.09 -53.88
N LYS A 465 -26.37 32.05 -54.05
CA LYS A 465 -26.03 30.78 -54.70
C LYS A 465 -25.06 29.93 -53.89
N LYS A 466 -24.53 30.43 -52.78
CA LYS A 466 -23.60 29.67 -51.96
C LYS A 466 -23.60 30.27 -50.56
N LEU A 467 -24.18 29.56 -49.61
CA LEU A 467 -24.17 29.95 -48.20
C LEU A 467 -23.19 29.02 -47.50
N SER A 468 -21.91 29.38 -47.53
CA SER A 468 -20.89 28.58 -46.89
C SER A 468 -21.07 28.61 -45.37
N PHE A 469 -21.07 27.43 -44.76
CA PHE A 469 -21.32 27.29 -43.34
C PHE A 469 -20.31 26.30 -42.79
N TYR A 470 -19.72 26.63 -41.65
CA TYR A 470 -18.56 25.91 -41.12
C TYR A 470 -18.83 25.46 -39.69
N TYR A 471 -18.17 24.36 -39.30
CA TYR A 471 -18.26 23.85 -37.94
C TYR A 471 -16.87 23.54 -37.42
N LEU A 472 -16.67 23.74 -36.13
CA LEU A 472 -15.39 23.47 -35.48
C LEU A 472 -15.64 22.73 -34.16
N ILE A 473 -14.91 21.65 -33.94
CA ILE A 473 -15.04 20.83 -32.75
C ILE A 473 -13.81 21.02 -31.88
N MET A 474 -14.01 21.44 -30.65
CA MET A 474 -12.92 21.68 -29.71
C MET A 474 -12.91 20.62 -28.62
N ALA A 475 -11.74 20.03 -28.40
CA ALA A 475 -11.57 19.01 -27.39
C ALA A 475 -10.10 18.95 -26.99
N LYS A 476 -9.86 18.60 -25.73
CA LYS A 476 -8.53 18.49 -25.14
C LYS A 476 -7.74 19.78 -25.25
N GLY A 477 -8.42 20.93 -25.33
CA GLY A 477 -7.75 22.21 -25.45
C GLY A 477 -7.35 22.62 -26.85
N GLY A 478 -7.70 21.82 -27.87
CA GLY A 478 -7.31 22.12 -29.23
C GLY A 478 -8.41 21.76 -30.21
N ILE A 479 -8.24 22.25 -31.45
CA ILE A 479 -9.15 21.95 -32.54
C ILE A 479 -8.82 20.57 -33.09
N VAL A 480 -9.85 19.76 -33.31
CA VAL A 480 -9.64 18.39 -33.75
C VAL A 480 -9.99 18.25 -35.22
N ARG A 481 -11.24 18.53 -35.59
CA ARG A 481 -11.71 18.38 -36.96
C ARG A 481 -12.33 19.68 -37.45
N THR A 482 -12.02 20.03 -38.69
CA THR A 482 -12.66 21.11 -39.40
C THR A 482 -13.55 20.56 -40.51
N GLY A 483 -14.38 21.44 -41.06
CA GLY A 483 -15.28 21.02 -42.13
C GLY A 483 -16.30 22.11 -42.41
N THR A 484 -16.99 21.94 -43.53
CA THR A 484 -17.98 22.91 -43.99
C THR A 484 -19.17 22.19 -44.58
N HIS A 485 -20.25 22.94 -44.79
CA HIS A 485 -21.45 22.44 -45.45
C HIS A 485 -22.18 23.62 -46.05
N GLY A 486 -22.83 23.40 -47.18
CA GLY A 486 -23.43 24.48 -47.95
C GLY A 486 -24.94 24.55 -47.87
N LEU A 487 -25.47 25.72 -48.18
CA LEU A 487 -26.90 25.97 -48.26
C LEU A 487 -27.20 26.74 -49.53
N LEU A 488 -28.31 26.38 -50.19
CA LEU A 488 -28.69 26.95 -51.48
C LEU A 488 -29.95 27.80 -51.29
N VAL A 489 -29.76 29.08 -51.00
CA VAL A 489 -30.86 30.01 -50.77
C VAL A 489 -30.54 31.34 -51.45
N LYS A 490 -31.52 31.89 -52.18
CA LYS A 490 -31.52 33.30 -52.56
C LYS A 490 -32.89 33.86 -52.17
N GLN A 491 -33.06 34.11 -50.88
CA GLN A 491 -34.32 34.55 -50.27
C GLN A 491 -33.99 35.02 -48.86
N GLU A 492 -35.03 35.31 -48.09
CA GLU A 492 -34.94 35.32 -46.64
C GLU A 492 -35.50 33.98 -46.15
N ASP A 493 -34.69 33.22 -45.42
CA ASP A 493 -35.00 31.85 -45.09
C ASP A 493 -35.24 31.71 -43.59
N MET A 494 -36.36 31.11 -43.23
CA MET A 494 -36.73 30.88 -41.84
C MET A 494 -36.25 29.49 -41.42
N LYS A 495 -36.75 28.99 -40.29
CA LYS A 495 -36.34 27.71 -39.71
C LYS A 495 -36.23 26.61 -40.75
N GLY A 496 -35.15 25.84 -40.66
CA GLY A 496 -34.91 24.75 -41.58
C GLY A 496 -34.08 23.64 -40.97
N HIS A 497 -33.69 22.67 -41.80
CA HIS A 497 -32.88 21.54 -41.35
C HIS A 497 -31.50 21.64 -41.98
N PHE A 498 -30.46 21.61 -41.14
CA PHE A 498 -29.08 21.76 -41.58
C PHE A 498 -28.21 20.70 -40.90
N SER A 499 -28.67 19.45 -40.98
CA SER A 499 -28.02 18.35 -40.28
C SER A 499 -26.55 18.23 -40.68
N ILE A 500 -25.69 18.10 -39.68
CA ILE A 500 -24.27 17.85 -39.88
C ILE A 500 -23.89 16.62 -39.07
N SER A 501 -22.88 15.91 -39.56
CA SER A 501 -22.44 14.65 -38.96
C SER A 501 -21.00 14.77 -38.49
N ILE A 502 -20.73 14.21 -37.31
CA ILE A 502 -19.39 14.23 -36.73
C ILE A 502 -19.05 12.80 -36.31
N PRO A 503 -18.03 12.18 -36.90
CA PRO A 503 -17.64 10.83 -36.47
C PRO A 503 -17.00 10.86 -35.09
N VAL A 504 -17.71 10.31 -34.10
CA VAL A 504 -17.24 10.35 -32.71
C VAL A 504 -16.19 9.25 -32.53
N LYS A 505 -14.96 9.66 -32.23
CA LYS A 505 -13.86 8.74 -31.99
C LYS A 505 -13.23 9.05 -30.63
N SER A 506 -12.24 8.24 -30.26
CA SER A 506 -11.56 8.42 -28.98
C SER A 506 -10.76 9.72 -28.93
N ASP A 507 -10.44 10.31 -30.09
CA ASP A 507 -9.65 11.54 -30.13
C ASP A 507 -10.34 12.71 -29.44
N ILE A 508 -11.66 12.65 -29.25
CA ILE A 508 -12.40 13.73 -28.61
C ILE A 508 -12.30 13.57 -27.09
N ALA A 509 -12.15 14.70 -26.41
CA ALA A 509 -12.08 14.78 -24.96
C ALA A 509 -13.38 14.27 -24.34
N PRO A 510 -13.42 14.00 -23.03
CA PRO A 510 -14.71 13.64 -22.42
C PRO A 510 -15.77 14.69 -22.64
N VAL A 511 -15.38 15.96 -22.61
CA VAL A 511 -16.25 17.04 -23.06
C VAL A 511 -16.04 17.25 -24.55
N ALA A 512 -17.13 17.55 -25.26
CA ALA A 512 -17.07 17.82 -26.70
C ALA A 512 -17.77 19.15 -26.94
N ARG A 513 -17.01 20.23 -26.78
CA ARG A 513 -17.53 21.58 -27.00
C ARG A 513 -17.49 21.85 -28.50
N LEU A 514 -18.65 21.96 -29.13
CA LEU A 514 -18.76 22.09 -30.57
C LEU A 514 -19.39 23.44 -30.91
N LEU A 515 -18.77 24.16 -31.85
CA LEU A 515 -19.33 25.42 -32.33
C LEU A 515 -19.65 25.32 -33.82
N ILE A 516 -20.59 26.16 -34.24
CA ILE A 516 -20.91 26.36 -35.65
C ILE A 516 -21.07 27.86 -35.88
N TYR A 517 -20.87 28.28 -37.13
CA TYR A 517 -20.97 29.70 -37.44
C TYR A 517 -21.21 29.88 -38.93
N ALA A 518 -21.76 31.04 -39.28
CA ALA A 518 -21.96 31.43 -40.67
C ALA A 518 -21.59 32.91 -40.82
N VAL A 519 -20.81 33.20 -41.85
CA VAL A 519 -20.34 34.57 -42.13
C VAL A 519 -21.36 35.23 -43.05
N LEU A 520 -21.65 36.50 -42.78
CA LEU A 520 -22.60 37.26 -43.58
C LEU A 520 -21.88 38.32 -44.41
N PRO A 521 -22.35 38.61 -45.62
CA PRO A 521 -21.72 39.68 -46.41
C PRO A 521 -21.85 41.05 -45.76
N THR A 522 -22.77 41.23 -44.82
CA THR A 522 -22.94 42.48 -44.11
C THR A 522 -21.78 42.75 -43.13
N GLY A 523 -20.88 41.79 -42.95
CA GLY A 523 -19.77 41.95 -42.04
C GLY A 523 -19.94 41.19 -40.74
N ASP A 524 -21.18 41.07 -40.29
CA ASP A 524 -21.45 40.32 -39.07
C ASP A 524 -21.37 38.82 -39.33
N VAL A 525 -21.25 38.05 -38.26
CA VAL A 525 -21.17 36.60 -38.33
C VAL A 525 -22.15 36.02 -37.32
N ILE A 526 -22.93 35.03 -37.75
CA ILE A 526 -23.90 34.36 -36.88
C ILE A 526 -23.39 32.95 -36.62
N GLY A 527 -23.69 32.43 -35.43
CA GLY A 527 -23.21 31.12 -35.07
C GLY A 527 -23.83 30.64 -33.78
N ASP A 528 -23.31 29.51 -33.29
CA ASP A 528 -23.78 28.91 -32.06
C ASP A 528 -22.70 27.98 -31.53
N SER A 529 -22.74 27.71 -30.22
CA SER A 529 -21.80 26.82 -29.55
C SER A 529 -22.59 25.84 -28.70
N ALA A 530 -22.26 24.56 -28.82
CA ALA A 530 -22.93 23.49 -28.09
C ALA A 530 -21.90 22.61 -27.41
N LYS A 531 -22.28 22.06 -26.25
CA LYS A 531 -21.42 21.17 -25.49
C LYS A 531 -21.96 19.75 -25.57
N TYR A 532 -21.06 18.77 -25.54
CA TYR A 532 -21.43 17.37 -25.54
C TYR A 532 -20.61 16.59 -24.52
N ASP A 533 -21.18 15.49 -24.06
CA ASP A 533 -20.47 14.51 -23.24
C ASP A 533 -20.20 13.27 -24.07
N VAL A 534 -18.98 12.75 -24.01
CA VAL A 534 -18.56 11.60 -24.80
C VAL A 534 -18.18 10.47 -23.87
N GLU A 535 -18.69 9.27 -24.15
CA GLU A 535 -18.32 8.11 -23.35
C GLU A 535 -16.84 7.82 -23.50
N ASN A 536 -16.20 7.45 -22.39
CA ASN A 536 -14.76 7.27 -22.36
C ASN A 536 -14.37 6.05 -23.19
N CYS A 537 -13.86 6.28 -24.40
CA CYS A 537 -13.37 5.22 -25.27
C CYS A 537 -11.91 5.48 -25.55
N LEU A 538 -11.14 4.41 -25.72
CA LEU A 538 -9.72 4.52 -26.01
C LEU A 538 -9.40 3.87 -27.34
N ALA A 539 -8.28 4.29 -27.93
CA ALA A 539 -7.90 3.85 -29.26
C ALA A 539 -7.62 2.36 -29.36
N ASN A 540 -7.42 1.67 -28.23
CA ASN A 540 -7.17 0.24 -28.23
C ASN A 540 -8.35 -0.49 -27.61
N LYS A 541 -8.81 -1.53 -28.30
CA LYS A 541 -9.88 -2.40 -27.81
C LYS A 541 -9.22 -3.73 -27.43
N VAL A 542 -8.85 -3.84 -26.16
CA VAL A 542 -8.13 -5.00 -25.67
C VAL A 542 -9.12 -6.13 -25.39
N ASP A 543 -8.60 -7.37 -25.38
CA ASP A 543 -9.37 -8.52 -24.93
C ASP A 543 -8.62 -9.24 -23.82
N LEU A 544 -9.37 -9.66 -22.79
CA LEU A 544 -8.85 -10.53 -21.74
C LEU A 544 -9.71 -11.79 -21.72
N SER A 545 -9.05 -12.95 -21.71
CA SER A 545 -9.77 -14.22 -21.79
C SER A 545 -9.07 -15.26 -20.94
N PHE A 546 -9.80 -16.30 -20.60
CA PHE A 546 -9.31 -17.37 -19.74
C PHE A 546 -9.92 -18.69 -20.20
N SER A 547 -9.74 -19.73 -19.39
CA SER A 547 -10.55 -20.94 -19.41
C SER A 547 -11.34 -20.98 -18.10
N PRO A 548 -12.45 -20.24 -18.04
CA PRO A 548 -13.08 -19.97 -16.74
C PRO A 548 -13.67 -21.20 -16.06
N SER A 549 -14.08 -21.04 -14.80
CA SER A 549 -14.59 -22.13 -13.98
C SER A 549 -13.59 -23.28 -13.89
N GLN A 550 -12.31 -22.92 -13.79
CA GLN A 550 -11.26 -23.91 -13.67
C GLN A 550 -11.16 -24.43 -12.23
N SER A 551 -10.52 -25.58 -12.08
CA SER A 551 -10.29 -26.14 -10.76
C SER A 551 -9.34 -25.24 -9.97
N LEU A 552 -9.52 -25.23 -8.65
CA LEU A 552 -8.69 -24.39 -7.81
C LEU A 552 -7.21 -24.77 -7.86
N PRO A 553 -6.81 -26.03 -7.79
CA PRO A 553 -5.38 -26.38 -7.99
C PRO A 553 -4.92 -26.34 -9.45
N ALA A 554 -5.81 -26.09 -10.40
CA ALA A 554 -5.47 -26.15 -11.83
C ALA A 554 -4.62 -24.93 -12.17
N SER A 555 -3.30 -25.16 -12.22
CA SER A 555 -2.33 -24.11 -12.51
C SER A 555 -2.54 -23.52 -13.91
N HIS A 556 -2.83 -24.37 -14.89
CA HIS A 556 -2.92 -23.95 -16.28
C HIS A 556 -4.16 -23.09 -16.50
N ALA A 557 -3.92 -21.85 -16.95
CA ALA A 557 -4.99 -20.92 -17.28
C ALA A 557 -4.43 -19.93 -18.28
N HIS A 558 -4.84 -20.04 -19.54
CA HIS A 558 -4.28 -19.26 -20.62
C HIS A 558 -4.97 -17.90 -20.69
N LEU A 559 -4.16 -16.84 -20.68
CA LEU A 559 -4.65 -15.46 -20.77
C LEU A 559 -4.41 -14.93 -22.17
N ARG A 560 -5.39 -15.11 -23.06
CA ARG A 560 -5.31 -14.53 -24.39
C ARG A 560 -5.55 -13.03 -24.29
N VAL A 561 -4.59 -12.25 -24.77
CA VAL A 561 -4.66 -10.79 -24.74
C VAL A 561 -4.43 -10.29 -26.16
N THR A 562 -5.45 -9.68 -26.75
CA THR A 562 -5.36 -9.11 -28.08
C THR A 562 -5.59 -7.60 -28.01
N ALA A 563 -4.70 -6.83 -28.62
CA ALA A 563 -4.77 -5.38 -28.60
C ALA A 563 -4.18 -4.86 -29.91
N ALA A 564 -3.80 -3.60 -29.92
CA ALA A 564 -3.15 -3.03 -31.08
C ALA A 564 -1.86 -3.79 -31.38
N PRO A 565 -1.53 -4.02 -32.64
CA PRO A 565 -0.35 -4.83 -32.97
C PRO A 565 0.93 -4.21 -32.40
N GLN A 566 1.77 -5.07 -31.82
CA GLN A 566 3.07 -4.68 -31.26
C GLN A 566 2.90 -3.58 -30.22
N SER A 567 2.08 -3.86 -29.22
CA SER A 567 1.88 -2.97 -28.08
C SER A 567 2.37 -3.66 -26.81
N VAL A 568 2.36 -2.90 -25.72
CA VAL A 568 2.81 -3.39 -24.42
C VAL A 568 1.64 -3.34 -23.46
N CYS A 569 1.33 -4.48 -22.85
CA CYS A 569 0.20 -4.61 -21.94
C CYS A 569 0.69 -4.70 -20.51
N ALA A 570 -0.14 -4.23 -19.57
CA ALA A 570 0.15 -4.27 -18.15
C ALA A 570 -0.91 -5.13 -17.46
N LEU A 571 -0.61 -6.42 -17.32
CA LEU A 571 -1.54 -7.36 -16.72
C LEU A 571 -1.72 -7.04 -15.24
N ARG A 572 -2.96 -7.11 -14.76
CA ARG A 572 -3.31 -6.82 -13.37
C ARG A 572 -4.31 -7.86 -12.91
N ALA A 573 -3.82 -8.93 -12.29
CA ALA A 573 -4.67 -9.99 -11.78
C ALA A 573 -4.77 -9.86 -10.27
N VAL A 574 -6.00 -9.74 -9.76
CA VAL A 574 -6.26 -9.60 -8.34
C VAL A 574 -7.65 -10.17 -8.06
N ASP A 575 -7.95 -10.39 -6.79
CA ASP A 575 -9.23 -11.00 -6.41
C ASP A 575 -10.33 -9.93 -6.39
N GLN A 576 -11.57 -10.37 -6.20
CA GLN A 576 -12.70 -9.46 -6.16
C GLN A 576 -12.74 -8.68 -4.84
N SER A 577 -12.08 -9.18 -3.81
CA SER A 577 -12.09 -8.50 -2.52
C SER A 577 -11.49 -7.11 -2.63
N VAL A 578 -10.41 -6.96 -3.41
CA VAL A 578 -9.79 -5.66 -3.59
C VAL A 578 -10.74 -4.68 -4.27
N LEU A 579 -11.45 -5.14 -5.31
CA LEU A 579 -12.43 -4.27 -5.95
C LEU A 579 -13.55 -3.91 -4.99
N LEU A 580 -13.89 -4.83 -4.08
CA LEU A 580 -14.90 -4.53 -3.07
C LEU A 580 -14.37 -3.54 -2.02
N MET A 581 -13.06 -3.47 -1.83
CA MET A 581 -12.50 -2.60 -0.80
C MET A 581 -12.81 -1.13 -1.10
N LYS A 582 -12.64 -0.74 -2.36
CA LYS A 582 -12.71 0.65 -2.79
C LYS A 582 -12.75 0.66 -4.31
N PRO A 583 -13.48 1.59 -4.93
CA PRO A 583 -13.35 1.76 -6.38
C PRO A 583 -11.92 2.08 -6.74
N ASP A 584 -11.43 1.42 -7.80
CA ASP A 584 -10.04 1.54 -8.17
C ASP A 584 -9.72 2.98 -8.58
N ALA A 585 -8.41 3.28 -8.66
CA ALA A 585 -7.99 4.63 -9.00
C ALA A 585 -8.36 4.91 -10.44
N GLU A 586 -9.50 5.58 -10.65
CA GLU A 586 -10.07 5.84 -11.97
C GLU A 586 -10.38 4.54 -12.70
N LEU A 587 -10.35 3.42 -11.99
CA LEU A 587 -10.40 2.06 -12.55
C LEU A 587 -9.27 1.81 -13.53
N SER A 588 -8.30 2.73 -13.63
CA SER A 588 -7.26 2.74 -14.64
C SER A 588 -7.86 2.79 -16.05
N ALA A 589 -9.17 3.00 -16.13
CA ALA A 589 -9.87 3.00 -17.41
C ALA A 589 -10.76 4.22 -17.61
N SER A 590 -11.42 4.67 -16.55
CA SER A 590 -12.53 5.60 -16.68
C SER A 590 -12.08 7.05 -16.67
N SER A 591 -11.48 7.49 -15.56
CA SER A 591 -11.12 8.89 -15.41
C SER A 591 -9.70 9.19 -15.82
N VAL A 592 -9.07 8.33 -16.62
CA VAL A 592 -7.83 8.70 -17.27
C VAL A 592 -8.05 9.92 -18.16
N TYR A 593 -9.26 10.07 -18.71
CA TYR A 593 -9.63 11.32 -19.39
C TYR A 593 -9.64 12.49 -18.42
N ASN A 594 -10.17 12.28 -17.21
CA ASN A 594 -10.15 13.31 -16.17
C ASN A 594 -8.73 13.65 -15.73
N LEU A 595 -7.78 12.74 -15.90
CA LEU A 595 -6.40 13.03 -15.52
C LEU A 595 -5.84 14.21 -16.29
N LEU A 596 -6.31 14.43 -17.51
CA LEU A 596 -5.80 15.52 -18.33
C LEU A 596 -6.13 16.86 -17.68
N PRO A 597 -5.13 17.67 -17.35
CA PRO A 597 -5.42 18.98 -16.74
C PRO A 597 -6.11 19.90 -17.75
N GLU A 598 -7.05 20.69 -17.24
CA GLU A 598 -7.83 21.62 -18.06
C GLU A 598 -8.47 20.88 -19.24
N LYS A 599 -9.27 19.87 -18.90
CA LYS A 599 -9.92 19.06 -19.93
C LYS A 599 -10.94 19.86 -20.73
N ASP A 600 -11.69 20.73 -20.06
CA ASP A 600 -12.73 21.53 -20.70
C ASP A 600 -12.33 23.00 -20.65
N LEU A 601 -12.46 23.68 -21.78
CA LEU A 601 -12.15 25.10 -21.88
C LEU A 601 -13.43 25.88 -21.59
N THR A 602 -13.68 26.16 -20.31
CA THR A 602 -14.83 26.96 -19.93
C THR A 602 -14.76 28.35 -20.56
N GLY A 603 -13.55 28.87 -20.76
CA GLY A 603 -13.35 30.11 -21.48
C GLY A 603 -12.37 31.04 -20.80
N PHE A 604 -11.31 31.39 -21.53
CA PHE A 604 -10.18 32.20 -21.06
C PHE A 604 -9.87 31.96 -19.60
N PRO A 605 -9.57 30.72 -19.19
CA PRO A 605 -9.28 30.47 -17.78
C PRO A 605 -8.04 31.22 -17.33
N GLY A 606 -8.12 31.79 -16.13
CA GLY A 606 -7.08 32.64 -15.63
C GLY A 606 -7.40 34.11 -15.87
N PRO A 607 -7.15 34.94 -14.86
CA PRO A 607 -7.49 36.37 -15.00
C PRO A 607 -6.62 37.12 -15.99
N LEU A 608 -5.53 36.51 -16.47
CA LEU A 608 -4.57 37.19 -17.32
C LEU A 608 -5.16 37.65 -18.65
N ASN A 609 -6.26 37.05 -19.11
CA ASN A 609 -6.89 37.43 -20.37
C ASN A 609 -7.97 38.49 -20.15
N ASP A 610 -7.63 39.54 -19.41
CA ASP A 610 -8.55 40.66 -19.20
C ASP A 610 -8.28 41.76 -20.21
N GLN A 611 -8.24 41.42 -21.50
CA GLN A 611 -7.99 42.37 -22.56
C GLN A 611 -9.20 42.62 -23.43
N ASP A 612 -10.33 41.97 -23.14
CA ASP A 612 -11.53 42.15 -23.95
C ASP A 612 -12.03 43.59 -23.94
N ASN A 613 -11.77 44.34 -22.88
CA ASN A 613 -12.14 45.75 -22.82
C ASN A 613 -11.18 46.53 -23.73
N GLU A 614 -11.64 46.87 -24.92
CA GLU A 614 -10.82 47.55 -25.91
C GLU A 614 -11.42 48.86 -26.39
N ASP A 615 -12.75 48.95 -26.51
CA ASP A 615 -13.41 50.13 -27.02
C ASP A 615 -14.31 50.79 -25.98
N CYS A 616 -15.12 50.00 -25.27
CA CYS A 616 -16.12 50.52 -24.33
C CYS A 616 -17.05 51.52 -25.02
N ILE A 617 -17.79 50.97 -25.99
CA ILE A 617 -18.66 51.79 -26.82
C ILE A 617 -19.91 52.25 -26.07
N ASN A 618 -20.02 51.94 -24.78
CA ASN A 618 -21.18 52.30 -23.98
C ASN A 618 -21.09 53.71 -23.42
N ARG A 619 -20.28 54.58 -24.03
CA ARG A 619 -20.21 55.98 -23.64
C ARG A 619 -21.43 56.78 -24.08
N HIS A 620 -22.28 56.20 -24.94
CA HIS A 620 -23.53 56.82 -25.38
C HIS A 620 -24.72 56.24 -24.62
N ASN A 621 -24.55 55.97 -23.32
CA ASN A 621 -25.55 55.29 -22.51
C ASN A 621 -26.81 56.11 -22.33
N VAL A 622 -26.89 57.28 -22.95
CA VAL A 622 -28.09 58.12 -22.92
C VAL A 622 -29.29 57.31 -23.40
N TYR A 623 -30.47 57.64 -22.87
CA TYR A 623 -31.67 56.87 -23.17
C TYR A 623 -32.04 56.99 -24.66
N ILE A 624 -32.70 55.96 -25.16
CA ILE A 624 -33.13 55.91 -26.55
C ILE A 624 -34.13 57.03 -26.80
N ASN A 625 -33.94 57.75 -27.91
CA ASN A 625 -34.80 58.88 -28.26
C ASN A 625 -36.20 58.35 -28.57
N GLY A 626 -37.15 58.62 -27.69
CA GLY A 626 -38.50 58.18 -27.89
C GLY A 626 -39.46 58.89 -26.95
N ILE A 627 -40.73 58.51 -27.05
CA ILE A 627 -41.76 59.11 -26.20
C ILE A 627 -41.52 58.76 -24.74
N THR A 628 -41.15 57.52 -24.47
CA THR A 628 -40.91 57.04 -23.11
C THR A 628 -39.41 56.92 -22.88
N TYR A 629 -38.94 57.46 -21.76
CA TYR A 629 -37.52 57.43 -21.42
C TYR A 629 -37.15 56.03 -20.98
N THR A 630 -36.60 55.24 -21.90
CA THR A 630 -36.17 53.86 -21.63
C THR A 630 -34.66 53.78 -21.84
N PRO A 631 -33.88 53.94 -20.78
CA PRO A 631 -32.42 53.90 -20.94
C PRO A 631 -31.88 52.48 -21.04
N VAL A 632 -30.86 52.32 -21.88
CA VAL A 632 -30.18 51.04 -22.00
C VAL A 632 -29.12 50.95 -20.92
N SER A 633 -29.35 50.10 -19.93
CA SER A 633 -28.46 49.97 -18.78
C SER A 633 -27.73 48.64 -18.76
N SER A 634 -28.46 47.52 -18.84
CA SER A 634 -27.84 46.20 -18.79
C SER A 634 -28.26 45.41 -20.02
N THR A 635 -27.30 44.69 -20.59
CA THR A 635 -27.52 43.83 -21.76
C THR A 635 -27.05 42.43 -21.39
N ASN A 636 -27.94 41.65 -20.79
CA ASN A 636 -27.63 40.28 -20.37
C ASN A 636 -27.80 39.34 -21.57
N GLU A 637 -27.00 39.59 -22.60
CA GLU A 637 -27.03 38.82 -23.84
C GLU A 637 -25.78 37.97 -23.94
N LYS A 638 -25.63 37.27 -25.07
CA LYS A 638 -24.47 36.43 -25.33
C LYS A 638 -24.06 36.65 -26.77
N ASP A 639 -23.07 37.52 -26.99
CA ASP A 639 -22.61 37.81 -28.33
C ASP A 639 -21.84 36.62 -28.89
N MET A 640 -21.63 36.63 -30.20
CA MET A 640 -20.89 35.55 -30.84
C MET A 640 -19.44 35.53 -30.37
N TYR A 641 -18.88 36.71 -30.10
CA TYR A 641 -17.60 36.78 -29.42
C TYR A 641 -17.67 36.11 -28.05
N SER A 642 -18.78 36.33 -27.34
CA SER A 642 -18.96 35.66 -26.04
C SER A 642 -19.09 34.16 -26.20
N PHE A 643 -19.76 33.69 -27.25
CA PHE A 643 -19.87 32.26 -27.50
C PHE A 643 -18.50 31.64 -27.77
N LEU A 644 -17.72 32.27 -28.66
CA LEU A 644 -16.36 31.80 -28.92
C LEU A 644 -15.47 31.90 -27.69
N GLU A 645 -15.70 32.89 -26.83
CA GLU A 645 -15.00 32.96 -25.55
C GLU A 645 -15.34 31.80 -24.64
N ASP A 646 -16.64 31.49 -24.47
CA ASP A 646 -17.07 30.33 -23.71
C ASP A 646 -16.53 29.04 -24.28
N MET A 647 -16.30 28.98 -25.58
CA MET A 647 -15.55 27.85 -26.16
C MET A 647 -14.13 27.79 -25.61
N GLY A 648 -13.53 28.94 -25.36
CA GLY A 648 -12.21 28.98 -24.75
C GLY A 648 -11.06 29.15 -25.72
N LEU A 649 -11.22 30.07 -26.68
CA LEU A 649 -10.14 30.36 -27.61
C LEU A 649 -10.29 31.78 -28.09
N LYS A 650 -9.19 32.36 -28.55
CA LYS A 650 -9.20 33.73 -29.07
C LYS A 650 -9.78 33.75 -30.47
N ALA A 651 -10.65 34.73 -30.71
CA ALA A 651 -11.28 34.92 -32.01
C ALA A 651 -10.91 36.30 -32.55
N PHE A 652 -10.48 36.34 -33.80
CA PHE A 652 -10.03 37.57 -34.44
C PHE A 652 -10.91 37.83 -35.66
N THR A 653 -11.55 39.01 -35.66
CA THR A 653 -12.50 39.37 -36.70
C THR A 653 -12.19 40.77 -37.22
N ASN A 654 -12.24 40.92 -38.55
CA ASN A 654 -12.03 42.23 -39.14
C ASN A 654 -13.19 43.17 -38.84
N SER A 655 -14.40 42.64 -38.80
CA SER A 655 -15.60 43.42 -38.59
C SER A 655 -16.09 43.27 -37.15
N LYS A 656 -17.20 43.94 -36.83
CA LYS A 656 -17.74 43.92 -35.48
C LYS A 656 -18.34 42.56 -35.18
N ILE A 657 -17.82 41.90 -34.14
CA ILE A 657 -18.37 40.63 -33.69
C ILE A 657 -18.62 40.59 -32.19
N ARG A 658 -18.05 41.49 -31.41
CA ARG A 658 -18.27 41.55 -29.97
C ARG A 658 -19.41 42.51 -29.67
N LYS A 659 -20.10 42.26 -28.56
CA LYS A 659 -21.21 43.12 -28.17
C LYS A 659 -20.69 44.53 -27.89
N PRO A 660 -21.25 45.56 -28.52
CA PRO A 660 -20.79 46.94 -28.31
C PRO A 660 -20.96 47.45 -26.89
N LYS A 661 -21.88 46.86 -26.11
CA LYS A 661 -22.08 47.29 -24.73
C LYS A 661 -20.96 46.75 -23.86
N MET A 662 -20.32 47.65 -23.11
CA MET A 662 -19.22 47.27 -22.21
C MET A 662 -19.24 48.21 -21.02
N CYS A 663 -18.26 48.02 -20.13
CA CYS A 663 -18.11 48.85 -18.94
C CYS A 663 -19.37 48.87 -18.08
N LYS A 707 -14.64 -6.06 5.01
CA LYS A 707 -13.59 -6.29 4.03
C LYS A 707 -12.88 -7.63 4.27
N TYR A 708 -11.87 -7.92 3.47
CA TYR A 708 -11.31 -9.27 3.41
C TYR A 708 -9.82 -9.18 3.10
N PHE A 709 -9.27 -10.29 2.60
CA PHE A 709 -7.87 -10.60 2.36
C PHE A 709 -7.48 -10.29 0.90
N PRO A 710 -6.47 -9.43 0.69
CA PRO A 710 -6.08 -9.06 -0.69
C PRO A 710 -5.48 -10.16 -1.57
N GLU A 711 -4.35 -10.75 -1.17
CA GLU A 711 -3.66 -11.80 -1.96
C GLU A 711 -3.58 -11.47 -3.45
N THR A 712 -2.76 -10.47 -3.76
CA THR A 712 -2.52 -10.07 -5.14
C THR A 712 -2.03 -11.26 -5.97
N TRP A 713 -2.02 -11.08 -7.28
CA TRP A 713 -1.81 -12.19 -8.21
C TRP A 713 -1.07 -11.64 -9.44
N ILE A 714 -1.17 -12.37 -10.56
CA ILE A 714 -0.34 -12.20 -11.75
C ILE A 714 -0.09 -10.74 -12.08
N TRP A 715 1.17 -10.39 -12.28
CA TRP A 715 1.62 -9.01 -12.46
C TRP A 715 2.75 -9.06 -13.48
N ASP A 716 2.41 -8.92 -14.77
CA ASP A 716 3.36 -9.16 -15.84
C ASP A 716 3.21 -8.09 -16.92
N LEU A 717 4.21 -8.03 -17.79
CA LEU A 717 4.24 -7.11 -18.93
C LEU A 717 4.41 -7.95 -20.20
N VAL A 718 3.30 -8.18 -20.90
CA VAL A 718 3.32 -8.95 -22.13
C VAL A 718 3.31 -8.00 -23.31
N VAL A 719 3.73 -8.51 -24.47
CA VAL A 719 3.80 -7.74 -25.70
C VAL A 719 2.93 -8.43 -26.75
N VAL A 720 2.07 -7.65 -27.39
CA VAL A 720 1.20 -8.20 -28.43
C VAL A 720 2.04 -8.61 -29.63
N ASN A 721 1.81 -9.82 -30.11
CA ASN A 721 2.55 -10.36 -31.26
C ASN A 721 1.85 -10.04 -32.57
N SER A 722 1.53 -8.75 -32.77
CA SER A 722 0.94 -8.22 -33.99
C SER A 722 -0.49 -8.72 -34.21
N ALA A 723 -0.91 -9.71 -33.42
CA ALA A 723 -2.28 -10.18 -33.44
C ALA A 723 -2.87 -10.43 -32.06
N GLY A 724 -2.05 -10.46 -31.01
CA GLY A 724 -2.46 -10.84 -29.68
C GLY A 724 -1.40 -11.64 -28.98
N VAL A 725 -1.72 -12.07 -27.76
CA VAL A 725 -0.78 -12.85 -26.98
C VAL A 725 -1.51 -13.68 -25.93
N ALA A 726 -1.12 -14.94 -25.79
CA ALA A 726 -1.63 -15.81 -24.75
C ALA A 726 -0.63 -15.90 -23.60
N GLU A 727 -1.15 -16.01 -22.38
CA GLU A 727 -0.31 -16.01 -21.20
C GLU A 727 -0.81 -17.07 -20.22
N VAL A 728 0.09 -17.99 -19.85
CA VAL A 728 -0.26 -19.01 -18.86
C VAL A 728 -0.22 -18.38 -17.47
N GLY A 729 -1.30 -18.58 -16.70
CA GLY A 729 -1.38 -18.02 -15.38
C GLY A 729 -1.68 -19.03 -14.30
N VAL A 730 -0.74 -19.22 -13.37
CA VAL A 730 -0.87 -20.21 -12.31
C VAL A 730 -1.91 -19.76 -11.30
N THR A 731 -3.04 -20.45 -11.25
CA THR A 731 -4.07 -20.13 -10.26
C THR A 731 -3.58 -20.44 -8.85
N VAL A 732 -3.85 -19.52 -7.93
CA VAL A 732 -3.40 -19.64 -6.55
C VAL A 732 -4.20 -20.72 -5.84
N PRO A 733 -3.55 -21.56 -5.03
CA PRO A 733 -4.31 -22.52 -4.22
C PRO A 733 -5.10 -21.86 -3.11
N ASP A 734 -5.86 -20.81 -3.44
CA ASP A 734 -6.72 -20.10 -2.50
C ASP A 734 -8.09 -20.03 -3.18
N THR A 735 -8.90 -21.07 -2.98
CA THR A 735 -10.09 -21.26 -3.80
C THR A 735 -11.20 -20.26 -3.49
N ILE A 736 -11.38 -19.88 -2.22
CA ILE A 736 -12.62 -19.25 -1.79
C ILE A 736 -12.87 -17.89 -2.43
N THR A 737 -11.88 -17.29 -3.08
CA THR A 737 -12.02 -15.94 -3.59
C THR A 737 -12.22 -15.96 -5.11
N GLU A 738 -12.93 -14.95 -5.59
CA GLU A 738 -13.10 -14.70 -7.02
C GLU A 738 -11.98 -13.78 -7.49
N TRP A 739 -11.40 -14.10 -8.63
CA TRP A 739 -10.26 -13.38 -9.19
C TRP A 739 -10.75 -12.49 -10.32
N LYS A 740 -10.61 -11.17 -10.14
CA LYS A 740 -11.00 -10.20 -11.15
C LYS A 740 -9.77 -9.70 -11.90
N ALA A 741 -9.74 -9.93 -13.21
CA ALA A 741 -8.59 -9.58 -14.03
C ALA A 741 -8.89 -8.39 -14.92
N GLY A 742 -8.00 -7.40 -14.89
CA GLY A 742 -8.06 -6.28 -15.80
C GLY A 742 -6.66 -5.91 -16.25
N ALA A 743 -6.57 -5.30 -17.42
CA ALA A 743 -5.27 -4.91 -17.95
C ALA A 743 -5.44 -3.81 -18.97
N PHE A 744 -4.37 -3.04 -19.19
CA PHE A 744 -4.38 -1.99 -20.19
C PHE A 744 -3.13 -2.12 -21.03
N CYS A 745 -3.27 -1.80 -22.32
CA CYS A 745 -2.18 -1.91 -23.28
C CYS A 745 -1.96 -0.57 -23.98
N LEU A 746 -0.71 -0.32 -24.38
CA LEU A 746 -0.34 0.93 -25.00
C LEU A 746 0.63 0.65 -26.14
N SER A 747 0.33 1.16 -27.32
CA SER A 747 1.25 1.09 -28.45
C SER A 747 1.87 2.47 -28.71
N GLU A 748 2.99 2.48 -29.40
CA GLU A 748 3.68 3.72 -29.70
C GLU A 748 2.86 4.67 -30.56
N ASP A 749 2.19 4.16 -31.59
CA ASP A 749 1.36 5.01 -32.45
C ASP A 749 -0.09 5.04 -31.96
N ALA A 750 -0.63 3.89 -31.57
CA ALA A 750 -1.97 3.82 -31.04
C ALA A 750 -2.02 4.42 -29.62
N GLY A 751 -3.23 4.71 -29.16
CA GLY A 751 -3.38 5.34 -27.87
C GLY A 751 -3.31 4.39 -26.69
N LEU A 752 -4.18 4.61 -25.71
CA LEU A 752 -4.27 3.77 -24.52
C LEU A 752 -5.38 2.75 -24.72
N GLY A 753 -5.42 1.74 -23.85
CA GLY A 753 -6.37 0.66 -23.97
C GLY A 753 -6.98 0.24 -22.64
N ILE A 754 -8.12 -0.45 -22.76
CA ILE A 754 -8.74 -1.18 -21.65
C ILE A 754 -9.74 -2.17 -22.22
N SER A 755 -9.79 -3.38 -21.67
CA SER A 755 -10.70 -4.39 -22.20
C SER A 755 -11.99 -4.52 -21.40
N SER A 756 -11.88 -5.01 -20.17
CA SER A 756 -13.02 -5.41 -19.36
C SER A 756 -12.48 -5.79 -17.99
N THR A 757 -13.35 -6.34 -17.13
CA THR A 757 -12.95 -6.92 -15.85
C THR A 757 -13.34 -8.40 -15.88
N ALA A 758 -12.42 -9.23 -16.36
CA ALA A 758 -12.65 -10.67 -16.47
C ALA A 758 -12.62 -11.32 -15.08
N SER A 759 -13.29 -12.36 -15.01
CA SER A 759 -13.17 -13.05 -13.85
C SER A 759 -12.81 -14.35 -14.13
N LEU A 760 -12.08 -14.95 -13.19
CA LEU A 760 -11.65 -16.34 -13.31
C LEU A 760 -11.94 -17.06 -12.00
N ARG A 761 -13.22 -17.28 -11.72
CA ARG A 761 -13.64 -17.94 -10.48
C ARG A 761 -13.30 -19.43 -10.43
N ALA A 762 -12.84 -19.89 -9.27
CA ALA A 762 -12.51 -21.30 -9.06
C ALA A 762 -13.29 -21.87 -7.88
N PHE A 763 -13.99 -22.98 -8.10
CA PHE A 763 -14.77 -23.61 -7.04
C PHE A 763 -14.47 -25.09 -6.88
N GLN A 764 -14.27 -25.54 -5.64
CA GLN A 764 -14.00 -26.95 -5.38
C GLN A 764 -15.12 -27.56 -4.56
N PRO A 765 -15.73 -28.63 -5.09
CA PRO A 765 -16.85 -29.35 -4.45
C PRO A 765 -16.46 -30.05 -3.15
N PHE A 766 -15.29 -30.67 -3.11
CA PHE A 766 -14.82 -31.41 -1.94
C PHE A 766 -13.87 -30.66 -1.01
N PHE A 767 -13.66 -29.38 -1.25
CA PHE A 767 -12.73 -28.61 -0.40
C PHE A 767 -13.20 -28.58 1.05
N VAL A 768 -12.25 -28.79 1.96
CA VAL A 768 -12.52 -28.78 3.40
C VAL A 768 -11.33 -28.20 4.14
N GLU A 769 -11.55 -27.66 5.33
CA GLU A 769 -10.45 -27.08 6.11
C GLU A 769 -10.17 -27.90 7.36
N LEU A 770 -8.91 -28.34 7.48
CA LEU A 770 -8.48 -29.12 8.64
C LEU A 770 -8.36 -28.26 9.88
N THR A 771 -8.63 -28.86 11.05
CA THR A 771 -8.52 -28.13 12.31
C THR A 771 -7.53 -28.86 13.20
N MET A 772 -6.28 -28.40 13.21
CA MET A 772 -5.22 -29.04 13.97
C MET A 772 -4.54 -28.00 14.85
N PRO A 773 -4.04 -28.41 16.01
CA PRO A 773 -3.22 -27.51 16.82
C PRO A 773 -1.95 -27.14 16.08
N TYR A 774 -1.50 -25.91 16.28
CA TYR A 774 -0.28 -25.44 15.64
C TYR A 774 0.91 -26.25 16.14
N SER A 775 1.00 -26.42 17.45
CA SER A 775 2.03 -27.24 18.08
C SER A 775 1.37 -28.37 18.87
N VAL A 776 2.17 -29.37 19.23
CA VAL A 776 1.68 -30.53 19.95
C VAL A 776 2.85 -31.19 20.66
N ILE A 777 2.54 -31.94 21.71
CA ILE A 777 3.52 -32.62 22.54
C ILE A 777 3.66 -34.07 22.06
N ARG A 778 4.91 -34.55 22.01
CA ARG A 778 5.14 -35.96 21.70
C ARG A 778 4.49 -36.87 22.73
N GLY A 779 4.61 -36.53 24.02
CA GLY A 779 3.96 -37.34 25.04
C GLY A 779 2.44 -37.27 24.96
N GLU A 780 1.90 -36.08 24.73
CA GLU A 780 0.46 -35.92 24.65
C GLU A 780 -0.07 -36.44 23.32
N ALA A 781 -1.38 -36.69 23.29
CA ALA A 781 -2.09 -37.01 22.07
C ALA A 781 -3.29 -36.09 21.96
N PHE A 782 -3.75 -35.87 20.73
CA PHE A 782 -4.83 -34.94 20.48
C PHE A 782 -5.88 -35.63 19.62
N THR A 783 -7.01 -34.96 19.43
CA THR A 783 -8.13 -35.47 18.64
C THR A 783 -8.21 -34.66 17.36
N LEU A 784 -7.66 -35.21 16.29
CA LEU A 784 -7.72 -34.53 14.99
C LEU A 784 -9.17 -34.36 14.56
N LYS A 785 -9.50 -33.16 14.09
CA LYS A 785 -10.83 -32.86 13.59
C LYS A 785 -10.73 -32.31 12.17
N ALA A 786 -11.61 -32.78 11.30
CA ALA A 786 -11.62 -32.37 9.90
C ALA A 786 -13.06 -32.31 9.41
N THR A 787 -13.45 -31.20 8.80
CA THR A 787 -14.77 -31.03 8.24
C THR A 787 -14.66 -30.64 6.78
N VAL A 788 -15.40 -31.33 5.92
CA VAL A 788 -15.42 -31.04 4.49
C VAL A 788 -16.63 -30.17 4.19
N LEU A 789 -16.44 -29.17 3.35
CA LEU A 789 -17.50 -28.23 2.99
C LEU A 789 -17.83 -28.38 1.52
N ASN A 790 -19.10 -28.66 1.23
CA ASN A 790 -19.56 -28.80 -0.16
C ASN A 790 -20.01 -27.44 -0.67
N TYR A 791 -19.52 -27.07 -1.84
CA TYR A 791 -19.91 -25.82 -2.48
C TYR A 791 -20.51 -26.01 -3.86
N LEU A 792 -21.05 -27.20 -4.15
CA LEU A 792 -21.65 -27.47 -5.44
C LEU A 792 -23.11 -27.87 -5.27
N PRO A 793 -23.98 -27.47 -6.21
CA PRO A 793 -25.41 -27.86 -6.09
C PRO A 793 -25.64 -29.35 -6.18
N LYS A 794 -24.68 -30.12 -6.69
CA LYS A 794 -24.84 -31.57 -6.83
C LYS A 794 -24.93 -32.21 -5.46
N CYS A 795 -25.88 -33.15 -5.31
CA CYS A 795 -26.05 -33.88 -4.06
C CYS A 795 -25.16 -35.11 -4.09
N ILE A 796 -24.08 -35.08 -3.30
CA ILE A 796 -23.03 -36.09 -3.39
C ILE A 796 -22.76 -36.71 -2.04
N ARG A 797 -21.74 -37.56 -1.95
CA ARG A 797 -21.32 -38.23 -0.72
C ARG A 797 -19.81 -38.44 -0.78
N VAL A 798 -19.06 -37.60 -0.08
CA VAL A 798 -17.61 -37.65 -0.08
C VAL A 798 -17.12 -38.72 0.91
N SER A 799 -16.03 -39.38 0.56
CA SER A 799 -15.38 -40.35 1.44
C SER A 799 -14.03 -39.80 1.87
N VAL A 800 -13.79 -39.79 3.18
CA VAL A 800 -12.58 -39.25 3.75
C VAL A 800 -11.66 -40.40 4.16
N GLN A 801 -10.36 -40.20 3.99
CA GLN A 801 -9.38 -41.22 4.35
C GLN A 801 -8.09 -40.52 4.79
N LEU A 802 -7.49 -41.04 5.85
CA LEU A 802 -6.25 -40.49 6.41
C LEU A 802 -5.07 -41.32 5.95
N GLU A 803 -3.93 -40.65 5.75
CA GLU A 803 -2.70 -41.29 5.30
C GLU A 803 -1.75 -41.40 6.50
N ALA A 804 -1.58 -42.62 6.99
CA ALA A 804 -0.74 -42.84 8.16
C ALA A 804 0.74 -42.79 7.80
N SER A 805 1.54 -42.37 8.75
CA SER A 805 2.99 -42.30 8.64
C SER A 805 3.59 -42.92 9.89
N PRO A 806 4.83 -43.42 9.81
CA PRO A 806 5.44 -44.06 10.99
C PRO A 806 5.73 -43.07 12.12
N ALA A 807 5.48 -41.79 11.89
CA ALA A 807 5.72 -40.76 12.89
C ALA A 807 4.54 -40.57 13.84
N PHE A 808 3.42 -41.25 13.61
CA PHE A 808 2.25 -41.08 14.46
C PHE A 808 1.28 -42.22 14.20
N LEU A 809 0.30 -42.36 15.10
CA LEU A 809 -0.79 -43.30 14.95
C LEU A 809 -2.11 -42.55 14.99
N ALA A 810 -3.03 -42.91 14.11
CA ALA A 810 -4.33 -42.28 14.02
C ALA A 810 -5.43 -43.32 14.11
N VAL A 811 -6.41 -43.05 14.96
CA VAL A 811 -7.57 -43.93 15.11
C VAL A 811 -8.83 -43.10 14.96
N PRO A 812 -9.69 -43.40 13.99
CA PRO A 812 -10.91 -42.60 13.81
C PRO A 812 -11.84 -42.74 14.99
N VAL A 813 -12.52 -41.63 15.31
CA VAL A 813 -13.50 -41.65 16.40
C VAL A 813 -14.72 -42.47 16.03
N GLU A 814 -15.00 -42.65 14.74
CA GLU A 814 -16.13 -43.46 14.29
C GLU A 814 -15.63 -44.82 13.81
N LYS A 815 -16.42 -45.86 14.09
CA LYS A 815 -16.05 -47.21 13.69
C LYS A 815 -16.27 -47.45 12.20
N GLU A 816 -17.32 -46.88 11.62
CA GLU A 816 -17.58 -47.05 10.20
C GLU A 816 -16.58 -46.25 9.38
N GLN A 817 -16.36 -46.71 8.14
CA GLN A 817 -15.45 -46.06 7.21
C GLN A 817 -16.12 -45.72 5.89
N ALA A 818 -17.42 -45.95 5.78
CA ALA A 818 -18.15 -45.64 4.56
C ALA A 818 -18.38 -44.13 4.45
N PRO A 819 -18.49 -43.61 3.22
CA PRO A 819 -18.82 -42.20 3.06
C PRO A 819 -20.20 -41.88 3.61
N HIS A 820 -20.34 -40.66 4.11
CA HIS A 820 -21.57 -40.23 4.76
C HIS A 820 -22.36 -39.33 3.82
N CYS A 821 -23.66 -39.20 4.11
CA CYS A 821 -24.61 -38.54 3.23
C CYS A 821 -24.47 -37.03 3.41
N ILE A 822 -23.66 -36.40 2.56
CA ILE A 822 -23.38 -34.97 2.61
C ILE A 822 -23.87 -34.32 1.32
N CYS A 823 -25.05 -33.72 1.37
CA CYS A 823 -25.68 -33.23 0.15
C CYS A 823 -25.15 -31.83 -0.15
N ALA A 824 -25.82 -31.13 -1.08
CA ALA A 824 -25.35 -29.83 -1.54
C ALA A 824 -25.29 -28.83 -0.40
N ASN A 825 -24.19 -28.06 -0.36
CA ASN A 825 -23.99 -27.00 0.62
C ASN A 825 -24.00 -27.54 2.06
N GLY A 826 -23.68 -28.82 2.23
CA GLY A 826 -23.58 -29.42 3.54
C GLY A 826 -22.15 -29.63 3.96
N ARG A 827 -21.98 -29.90 5.26
CA ARG A 827 -20.65 -30.17 5.81
C ARG A 827 -20.70 -31.45 6.63
N GLN A 828 -19.65 -32.26 6.48
CA GLN A 828 -19.51 -33.53 7.18
C GLN A 828 -18.29 -33.45 8.07
N THR A 829 -18.48 -33.68 9.36
CA THR A 829 -17.42 -33.59 10.35
C THR A 829 -16.91 -34.99 10.66
N VAL A 830 -15.61 -35.20 10.47
CA VAL A 830 -14.95 -36.46 10.78
C VAL A 830 -13.76 -36.16 11.69
N SER A 831 -13.31 -37.18 12.42
CA SER A 831 -12.28 -36.97 13.42
C SER A 831 -11.45 -38.24 13.57
N TRP A 832 -10.28 -38.09 14.17
CA TRP A 832 -9.38 -39.20 14.46
C TRP A 832 -8.70 -38.96 15.80
N ALA A 833 -8.43 -40.05 16.51
CA ALA A 833 -7.59 -39.99 17.71
C ALA A 833 -6.14 -40.17 17.27
N VAL A 834 -5.35 -39.12 17.38
CA VAL A 834 -4.01 -39.07 16.80
C VAL A 834 -3.00 -38.90 17.92
N THR A 835 -2.02 -39.80 17.96
CA THR A 835 -0.90 -39.69 18.90
C THR A 835 0.41 -39.59 18.13
N PRO A 836 1.13 -38.47 18.25
CA PRO A 836 2.42 -38.35 17.58
C PRO A 836 3.49 -39.21 18.23
N LYS A 837 4.44 -39.64 17.41
CA LYS A 837 5.59 -40.41 17.89
C LYS A 837 6.91 -39.70 17.65
N SER A 838 7.17 -39.26 16.41
CA SER A 838 8.44 -38.64 16.07
C SER A 838 8.37 -37.13 16.28
N LEU A 839 9.42 -36.58 16.87
CA LEU A 839 9.49 -35.15 17.09
C LEU A 839 9.89 -34.43 15.81
N GLY A 840 9.75 -33.10 15.84
CA GLY A 840 10.07 -32.29 14.69
C GLY A 840 8.83 -31.85 13.93
N ASN A 841 9.06 -31.56 12.64
CA ASN A 841 7.98 -31.11 11.77
C ASN A 841 7.44 -32.27 10.96
N VAL A 842 6.13 -32.47 11.04
CA VAL A 842 5.44 -33.49 10.26
C VAL A 842 4.33 -32.81 9.46
N ASN A 843 4.30 -33.05 8.15
CA ASN A 843 3.32 -32.44 7.26
C ASN A 843 2.21 -33.47 6.99
N PHE A 844 1.21 -33.49 7.85
CA PHE A 844 0.11 -34.42 7.71
C PHE A 844 -0.71 -34.10 6.46
N THR A 845 -1.19 -35.17 5.81
CA THR A 845 -2.01 -35.02 4.62
C THR A 845 -3.27 -35.86 4.77
N VAL A 846 -4.38 -35.34 4.22
CA VAL A 846 -5.66 -36.04 4.23
C VAL A 846 -6.29 -35.88 2.85
N SER A 847 -6.77 -36.98 2.29
CA SER A 847 -7.42 -36.97 0.99
C SER A 847 -8.90 -37.22 1.15
N ALA A 848 -9.70 -36.54 0.32
CA ALA A 848 -11.15 -36.67 0.38
C ALA A 848 -11.70 -36.60 -1.04
N GLU A 849 -12.61 -37.53 -1.34
CA GLU A 849 -13.25 -37.58 -2.65
C GLU A 849 -14.54 -38.37 -2.54
N ALA A 850 -15.45 -38.14 -3.48
CA ALA A 850 -16.72 -38.88 -3.50
C ALA A 850 -16.54 -40.15 -4.32
N LEU A 851 -16.88 -41.29 -3.71
CA LEU A 851 -16.76 -42.57 -4.40
C LEU A 851 -17.76 -42.65 -5.54
N GLU A 852 -17.31 -43.16 -6.68
CA GLU A 852 -18.08 -43.11 -7.91
C GLU A 852 -19.04 -44.29 -8.02
N SER A 853 -20.18 -44.03 -8.65
CA SER A 853 -21.16 -45.07 -9.01
C SER A 853 -21.68 -45.83 -7.80
N GLN A 854 -21.88 -45.14 -6.67
CA GLN A 854 -22.46 -45.76 -5.47
C GLN A 854 -23.84 -45.14 -5.23
N GLU A 855 -24.86 -45.99 -5.30
CA GLU A 855 -26.26 -45.55 -5.15
C GLU A 855 -26.68 -45.68 -3.69
N LEU A 856 -26.83 -44.55 -3.02
CA LEU A 856 -27.16 -44.51 -1.59
C LEU A 856 -28.12 -43.34 -1.37
N CYS A 857 -28.16 -42.84 -0.12
CA CYS A 857 -29.18 -41.91 0.35
C CYS A 857 -29.68 -40.92 -0.70
N GLY A 858 -28.77 -40.20 -1.34
CA GLY A 858 -29.17 -39.23 -2.33
C GLY A 858 -29.86 -39.90 -3.51
N THR A 859 -31.04 -39.40 -3.86
CA THR A 859 -31.73 -39.90 -5.05
C THR A 859 -30.87 -39.72 -6.29
N GLU A 860 -30.09 -38.65 -6.32
CA GLU A 860 -29.08 -38.42 -7.35
C GLU A 860 -27.70 -38.57 -6.74
N VAL A 861 -26.81 -39.25 -7.45
CA VAL A 861 -25.46 -39.48 -6.96
C VAL A 861 -24.42 -39.08 -8.01
N PRO A 862 -24.33 -37.79 -8.37
CA PRO A 862 -23.32 -37.38 -9.34
C PRO A 862 -21.94 -37.24 -8.71
N SER A 863 -21.24 -38.36 -8.55
CA SER A 863 -19.94 -38.39 -7.88
C SER A 863 -18.80 -37.86 -8.74
N VAL A 864 -19.09 -37.36 -9.94
CA VAL A 864 -18.03 -36.84 -10.82
C VAL A 864 -18.39 -35.43 -11.27
N PRO A 865 -18.38 -34.45 -10.37
CA PRO A 865 -18.79 -33.08 -10.75
C PRO A 865 -17.85 -32.43 -11.76
N GLU A 866 -16.55 -32.42 -11.44
CA GLU A 866 -15.57 -31.70 -12.23
C GLU A 866 -14.22 -32.39 -12.07
N HIS A 867 -13.20 -31.85 -12.75
CA HIS A 867 -11.86 -32.43 -12.71
C HIS A 867 -11.36 -32.61 -11.29
N GLY A 868 -11.65 -31.67 -10.40
CA GLY A 868 -11.20 -31.77 -9.03
C GLY A 868 -12.09 -32.66 -8.19
N ARG A 869 -11.64 -33.90 -7.96
CA ARG A 869 -12.37 -34.85 -7.11
C ARG A 869 -11.55 -35.23 -5.89
N LYS A 870 -10.30 -35.65 -6.07
CA LYS A 870 -9.44 -35.97 -4.94
C LYS A 870 -8.92 -34.68 -4.33
N ASP A 871 -9.42 -34.33 -3.15
CA ASP A 871 -9.03 -33.12 -2.45
C ASP A 871 -7.98 -33.48 -1.41
N THR A 872 -6.72 -33.19 -1.71
CA THR A 872 -5.60 -33.47 -0.82
C THR A 872 -5.03 -32.16 -0.32
N VAL A 873 -4.95 -32.01 1.00
CA VAL A 873 -4.39 -30.82 1.63
C VAL A 873 -3.35 -31.26 2.65
N ILE A 874 -2.36 -30.40 2.87
CA ILE A 874 -1.24 -30.69 3.75
C ILE A 874 -1.05 -29.51 4.70
N LYS A 875 -0.88 -29.82 6.00
CA LYS A 875 -0.62 -28.81 7.01
C LYS A 875 0.50 -29.34 7.91
N PRO A 876 1.55 -28.56 8.12
CA PRO A 876 2.64 -29.03 8.98
C PRO A 876 2.26 -29.03 10.45
N LEU A 877 2.99 -29.82 11.22
CA LEU A 877 2.75 -29.96 12.65
C LEU A 877 4.07 -30.04 13.38
N LEU A 878 4.16 -29.32 14.50
CA LEU A 878 5.36 -29.27 15.32
C LEU A 878 5.19 -30.17 16.53
N VAL A 879 6.10 -31.13 16.68
CA VAL A 879 6.07 -32.10 17.77
C VAL A 879 7.22 -31.77 18.71
N GLU A 880 6.89 -31.22 19.87
CA GLU A 880 7.92 -30.83 20.82
C GLU A 880 8.05 -31.86 21.93
N PRO A 881 9.24 -32.34 22.23
CA PRO A 881 9.42 -33.34 23.29
C PRO A 881 9.30 -32.71 24.67
N GLU A 882 9.40 -33.56 25.70
CA GLU A 882 9.24 -33.12 27.08
C GLU A 882 10.41 -32.25 27.50
N GLY A 883 10.09 -31.11 28.11
CA GLY A 883 11.11 -30.22 28.64
C GLY A 883 11.68 -29.28 27.59
N LEU A 884 12.48 -28.33 28.07
CA LEU A 884 13.09 -27.34 27.19
C LEU A 884 14.40 -27.86 26.61
N GLU A 885 14.73 -27.37 25.42
CA GLU A 885 15.95 -27.76 24.73
C GLU A 885 17.14 -26.97 25.25
N LYS A 886 18.24 -27.66 25.51
CA LYS A 886 19.52 -26.99 25.71
C LYS A 886 20.31 -27.00 24.42
N GLU A 887 20.86 -25.85 24.07
CA GLU A 887 21.57 -25.65 22.81
C GLU A 887 23.06 -25.48 23.11
N THR A 888 23.87 -26.38 22.55
CA THR A 888 25.32 -26.33 22.70
C THR A 888 25.98 -26.36 21.33
N THR A 889 27.17 -25.78 21.27
CA THR A 889 27.93 -25.67 20.02
C THR A 889 29.33 -26.21 20.22
N PHE A 890 29.76 -27.08 19.30
CA PHE A 890 31.10 -27.65 19.34
C PHE A 890 31.87 -27.38 18.06
N ASN A 891 31.68 -26.19 17.48
CA ASN A 891 32.37 -25.85 16.25
C ASN A 891 33.88 -25.75 16.48
N SER A 892 34.64 -26.06 15.44
CA SER A 892 36.10 -26.00 15.52
C SER A 892 36.65 -25.73 14.12
N LEU A 893 37.52 -24.75 14.04
CA LEU A 893 38.16 -24.36 12.78
C LEU A 893 39.44 -25.16 12.61
N LEU A 894 39.47 -26.04 11.61
CA LEU A 894 40.64 -26.86 11.31
C LEU A 894 41.15 -26.54 9.91
N CYS A 895 42.45 -26.30 9.81
CA CYS A 895 43.09 -25.97 8.54
C CYS A 895 44.07 -27.07 8.18
N PRO A 896 43.76 -27.95 7.23
CA PRO A 896 44.75 -28.94 6.80
C PRO A 896 46.02 -28.31 6.26
N SER A 897 45.91 -27.18 5.56
CA SER A 897 47.05 -26.41 5.06
C SER A 897 47.99 -27.30 4.25
N GLY A 898 47.42 -28.11 3.35
CA GLY A 898 48.22 -29.04 2.58
C GLY A 898 48.66 -30.23 3.41
N GLY A 899 47.69 -30.93 4.00
CA GLY A 899 47.99 -32.06 4.85
C GLY A 899 46.75 -32.72 5.41
N GLU A 900 46.81 -33.18 6.65
CA GLU A 900 45.69 -33.86 7.29
C GLU A 900 45.49 -33.31 8.69
N VAL A 901 44.26 -32.96 9.02
CA VAL A 901 43.89 -32.57 10.37
C VAL A 901 42.66 -33.37 10.80
N SER A 902 42.52 -33.55 12.10
CA SER A 902 41.43 -34.35 12.65
C SER A 902 41.05 -33.84 14.02
N GLU A 903 39.84 -34.19 14.45
CA GLU A 903 39.32 -33.79 15.75
C GLU A 903 38.35 -34.86 16.22
N GLU A 904 38.17 -34.94 17.54
CA GLU A 904 37.31 -35.94 18.17
C GLU A 904 36.15 -35.24 18.86
N LEU A 905 34.93 -35.66 18.53
CA LEU A 905 33.73 -35.07 19.10
C LEU A 905 33.27 -35.86 20.32
N SER A 906 33.01 -35.15 21.41
CA SER A 906 32.52 -35.73 22.64
C SER A 906 31.15 -35.15 22.96
N LEU A 907 30.19 -36.02 23.27
CA LEU A 907 28.81 -35.62 23.54
C LEU A 907 28.36 -36.28 24.82
N LYS A 908 28.02 -35.46 25.82
CA LYS A 908 27.57 -35.94 27.12
C LYS A 908 26.07 -35.68 27.28
N LEU A 909 25.36 -36.71 27.73
CA LEU A 909 23.94 -36.56 27.98
C LEU A 909 23.67 -36.48 29.48
N PRO A 910 23.20 -35.34 29.97
CA PRO A 910 22.81 -35.23 31.38
C PRO A 910 21.69 -36.20 31.71
N PRO A 911 21.60 -36.63 32.97
CA PRO A 911 20.57 -37.62 33.33
C PRO A 911 19.14 -37.15 33.11
N ASN A 912 18.92 -35.84 33.04
CA ASN A 912 17.57 -35.33 32.84
C ASN A 912 17.15 -35.33 31.38
N VAL A 913 18.01 -35.78 30.46
CA VAL A 913 17.67 -35.79 29.05
C VAL A 913 16.55 -36.79 28.81
N VAL A 914 15.50 -36.34 28.13
CA VAL A 914 14.37 -37.21 27.81
C VAL A 914 14.73 -38.07 26.60
N GLU A 915 13.90 -39.06 26.31
CA GLU A 915 14.23 -40.05 25.29
C GLU A 915 14.21 -39.42 23.90
N GLU A 916 15.27 -39.65 23.13
CA GLU A 916 15.36 -39.30 21.72
C GLU A 916 15.12 -37.80 21.49
N SER A 917 15.59 -36.97 22.42
CA SER A 917 15.56 -35.53 22.21
C SER A 917 16.82 -35.01 21.53
N ALA A 918 17.88 -35.80 21.47
CA ALA A 918 19.14 -35.32 20.91
C ALA A 918 19.08 -35.30 19.39
N ARG A 919 19.47 -34.16 18.80
CA ARG A 919 19.55 -34.00 17.36
C ARG A 919 20.89 -33.36 17.04
N ALA A 920 21.86 -34.19 16.68
CA ALA A 920 23.24 -33.75 16.44
C ALA A 920 23.39 -33.43 14.95
N SER A 921 23.39 -32.15 14.62
CA SER A 921 23.57 -31.68 13.26
C SER A 921 24.95 -31.06 13.10
N VAL A 922 25.67 -31.50 12.08
CA VAL A 922 27.01 -30.99 11.79
C VAL A 922 27.03 -30.47 10.36
N SER A 923 27.46 -29.22 10.19
CA SER A 923 27.54 -28.59 8.89
C SER A 923 28.98 -28.24 8.56
N VAL A 924 29.30 -28.26 7.27
CA VAL A 924 30.63 -27.91 6.78
C VAL A 924 30.52 -26.61 6.00
N LEU A 925 31.25 -25.59 6.45
CA LEU A 925 31.24 -24.28 5.82
C LEU A 925 32.67 -23.88 5.48
N GLY A 926 32.90 -23.55 4.22
CA GLY A 926 34.22 -23.08 3.83
C GLY A 926 34.58 -21.75 4.45
N ASP A 927 33.63 -20.82 4.45
CA ASP A 927 33.86 -19.51 5.05
C ASP A 927 33.66 -19.57 6.56
N ILE A 928 34.31 -18.64 7.25
CA ILE A 928 34.15 -18.55 8.71
C ILE A 928 32.73 -18.14 9.06
N LEU A 929 32.24 -17.08 8.43
CA LEU A 929 30.89 -16.57 8.66
C LEU A 929 29.96 -17.09 7.56
N GLY A 930 29.76 -18.41 7.56
CA GLY A 930 28.91 -19.02 6.57
C GLY A 930 27.45 -19.13 7.00
N SER A 931 27.22 -19.77 8.15
CA SER A 931 25.85 -19.94 8.63
C SER A 931 25.15 -18.60 8.75
N ALA A 932 25.82 -17.61 9.35
CA ALA A 932 25.26 -16.27 9.43
C ALA A 932 25.04 -15.68 8.04
N MET A 933 25.77 -16.16 7.03
CA MET A 933 25.51 -15.71 5.67
C MET A 933 24.21 -16.28 5.13
N GLN A 934 23.95 -17.57 5.39
CA GLN A 934 22.70 -18.16 4.91
C GLN A 934 21.48 -17.59 5.64
N ASN A 935 21.53 -17.53 6.97
CA ASN A 935 20.28 -17.32 7.70
C ASN A 935 20.28 -16.03 8.52
N THR A 936 20.67 -14.92 7.88
CA THR A 936 20.76 -13.65 8.59
C THR A 936 19.48 -13.31 9.35
N GLN A 937 18.32 -13.49 8.71
CA GLN A 937 17.07 -13.11 9.34
C GLN A 937 16.79 -13.92 10.59
N ASN A 938 16.58 -15.24 10.43
CA ASN A 938 16.40 -16.12 11.58
C ASN A 938 17.81 -16.46 12.04
N LEU A 939 18.46 -15.47 12.62
CA LEU A 939 19.82 -15.66 13.13
C LEU A 939 19.80 -16.43 14.44
N LEU A 940 18.68 -16.37 15.16
CA LEU A 940 18.64 -16.82 16.54
C LEU A 940 17.17 -16.85 16.98
N GLN A 941 16.94 -17.11 18.26
CA GLN A 941 15.69 -16.79 18.94
C GLN A 941 15.70 -15.29 19.20
N MET A 942 14.95 -14.78 20.20
CA MET A 942 14.95 -13.33 20.41
C MET A 942 14.31 -12.63 19.22
N PRO A 943 12.98 -12.64 19.12
CA PRO A 943 12.32 -12.31 17.84
C PRO A 943 12.39 -10.86 17.40
N TYR A 944 13.33 -10.08 17.95
CA TYR A 944 13.62 -8.72 17.45
C TYR A 944 12.43 -7.77 17.62
N GLY A 945 12.09 -7.49 18.87
CA GLY A 945 11.03 -6.56 19.16
C GLY A 945 11.42 -5.09 19.23
N CYS A 946 12.45 -4.75 20.01
CA CYS A 946 12.81 -3.36 20.22
C CYS A 946 13.86 -2.93 19.20
N GLY A 947 14.42 -1.73 19.40
CA GLY A 947 15.37 -1.16 18.46
C GLY A 947 16.66 -1.93 18.28
N GLU A 948 17.27 -2.34 19.40
CA GLU A 948 18.54 -3.04 19.31
C GLU A 948 18.41 -4.35 18.54
N GLN A 949 17.40 -5.16 18.84
CA GLN A 949 17.22 -6.43 18.14
C GLN A 949 16.84 -6.21 16.68
N ASN A 950 16.04 -5.19 16.40
CA ASN A 950 15.82 -4.86 15.00
C ASN A 950 17.15 -4.53 14.32
N MET A 951 18.06 -3.91 15.05
CA MET A 951 19.35 -3.56 14.46
C MET A 951 20.26 -4.76 14.29
N VAL A 952 20.12 -5.82 15.11
CA VAL A 952 20.83 -7.06 14.81
C VAL A 952 20.19 -7.78 13.64
N LEU A 953 18.89 -7.61 13.43
CA LEU A 953 18.29 -8.10 12.19
C LEU A 953 18.81 -7.34 10.98
N PHE A 954 19.20 -6.08 11.17
CA PHE A 954 19.58 -5.20 10.05
C PHE A 954 21.06 -5.25 9.70
N ALA A 955 21.92 -4.92 10.65
CA ALA A 955 23.32 -4.63 10.34
C ALA A 955 24.14 -5.79 9.77
N PRO A 956 24.06 -7.03 10.27
CA PRO A 956 24.90 -8.10 9.70
C PRO A 956 24.66 -8.32 8.23
N ASN A 957 23.46 -8.02 7.71
CA ASN A 957 23.27 -8.02 6.28
C ASN A 957 24.24 -7.05 5.60
N ILE A 958 24.35 -5.83 6.14
CA ILE A 958 25.31 -4.87 5.63
C ILE A 958 26.72 -5.43 5.67
N TYR A 959 27.12 -5.97 6.82
CA TYR A 959 28.51 -6.41 6.96
C TYR A 959 28.84 -7.58 6.04
N VAL A 960 27.93 -8.55 5.93
CA VAL A 960 28.16 -9.68 5.04
C VAL A 960 28.18 -9.22 3.58
N LEU A 961 27.30 -8.31 3.20
CA LEU A 961 27.30 -7.83 1.83
C LEU A 961 28.59 -7.09 1.51
N ASP A 962 29.10 -6.30 2.46
CA ASP A 962 30.38 -5.64 2.27
C ASP A 962 31.51 -6.66 2.13
N TYR A 963 31.46 -7.73 2.93
CA TYR A 963 32.46 -8.78 2.82
C TYR A 963 32.43 -9.44 1.43
N LEU A 964 31.22 -9.70 0.92
CA LEU A 964 31.10 -10.23 -0.45
C LEU A 964 31.65 -9.26 -1.47
N ASN A 965 31.35 -7.96 -1.34
CA ASN A 965 31.88 -6.98 -2.26
C ASN A 965 33.41 -6.96 -2.24
N GLU A 966 34.00 -7.06 -1.06
CA GLU A 966 35.46 -7.12 -0.96
C GLU A 966 36.02 -8.40 -1.58
N THR A 967 35.35 -9.53 -1.39
CA THR A 967 35.87 -10.79 -1.90
C THR A 967 35.49 -11.01 -3.35
N GLN A 968 34.63 -10.14 -3.90
CA GLN A 968 34.22 -10.13 -5.30
C GLN A 968 33.67 -11.49 -5.79
N GLN A 969 33.00 -12.23 -4.91
CA GLN A 969 32.09 -13.30 -5.33
C GLN A 969 30.66 -12.94 -4.96
N LEU A 970 30.29 -11.68 -5.21
CA LEU A 970 29.03 -11.08 -4.79
C LEU A 970 27.81 -11.96 -5.04
N THR A 971 27.85 -12.78 -6.09
CA THR A 971 26.81 -13.78 -6.36
C THR A 971 25.45 -13.09 -6.40
N PRO A 972 25.13 -12.39 -7.50
CA PRO A 972 24.08 -11.36 -7.46
C PRO A 972 22.72 -11.81 -6.94
N GLU A 973 22.40 -13.11 -6.91
CA GLU A 973 21.10 -13.53 -6.37
C GLU A 973 21.09 -13.41 -4.85
N ILE A 974 22.15 -13.84 -4.17
CA ILE A 974 22.23 -13.63 -2.74
C ILE A 974 22.36 -12.15 -2.42
N LYS A 975 23.00 -11.38 -3.29
CA LYS A 975 23.05 -9.93 -3.11
C LYS A 975 21.67 -9.31 -3.22
N SER A 976 20.84 -9.77 -4.16
CA SER A 976 19.48 -9.26 -4.26
C SER A 976 18.66 -9.66 -3.04
N LYS A 977 18.85 -10.88 -2.54
CA LYS A 977 18.21 -11.26 -1.28
C LYS A 977 18.64 -10.35 -0.14
N ALA A 978 19.94 -10.04 -0.06
CA ALA A 978 20.43 -9.14 0.98
C ALA A 978 19.81 -7.76 0.83
N ILE A 979 19.70 -7.27 -0.41
CA ILE A 979 19.04 -5.99 -0.66
C ILE A 979 17.61 -6.02 -0.12
N GLY A 980 16.86 -7.07 -0.44
CA GLY A 980 15.48 -7.13 -0.01
C GLY A 980 15.34 -7.15 1.50
N TYR A 981 16.06 -8.06 2.16
CA TYR A 981 15.96 -8.13 3.61
C TYR A 981 16.50 -6.88 4.29
N LEU A 982 17.54 -6.25 3.74
CA LEU A 982 18.08 -5.06 4.34
C LEU A 982 17.12 -3.89 4.21
N ASN A 983 16.47 -3.77 3.05
CA ASN A 983 15.46 -2.73 2.87
C ASN A 983 14.28 -2.97 3.80
N THR A 984 13.95 -4.23 4.06
CA THR A 984 12.96 -4.52 5.10
C THR A 984 13.45 -4.05 6.46
N GLY A 985 14.73 -4.30 6.76
CA GLY A 985 15.27 -3.92 8.06
C GLY A 985 15.35 -2.43 8.27
N TYR A 986 15.49 -1.65 7.19
CA TYR A 986 15.45 -0.20 7.33
C TYR A 986 14.09 0.26 7.82
N GLN A 987 13.02 -0.36 7.30
CA GLN A 987 11.71 -0.18 7.89
C GLN A 987 11.70 -0.81 9.29
N ARG A 988 10.75 -0.34 10.12
CA ARG A 988 10.58 -0.66 11.53
C ARG A 988 11.60 0.06 12.40
N GLN A 989 12.63 0.69 11.82
CA GLN A 989 13.42 1.65 12.59
C GLN A 989 12.69 2.96 12.74
N LEU A 990 11.87 3.33 11.76
CA LEU A 990 11.03 4.50 11.85
C LEU A 990 10.01 4.38 12.97
N ASN A 991 9.62 3.15 13.33
CA ASN A 991 8.81 2.95 14.52
C ASN A 991 9.53 3.42 15.78
N TYR A 992 10.86 3.45 15.74
CA TYR A 992 11.65 3.85 16.88
C TYR A 992 12.19 5.27 16.78
N LYS A 993 11.83 6.00 15.72
CA LYS A 993 12.22 7.40 15.57
C LYS A 993 11.13 8.30 16.13
N HIS A 994 11.49 9.17 17.06
CA HIS A 994 10.61 10.24 17.49
C HIS A 994 11.08 11.57 16.89
N TYR A 995 10.30 12.62 17.12
CA TYR A 995 10.51 13.90 16.44
C TYR A 995 11.89 14.48 16.68
N ASP A 996 12.47 14.28 17.87
CA ASP A 996 13.74 14.89 18.19
C ASP A 996 14.88 14.28 17.39
N GLY A 997 14.64 13.15 16.73
CA GLY A 997 15.65 12.51 15.91
C GLY A 997 16.37 11.36 16.56
N SER A 998 16.10 11.08 17.83
CA SER A 998 16.75 9.97 18.50
C SER A 998 15.98 8.68 18.26
N TYR A 999 16.73 7.59 18.09
CA TYR A 999 16.16 6.26 17.92
C TYR A 999 16.28 5.52 19.24
N SER A 1000 15.37 5.81 20.16
CA SER A 1000 15.37 5.17 21.47
C SER A 1000 14.95 3.71 21.30
N THR A 1001 15.02 2.94 22.39
CA THR A 1001 14.60 1.55 22.31
C THR A 1001 13.14 1.42 21.95
N PHE A 1002 12.34 2.44 22.25
CA PHE A 1002 10.92 2.46 21.93
C PHE A 1002 10.44 3.75 21.27
N GLY A 1003 11.14 4.86 21.44
CA GLY A 1003 10.76 6.09 20.77
C GLY A 1003 9.48 6.70 21.31
N GLU A 1004 8.92 7.61 20.51
CA GLU A 1004 7.67 8.28 20.89
C GLU A 1004 6.54 7.30 21.10
N ARG A 1005 6.60 6.13 20.47
CA ARG A 1005 5.54 5.14 20.60
C ARG A 1005 5.34 4.78 22.06
N TYR A 1006 4.06 4.67 22.46
CA TYR A 1006 3.68 4.39 23.85
C TYR A 1006 4.04 5.55 24.77
N GLY A 1007 4.15 6.76 24.21
CA GLY A 1007 4.27 7.97 25.00
C GLY A 1007 5.60 8.21 25.69
N ARG A 1008 6.70 7.68 25.16
CA ARG A 1008 8.02 7.88 25.74
C ARG A 1008 8.76 8.95 24.94
N ASN A 1009 8.89 10.14 25.54
CA ASN A 1009 9.61 11.25 24.92
C ASN A 1009 11.08 11.23 25.35
N GLN A 1010 11.69 10.06 25.17
CA GLN A 1010 13.04 9.81 25.66
C GLN A 1010 13.99 9.60 24.49
N GLY A 1011 15.21 10.14 24.63
CA GLY A 1011 16.25 9.94 23.65
C GLY A 1011 17.42 9.20 24.28
N ASN A 1012 17.81 8.10 23.65
CA ASN A 1012 18.93 7.28 24.11
C ASN A 1012 20.06 7.45 23.11
N THR A 1013 21.21 7.94 23.59
CA THR A 1013 22.32 8.26 22.70
C THR A 1013 22.96 7.00 22.11
N TRP A 1014 23.04 5.93 22.90
CA TRP A 1014 23.76 4.74 22.46
C TRP A 1014 23.15 4.15 21.20
N LEU A 1015 21.83 3.97 21.20
CA LEU A 1015 21.15 3.40 20.04
C LEU A 1015 21.25 4.31 18.83
N THR A 1016 21.20 5.63 19.04
CA THR A 1016 21.38 6.55 17.93
C THR A 1016 22.76 6.36 17.31
N ALA A 1017 23.78 6.26 18.14
CA ALA A 1017 25.13 6.04 17.63
C ALA A 1017 25.22 4.72 16.88
N PHE A 1018 24.64 3.66 17.42
CA PHE A 1018 24.67 2.36 16.76
C PHE A 1018 24.00 2.42 15.39
N VAL A 1019 22.79 2.99 15.35
CA VAL A 1019 22.03 3.01 14.10
C VAL A 1019 22.71 3.89 13.07
N LEU A 1020 23.30 5.01 13.50
CA LEU A 1020 24.06 5.84 12.58
C LEU A 1020 25.29 5.10 12.05
N LYS A 1021 25.98 4.36 12.91
CA LYS A 1021 27.13 3.57 12.45
C LYS A 1021 26.72 2.55 11.42
N THR A 1022 25.57 1.90 11.61
CA THR A 1022 25.06 0.97 10.59
C THR A 1022 24.68 1.70 9.31
N PHE A 1023 23.94 2.81 9.43
CA PHE A 1023 23.47 3.54 8.27
C PHE A 1023 24.63 4.09 7.45
N ALA A 1024 25.79 4.28 8.10
CA ALA A 1024 27.00 4.68 7.40
C ALA A 1024 27.24 3.84 6.13
N GLN A 1025 27.41 2.53 6.31
CA GLN A 1025 27.57 1.67 5.14
C GLN A 1025 26.23 1.28 4.52
N ALA A 1026 25.12 1.45 5.24
CA ALA A 1026 23.83 1.16 4.64
C ALA A 1026 23.53 2.07 3.47
N ARG A 1027 23.86 3.36 3.57
CA ARG A 1027 23.54 4.31 2.51
C ARG A 1027 24.20 3.97 1.19
N ALA A 1028 25.33 3.27 1.20
CA ALA A 1028 26.02 2.93 -0.04
C ALA A 1028 25.26 1.93 -0.88
N TYR A 1029 24.22 1.30 -0.34
CA TYR A 1029 23.52 0.23 -1.03
C TYR A 1029 22.07 0.56 -1.31
N ILE A 1030 21.30 0.96 -0.30
CA ILE A 1030 19.84 0.95 -0.40
C ILE A 1030 19.31 2.37 -0.26
N PHE A 1031 20.21 3.35 -0.29
CA PHE A 1031 19.84 4.77 -0.21
C PHE A 1031 19.03 5.05 1.05
N ILE A 1032 19.71 4.90 2.17
CA ILE A 1032 19.15 5.36 3.44
C ILE A 1032 19.12 6.88 3.40
N ASP A 1033 17.92 7.45 3.59
CA ASP A 1033 17.72 8.86 3.32
C ASP A 1033 18.67 9.73 4.15
N GLU A 1034 19.25 10.73 3.49
CA GLU A 1034 20.20 11.63 4.13
C GLU A 1034 19.60 12.39 5.30
N ALA A 1035 18.27 12.57 5.31
CA ALA A 1035 17.63 13.30 6.39
C ALA A 1035 17.90 12.64 7.74
N HIS A 1036 17.81 11.31 7.80
CA HIS A 1036 18.05 10.61 9.05
C HIS A 1036 19.48 10.80 9.54
N ILE A 1037 20.48 10.59 8.66
CA ILE A 1037 21.87 10.72 9.11
C ILE A 1037 22.24 12.16 9.44
N THR A 1038 21.56 13.14 8.84
CA THR A 1038 21.87 14.53 9.17
C THR A 1038 21.20 14.95 10.46
N GLN A 1039 19.95 14.51 10.68
CA GLN A 1039 19.23 14.91 11.88
C GLN A 1039 19.77 14.19 13.11
N ALA A 1040 20.08 12.90 12.98
CA ALA A 1040 20.71 12.18 14.08
C ALA A 1040 22.11 12.69 14.37
N LEU A 1041 22.79 13.24 13.37
CA LEU A 1041 24.09 13.86 13.62
C LEU A 1041 23.95 15.22 14.29
N ILE A 1042 22.89 15.96 13.94
CA ILE A 1042 22.60 17.21 14.64
C ILE A 1042 22.32 16.91 16.11
N TRP A 1043 21.49 15.91 16.37
CA TRP A 1043 21.36 15.39 17.72
C TRP A 1043 22.65 14.67 18.10
N LEU A 1044 22.79 14.39 19.40
CA LEU A 1044 23.94 13.73 20.00
C LEU A 1044 25.22 14.51 19.74
N SER A 1045 25.11 15.66 19.05
CA SER A 1045 26.23 16.57 18.92
C SER A 1045 25.94 17.89 19.62
N GLN A 1046 24.72 18.41 19.48
CA GLN A 1046 24.28 19.51 20.32
C GLN A 1046 24.30 19.11 21.79
N ARG A 1047 24.14 17.82 22.06
CA ARG A 1047 24.23 17.27 23.41
C ARG A 1047 25.70 16.97 23.68
N GLN A 1048 26.45 18.02 24.00
CA GLN A 1048 27.87 17.93 24.26
C GLN A 1048 28.31 19.05 25.19
N LYS A 1049 29.23 18.73 26.09
CA LYS A 1049 29.90 19.72 26.91
C LYS A 1049 31.41 19.61 26.68
N ASP A 1050 32.08 20.76 26.77
CA ASP A 1050 33.41 20.98 26.20
C ASP A 1050 34.37 19.81 26.41
N ASN A 1051 34.65 19.47 27.66
CA ASN A 1051 35.45 18.28 27.98
C ASN A 1051 34.57 17.10 28.38
N GLY A 1052 33.26 17.26 28.30
CA GLY A 1052 32.35 16.23 28.77
C GLY A 1052 31.79 15.35 27.69
N CYS A 1053 32.03 15.69 26.43
CA CYS A 1053 31.94 14.75 25.32
C CYS A 1053 30.70 13.85 25.31
N PHE A 1054 29.55 14.44 25.00
CA PHE A 1054 28.33 13.69 24.69
C PHE A 1054 27.76 12.98 25.91
N ARG A 1055 27.40 13.75 26.94
CA ARG A 1055 26.73 13.21 28.10
C ARG A 1055 25.45 12.49 27.70
N SER A 1056 25.23 11.32 28.32
CA SER A 1056 24.09 10.48 28.00
C SER A 1056 22.89 10.82 28.88
N SER A 1057 21.70 10.69 28.31
CA SER A 1057 20.45 10.77 29.05
C SER A 1057 19.79 9.42 29.27
N GLY A 1058 19.74 8.58 28.24
CA GLY A 1058 19.21 7.24 28.41
C GLY A 1058 20.14 6.35 29.22
N SER A 1059 19.55 5.39 29.90
CA SER A 1059 20.33 4.49 30.74
C SER A 1059 21.16 3.53 29.90
N LEU A 1060 22.40 3.29 30.33
CA LEU A 1060 23.23 2.31 29.67
C LEU A 1060 22.67 0.90 29.91
N LEU A 1061 22.92 0.01 28.96
CA LEU A 1061 22.33 -1.32 28.97
C LEU A 1061 23.26 -2.34 29.61
N ASN A 1062 22.68 -3.24 30.42
CA ASN A 1062 23.36 -4.40 30.95
C ASN A 1062 24.60 -3.93 31.70
N ASN A 1063 24.41 -3.22 32.81
CA ASN A 1063 25.55 -2.74 33.60
C ASN A 1063 26.48 -3.88 34.03
N ALA A 1064 26.06 -5.13 33.86
CA ALA A 1064 26.93 -6.26 34.20
C ALA A 1064 28.19 -6.29 33.35
N ILE A 1065 28.09 -5.97 32.06
CA ILE A 1065 29.26 -6.03 31.18
C ILE A 1065 30.34 -5.07 31.67
N LYS A 1066 29.92 -4.01 32.34
CA LYS A 1066 30.84 -2.97 32.84
C LYS A 1066 30.72 -2.91 34.35
N GLY A 1067 31.58 -3.65 35.05
CA GLY A 1067 31.46 -3.76 36.50
C GLY A 1067 31.58 -2.42 37.20
N GLY A 1068 32.57 -1.61 36.82
CA GLY A 1068 32.67 -0.27 37.37
C GLY A 1068 31.64 0.67 36.77
N VAL A 1069 31.57 1.86 37.36
CA VAL A 1069 30.63 2.86 36.84
C VAL A 1069 31.00 3.25 35.42
N GLU A 1070 32.28 3.51 35.16
CA GLU A 1070 32.86 3.67 33.83
C GLU A 1070 32.03 4.58 32.91
N ASP A 1071 31.26 5.49 33.49
CA ASP A 1071 30.45 6.38 32.67
C ASP A 1071 31.31 7.45 32.04
N GLU A 1072 30.83 8.02 30.94
CA GLU A 1072 31.49 9.10 30.20
C GLU A 1072 32.76 8.61 29.49
N VAL A 1073 33.15 7.37 29.72
CA VAL A 1073 34.28 6.76 29.02
C VAL A 1073 33.82 5.70 28.04
N THR A 1074 33.09 4.69 28.51
CA THR A 1074 32.58 3.65 27.61
C THR A 1074 31.71 4.25 26.52
N LEU A 1075 30.71 5.03 26.90
CA LEU A 1075 29.75 5.52 25.93
C LEU A 1075 30.36 6.58 25.03
N SER A 1076 31.23 7.42 25.58
CA SER A 1076 31.91 8.41 24.74
C SER A 1076 32.80 7.73 23.70
N ALA A 1077 33.59 6.75 24.14
CA ALA A 1077 34.44 6.02 23.21
C ALA A 1077 33.60 5.31 22.16
N TYR A 1078 32.46 4.74 22.56
CA TYR A 1078 31.63 4.05 21.59
C TYR A 1078 31.01 5.01 20.59
N ILE A 1079 30.50 6.14 21.05
CA ILE A 1079 29.87 7.08 20.13
C ILE A 1079 30.88 7.67 19.16
N THR A 1080 32.12 7.89 19.60
CA THR A 1080 33.14 8.37 18.67
C THR A 1080 33.37 7.40 17.52
N ILE A 1081 33.55 6.11 17.83
CA ILE A 1081 33.76 5.15 16.76
C ILE A 1081 32.51 5.03 15.89
N ALA A 1082 31.32 5.11 16.51
CA ALA A 1082 30.08 4.97 15.76
C ALA A 1082 29.92 6.08 14.74
N LEU A 1083 30.16 7.33 15.14
CA LEU A 1083 30.05 8.46 14.24
C LEU A 1083 31.33 8.72 13.47
N LEU A 1084 32.36 7.89 13.66
CA LEU A 1084 33.53 7.92 12.80
C LEU A 1084 33.48 6.87 11.70
N GLU A 1085 32.70 5.80 11.90
CA GLU A 1085 32.53 4.81 10.84
C GLU A 1085 31.94 5.44 9.58
N ILE A 1086 30.99 6.35 9.75
CA ILE A 1086 30.48 7.16 8.65
C ILE A 1086 31.67 7.97 8.12
N PRO A 1087 31.82 8.16 6.80
CA PRO A 1087 32.98 8.90 6.30
C PRO A 1087 33.12 10.26 6.96
N LEU A 1088 34.14 10.38 7.80
CA LEU A 1088 34.35 11.55 8.63
C LEU A 1088 35.75 11.50 9.23
N THR A 1089 36.48 12.61 9.18
CA THR A 1089 37.86 12.63 9.63
C THR A 1089 37.97 13.58 10.82
N VAL A 1090 39.16 13.66 11.40
CA VAL A 1090 39.43 14.42 12.61
C VAL A 1090 39.07 15.89 12.41
N THR A 1091 39.07 16.34 11.15
CA THR A 1091 38.81 17.72 10.80
C THR A 1091 37.37 18.11 11.14
N HIS A 1092 36.49 17.12 11.31
CA HIS A 1092 35.11 17.41 11.65
C HIS A 1092 35.04 17.85 13.11
N PRO A 1093 34.22 18.85 13.47
CA PRO A 1093 34.28 19.40 14.83
C PRO A 1093 33.97 18.40 15.94
N VAL A 1094 33.03 17.48 15.75
CA VAL A 1094 32.62 16.62 16.86
C VAL A 1094 33.76 15.70 17.27
N VAL A 1095 34.38 15.02 16.31
CA VAL A 1095 35.54 14.19 16.63
C VAL A 1095 36.74 15.03 17.06
N ARG A 1096 36.89 16.24 16.51
CA ARG A 1096 37.99 17.11 16.93
C ARG A 1096 37.90 17.42 18.42
N ASN A 1097 36.69 17.70 18.91
CA ASN A 1097 36.47 17.94 20.32
C ASN A 1097 36.38 16.65 21.13
N ALA A 1098 36.12 15.52 20.48
CA ALA A 1098 35.96 14.24 21.16
C ALA A 1098 37.28 13.55 21.47
N LEU A 1099 38.18 13.43 20.49
CA LEU A 1099 39.46 12.76 20.71
C LEU A 1099 40.24 13.35 21.89
N PHE A 1100 40.06 14.64 22.16
CA PHE A 1100 40.58 15.23 23.39
C PHE A 1100 40.12 14.43 24.60
N CYS A 1101 38.82 14.15 24.68
CA CYS A 1101 38.29 13.42 25.83
C CYS A 1101 38.84 12.00 25.91
N LEU A 1102 38.91 11.31 24.78
CA LEU A 1102 39.41 9.94 24.82
C LEU A 1102 40.88 9.89 25.25
N GLU A 1103 41.73 10.76 24.70
CA GLU A 1103 43.13 10.72 25.10
C GLU A 1103 43.28 11.13 26.57
N SER A 1104 42.53 12.14 27.01
CA SER A 1104 42.62 12.57 28.40
C SER A 1104 42.15 11.47 29.35
N ALA A 1105 41.06 10.79 28.99
CA ALA A 1105 40.55 9.70 29.80
C ALA A 1105 41.52 8.53 29.86
N TRP A 1106 42.17 8.20 28.75
CA TRP A 1106 43.16 7.13 28.81
C TRP A 1106 44.36 7.53 29.65
N LYS A 1107 44.78 8.79 29.55
CA LYS A 1107 45.90 9.25 30.37
C LYS A 1107 45.56 9.23 31.85
N THR A 1108 44.34 9.63 32.20
CA THR A 1108 43.94 9.61 33.61
C THR A 1108 43.75 8.19 34.13
N ALA A 1109 43.11 7.32 33.36
CA ALA A 1109 42.97 5.93 33.76
C ALA A 1109 44.31 5.21 33.81
N GLN A 1110 45.33 5.75 33.14
CA GLN A 1110 46.67 5.20 33.26
C GLN A 1110 47.20 5.33 34.68
N GLU A 1111 46.71 6.31 35.44
CA GLU A 1111 47.08 6.50 36.83
C GLU A 1111 45.93 6.24 37.79
N GLY A 1112 44.72 6.00 37.29
CA GLY A 1112 43.58 5.75 38.14
C GLY A 1112 43.48 4.33 38.62
N ASP A 1113 42.29 3.73 38.49
CA ASP A 1113 42.09 2.35 38.91
C ASP A 1113 42.98 1.41 38.10
N HIS A 1114 43.60 0.47 38.82
CA HIS A 1114 44.50 -0.51 38.21
C HIS A 1114 43.66 -1.50 37.41
N GLY A 1115 43.66 -1.33 36.09
CA GLY A 1115 42.81 -2.15 35.23
C GLY A 1115 41.34 -1.88 35.47
N SER A 1116 40.55 -2.94 35.59
CA SER A 1116 39.13 -2.85 35.94
C SER A 1116 38.32 -2.12 34.86
N HIS A 1117 38.98 -1.72 33.77
CA HIS A 1117 38.32 -1.03 32.68
C HIS A 1117 38.77 -1.55 31.32
N VAL A 1118 38.83 -2.88 31.17
CA VAL A 1118 39.26 -3.49 29.92
C VAL A 1118 38.31 -3.19 28.79
N TYR A 1119 37.00 -3.12 29.06
CA TYR A 1119 36.04 -2.73 28.03
C TYR A 1119 36.32 -1.33 27.52
N THR A 1120 36.56 -0.40 28.46
CA THR A 1120 36.89 0.97 28.07
C THR A 1120 38.16 0.97 27.22
N LYS A 1121 39.17 0.21 27.65
CA LYS A 1121 40.42 0.17 26.93
C LYS A 1121 40.27 -0.40 25.52
N ALA A 1122 39.44 -1.44 25.36
CA ALA A 1122 39.18 -2.00 24.03
C ALA A 1122 38.50 -0.98 23.14
N LEU A 1123 37.51 -0.25 23.68
CA LEU A 1123 36.89 0.81 22.89
C LEU A 1123 37.90 1.89 22.53
N LEU A 1124 38.75 2.27 23.47
CA LEU A 1124 39.82 3.23 23.18
C LEU A 1124 40.80 2.67 22.16
N ALA A 1125 41.12 1.37 22.24
CA ALA A 1125 42.01 0.76 21.26
C ALA A 1125 41.43 0.87 19.85
N TYR A 1126 40.15 0.56 19.70
CA TYR A 1126 39.52 0.65 18.39
C TYR A 1126 39.43 2.11 17.93
N ALA A 1127 39.16 3.04 18.86
CA ALA A 1127 39.09 4.45 18.49
C ALA A 1127 40.44 4.94 17.98
N PHE A 1128 41.52 4.55 18.66
CA PHE A 1128 42.86 4.92 18.21
C PHE A 1128 43.19 4.27 16.87
N ALA A 1129 42.75 3.04 16.66
CA ALA A 1129 42.94 2.39 15.36
C ALA A 1129 42.23 3.16 14.25
N LEU A 1130 41.02 3.65 14.53
CA LEU A 1130 40.28 4.43 13.54
C LEU A 1130 40.89 5.80 13.29
N ALA A 1131 41.34 6.50 14.34
CA ALA A 1131 41.82 7.86 14.18
C ALA A 1131 43.24 7.91 13.63
N GLY A 1132 43.89 6.77 13.44
CA GLY A 1132 45.27 6.78 12.99
C GLY A 1132 46.26 7.07 14.09
N ASN A 1133 45.85 6.94 15.35
CA ASN A 1133 46.72 7.21 16.49
C ASN A 1133 47.42 5.92 16.91
N GLN A 1134 48.19 5.36 15.97
CA GLN A 1134 48.97 4.17 16.26
C GLN A 1134 49.97 4.42 17.38
N ASP A 1135 50.48 5.66 17.46
CA ASP A 1135 51.47 6.01 18.48
C ASP A 1135 50.87 5.97 19.88
N LYS A 1136 49.54 5.86 19.98
CA LYS A 1136 48.90 5.49 21.23
C LYS A 1136 48.17 4.15 21.11
N ARG A 1137 47.80 3.75 19.90
CA ARG A 1137 47.10 2.49 19.71
C ARG A 1137 47.96 1.32 20.17
N LYS A 1138 49.20 1.23 19.69
CA LYS A 1138 50.03 0.09 20.05
C LYS A 1138 50.35 0.07 21.55
N GLU A 1139 50.41 1.25 22.18
CA GLU A 1139 50.59 1.31 23.62
C GLU A 1139 49.36 0.76 24.35
N VAL A 1140 48.16 1.06 23.85
CA VAL A 1140 46.97 0.44 24.43
C VAL A 1140 47.00 -1.07 24.23
N LEU A 1141 47.38 -1.51 23.03
CA LEU A 1141 47.37 -2.94 22.71
C LEU A 1141 48.36 -3.72 23.56
N LYS A 1142 49.54 -3.14 23.84
CA LYS A 1142 50.50 -3.88 24.65
C LYS A 1142 49.97 -4.12 26.06
N SER A 1143 49.27 -3.14 26.64
CA SER A 1143 48.65 -3.33 27.95
C SER A 1143 47.52 -4.35 27.87
N LEU A 1144 46.70 -4.26 26.83
CA LEU A 1144 45.60 -5.22 26.66
C LEU A 1144 46.13 -6.64 26.52
N ASN A 1145 47.33 -6.80 25.97
CA ASN A 1145 47.90 -8.14 25.82
C ASN A 1145 48.12 -8.80 27.18
N GLU A 1146 48.66 -8.07 28.15
CA GLU A 1146 48.81 -8.63 29.49
C GLU A 1146 47.47 -8.72 30.20
N GLU A 1147 46.56 -7.78 29.93
CA GLU A 1147 45.25 -7.84 30.55
C GLU A 1147 44.40 -8.99 30.02
N ALA A 1148 44.83 -9.61 28.92
CA ALA A 1148 44.13 -10.77 28.38
C ALA A 1148 44.47 -12.02 29.19
N VAL A 1149 43.70 -13.08 28.97
CA VAL A 1149 43.96 -14.40 29.56
C VAL A 1149 44.19 -15.37 28.41
N LYS A 1150 45.36 -16.01 28.41
CA LYS A 1150 45.74 -16.90 27.32
C LYS A 1150 45.37 -18.34 27.67
N LYS A 1151 44.80 -19.05 26.71
CA LYS A 1151 44.36 -20.43 26.92
C LYS A 1151 44.42 -21.17 25.60
N ASP A 1152 45.28 -22.18 25.52
CA ASP A 1152 45.48 -22.97 24.31
C ASP A 1152 45.79 -22.07 23.12
N ASN A 1153 46.88 -21.32 23.26
CA ASN A 1153 47.39 -20.34 22.29
C ASN A 1153 46.29 -19.51 21.65
N SER A 1154 45.26 -19.19 22.45
CA SER A 1154 44.14 -18.37 22.01
C SER A 1154 43.87 -17.34 23.10
N VAL A 1155 44.29 -16.09 22.86
CA VAL A 1155 44.20 -15.03 23.84
C VAL A 1155 42.72 -14.70 24.05
N HIS A 1156 42.30 -14.64 25.31
CA HIS A 1156 40.91 -14.40 25.66
C HIS A 1156 40.86 -13.36 26.76
N TRP A 1157 40.42 -12.15 26.41
CA TRP A 1157 40.14 -11.13 27.41
C TRP A 1157 39.00 -11.59 28.29
N GLU A 1158 39.03 -11.17 29.56
CA GLU A 1158 38.13 -11.76 30.54
C GLU A 1158 37.50 -10.67 31.39
N ARG A 1159 36.27 -10.91 31.84
CA ARG A 1159 35.46 -9.89 32.48
C ARG A 1159 36.00 -9.58 33.87
N PRO A 1160 36.16 -8.30 34.22
CA PRO A 1160 36.92 -7.94 35.44
C PRO A 1160 36.36 -8.49 36.74
N GLN A 1161 35.03 -8.59 36.89
CA GLN A 1161 34.47 -9.06 38.15
C GLN A 1161 34.39 -10.58 38.21
N LYS A 1162 34.68 -11.25 37.09
CA LYS A 1162 34.76 -12.71 37.05
C LYS A 1162 33.47 -13.39 37.51
N PRO A 1163 32.41 -13.38 36.69
CA PRO A 1163 31.18 -14.07 37.08
C PRO A 1163 31.29 -15.56 36.83
N LYS A 1164 30.98 -16.36 37.85
CA LYS A 1164 30.90 -17.82 37.71
C LYS A 1164 29.57 -18.27 38.30
N ALA A 1165 28.51 -18.14 37.50
CA ALA A 1165 27.19 -18.68 37.80
C ALA A 1165 27.08 -20.16 37.42
N PRO A 1166 27.51 -20.60 36.23
CA PRO A 1166 27.34 -22.01 35.86
C PRO A 1166 28.08 -22.93 36.84
N VAL A 1167 27.43 -24.04 37.17
CA VAL A 1167 27.99 -25.03 38.09
C VAL A 1167 27.77 -26.42 37.51
N GLY A 1168 28.84 -27.21 37.50
CA GLY A 1168 28.77 -28.59 37.07
C GLY A 1168 28.40 -28.80 35.62
N HIS A 1169 28.60 -27.80 34.76
CA HIS A 1169 28.26 -27.92 33.35
C HIS A 1169 29.37 -27.30 32.51
N PHE A 1170 30.04 -28.13 31.71
CA PHE A 1170 30.99 -27.62 30.73
C PHE A 1170 30.30 -27.18 29.44
N TYR A 1171 29.03 -27.54 29.27
CA TYR A 1171 28.29 -27.13 28.08
C TYR A 1171 27.91 -25.66 28.14
N GLU A 1172 27.47 -25.21 29.30
CA GLU A 1172 26.95 -23.86 29.53
C GLU A 1172 27.92 -22.72 29.21
N PRO A 1173 29.26 -22.89 29.31
CA PRO A 1173 30.13 -21.77 28.98
C PRO A 1173 30.11 -21.36 27.51
N GLN A 1174 28.91 -20.99 27.02
CA GLN A 1174 28.78 -20.33 25.73
C GLN A 1174 28.05 -19.00 25.88
N ALA A 1175 27.72 -18.61 27.11
CA ALA A 1175 26.91 -17.44 27.45
C ALA A 1175 27.62 -16.08 27.42
N PRO A 1176 28.87 -15.96 27.89
CA PRO A 1176 29.39 -14.63 28.26
C PRO A 1176 29.22 -13.60 27.15
N SER A 1177 28.56 -12.50 27.50
CA SER A 1177 28.22 -11.44 26.57
C SER A 1177 29.21 -10.28 26.61
N ALA A 1178 29.91 -10.09 27.73
CA ALA A 1178 30.95 -9.07 27.80
C ALA A 1178 32.31 -9.53 27.33
N GLU A 1179 32.64 -10.82 27.44
CA GLU A 1179 33.91 -11.34 27.00
C GLU A 1179 34.03 -11.39 25.49
N VAL A 1180 32.94 -11.16 24.77
CA VAL A 1180 32.96 -11.26 23.31
C VAL A 1180 33.15 -9.88 22.67
N GLU A 1181 32.95 -8.81 23.43
CA GLU A 1181 33.23 -7.47 22.90
C GLU A 1181 34.71 -7.14 22.99
N MET A 1182 35.24 -7.04 24.21
CA MET A 1182 36.63 -6.66 24.39
C MET A 1182 37.56 -7.53 23.55
N THR A 1183 37.27 -8.84 23.45
CA THR A 1183 38.00 -9.68 22.51
C THR A 1183 37.74 -9.27 21.07
N SER A 1184 36.48 -9.17 20.66
CA SER A 1184 36.20 -8.78 19.28
C SER A 1184 36.67 -7.36 19.00
N TYR A 1185 36.53 -6.46 19.98
CA TYR A 1185 36.99 -5.09 19.76
C TYR A 1185 38.50 -5.02 19.60
N VAL A 1186 39.26 -5.74 20.44
CA VAL A 1186 40.70 -5.70 20.28
C VAL A 1186 41.10 -6.39 18.98
N LEU A 1187 40.39 -7.45 18.60
CA LEU A 1187 40.59 -8.06 17.28
C LEU A 1187 40.42 -7.05 16.17
N LEU A 1188 39.33 -6.30 16.21
CA LEU A 1188 39.01 -5.41 15.10
C LEU A 1188 39.98 -4.23 15.07
N ALA A 1189 40.44 -3.79 16.24
CA ALA A 1189 41.47 -2.77 16.31
C ALA A 1189 42.79 -3.29 15.74
N TYR A 1190 43.12 -4.55 16.03
CA TYR A 1190 44.29 -5.17 15.41
C TYR A 1190 44.15 -5.18 13.89
N LEU A 1191 42.98 -5.54 13.40
CA LEU A 1191 42.72 -5.62 11.97
C LEU A 1191 42.78 -4.25 11.30
N THR A 1192 42.24 -3.22 11.96
CA THR A 1192 42.13 -1.89 11.37
C THR A 1192 43.46 -1.16 11.49
N ALA A 1193 44.39 -1.54 10.61
CA ALA A 1193 45.65 -0.83 10.47
C ALA A 1193 45.56 0.04 9.23
N GLN A 1194 45.73 1.36 9.42
CA GLN A 1194 45.53 2.29 8.31
C GLN A 1194 46.45 2.04 7.12
N PRO A 1195 47.78 1.87 7.28
CA PRO A 1195 48.60 1.53 6.10
C PRO A 1195 48.24 0.17 5.53
N ALA A 1196 48.32 -0.87 6.36
CA ALA A 1196 48.02 -2.24 5.99
C ALA A 1196 48.07 -3.09 7.23
N PRO A 1197 47.22 -4.12 7.36
CA PRO A 1197 47.33 -5.02 8.51
C PRO A 1197 48.66 -5.75 8.54
N THR A 1198 49.46 -5.50 9.58
CA THR A 1198 50.79 -6.08 9.67
C THR A 1198 50.72 -7.57 9.99
N SER A 1199 51.82 -8.27 9.74
CA SER A 1199 51.87 -9.71 9.96
C SER A 1199 51.65 -10.08 11.42
N GLU A 1200 52.24 -9.33 12.35
CA GLU A 1200 52.01 -9.60 13.77
C GLU A 1200 50.55 -9.38 14.13
N ASP A 1201 49.91 -8.39 13.52
CA ASP A 1201 48.48 -8.19 13.71
C ASP A 1201 47.69 -9.41 13.27
N LEU A 1202 48.06 -10.02 12.15
CA LEU A 1202 47.38 -11.24 11.71
C LEU A 1202 47.66 -12.40 12.63
N THR A 1203 48.88 -12.49 13.17
CA THR A 1203 49.18 -13.57 14.11
C THR A 1203 48.32 -13.45 15.36
N SER A 1204 48.17 -12.24 15.89
CA SER A 1204 47.27 -12.03 17.03
C SER A 1204 45.81 -12.27 16.64
N ALA A 1205 45.46 -11.90 15.41
CA ALA A 1205 44.10 -12.11 14.92
C ALA A 1205 43.76 -13.58 14.86
N THR A 1206 44.72 -14.43 14.48
CA THR A 1206 44.46 -15.87 14.46
C THR A 1206 44.13 -16.38 15.87
N ASN A 1207 44.92 -15.97 16.87
CA ASN A 1207 44.67 -16.38 18.24
C ASN A 1207 43.36 -15.86 18.79
N ILE A 1208 42.91 -14.67 18.36
CA ILE A 1208 41.60 -14.19 18.80
C ILE A 1208 40.48 -14.91 18.07
N VAL A 1209 40.64 -15.14 16.76
CA VAL A 1209 39.62 -15.78 15.95
C VAL A 1209 39.38 -17.21 16.41
N LYS A 1210 40.43 -17.92 16.81
CA LYS A 1210 40.23 -19.28 17.31
C LYS A 1210 39.23 -19.28 18.46
N TRP A 1211 39.46 -18.46 19.48
CA TRP A 1211 38.53 -18.39 20.59
C TRP A 1211 37.15 -17.89 20.20
N ILE A 1212 37.05 -16.85 19.37
CA ILE A 1212 35.74 -16.28 19.09
C ILE A 1212 34.91 -17.26 18.27
N THR A 1213 35.56 -18.05 17.41
CA THR A 1213 34.85 -19.09 16.67
C THR A 1213 34.44 -20.23 17.58
N LYS A 1214 35.34 -20.66 18.48
CA LYS A 1214 34.97 -21.68 19.45
C LYS A 1214 33.87 -21.21 20.40
N GLN A 1215 33.73 -19.90 20.56
CA GLN A 1215 32.68 -19.31 21.38
C GLN A 1215 31.44 -18.97 20.57
N GLN A 1216 31.50 -19.11 19.25
CA GLN A 1216 30.39 -18.73 18.39
C GLN A 1216 29.36 -19.86 18.33
N ASN A 1217 28.14 -19.56 18.77
CA ASN A 1217 27.06 -20.53 18.77
C ASN A 1217 26.66 -20.86 17.34
N ALA A 1218 26.22 -22.10 17.13
CA ALA A 1218 25.87 -22.57 15.80
C ALA A 1218 24.56 -21.93 15.36
N GLN A 1219 24.08 -22.33 14.18
CA GLN A 1219 22.90 -21.72 13.54
C GLN A 1219 23.14 -20.23 13.29
N GLY A 1220 24.41 -19.82 13.37
CA GLY A 1220 24.76 -18.41 13.28
C GLY A 1220 24.30 -17.60 14.46
N GLY A 1221 23.91 -18.25 15.56
CA GLY A 1221 23.33 -17.55 16.69
C GLY A 1221 24.28 -16.63 17.42
N PHE A 1222 25.26 -17.19 18.12
CA PHE A 1222 26.22 -16.43 18.91
C PHE A 1222 25.47 -15.55 19.92
N SER A 1223 24.87 -16.26 20.89
CA SER A 1223 23.68 -15.82 21.62
C SER A 1223 23.58 -14.32 21.89
N SER A 1224 24.61 -13.74 22.47
CA SER A 1224 24.58 -12.33 22.82
C SER A 1224 24.49 -11.47 21.57
N THR A 1225 23.46 -10.62 21.51
CA THR A 1225 22.81 -10.19 20.27
C THR A 1225 23.46 -8.99 19.57
N GLN A 1226 23.35 -7.79 20.16
CA GLN A 1226 24.16 -6.66 19.67
C GLN A 1226 25.62 -7.03 19.75
N ASP A 1227 25.92 -7.85 20.76
CA ASP A 1227 27.22 -8.44 20.92
C ASP A 1227 27.59 -9.22 19.66
N THR A 1228 26.61 -9.96 19.12
CA THR A 1228 26.80 -10.68 17.86
C THR A 1228 27.04 -9.73 16.71
N VAL A 1229 26.34 -8.59 16.69
CA VAL A 1229 26.59 -7.62 15.62
C VAL A 1229 28.05 -7.21 15.61
N VAL A 1230 28.55 -6.80 16.77
CA VAL A 1230 29.94 -6.34 16.83
C VAL A 1230 30.92 -7.46 16.48
N ALA A 1231 30.72 -8.67 17.02
CA ALA A 1231 31.64 -9.76 16.74
C ALA A 1231 31.58 -10.16 15.27
N LEU A 1232 30.40 -10.16 14.67
CA LEU A 1232 30.28 -10.57 13.28
C LEU A 1232 30.91 -9.53 12.35
N HIS A 1233 30.81 -8.25 12.70
CA HIS A 1233 31.54 -7.25 11.93
C HIS A 1233 33.04 -7.43 12.10
N ALA A 1234 33.49 -7.82 13.29
CA ALA A 1234 34.91 -8.12 13.49
C ALA A 1234 35.37 -9.27 12.59
N LEU A 1235 34.57 -10.34 12.53
CA LEU A 1235 34.90 -11.45 11.65
C LEU A 1235 34.83 -11.06 10.18
N SER A 1236 33.91 -10.16 9.82
CA SER A 1236 33.86 -9.67 8.44
C SER A 1236 35.14 -8.95 8.07
N LYS A 1237 35.60 -8.06 8.96
CA LYS A 1237 36.88 -7.39 8.71
C LYS A 1237 38.06 -8.35 8.74
N TYR A 1238 37.97 -9.45 9.51
CA TYR A 1238 39.02 -10.46 9.48
C TYR A 1238 39.07 -11.16 8.13
N GLY A 1239 37.91 -11.61 7.65
CA GLY A 1239 37.84 -12.24 6.34
C GLY A 1239 38.18 -11.32 5.19
N ALA A 1240 38.01 -10.01 5.40
CA ALA A 1240 38.42 -9.05 4.36
C ALA A 1240 39.91 -9.13 4.08
N ALA A 1241 40.73 -9.26 5.13
CA ALA A 1241 42.17 -9.33 4.95
C ALA A 1241 42.71 -10.76 4.89
N THR A 1242 41.91 -11.75 5.30
CA THR A 1242 42.36 -13.14 5.35
C THR A 1242 41.77 -13.95 4.20
N PHE A 1243 41.68 -13.34 3.02
CA PHE A 1243 41.14 -14.04 1.87
C PHE A 1243 42.23 -14.90 1.22
N THR A 1244 41.78 -16.01 0.62
CA THR A 1244 42.69 -16.96 -0.03
C THR A 1244 41.94 -17.59 -1.20
N ARG A 1245 42.20 -17.08 -2.41
CA ARG A 1245 41.55 -17.63 -3.61
C ARG A 1245 42.17 -18.94 -4.06
N THR A 1246 43.35 -19.28 -3.56
CA THR A 1246 44.04 -20.50 -3.97
C THR A 1246 43.55 -21.75 -3.25
N GLY A 1247 42.71 -21.61 -2.24
CA GLY A 1247 42.21 -22.76 -1.49
C GLY A 1247 41.16 -23.54 -2.24
N LYS A 1248 41.55 -24.17 -3.34
CA LYS A 1248 40.59 -24.95 -4.13
C LYS A 1248 40.42 -26.35 -3.58
N ALA A 1249 41.51 -27.12 -3.53
CA ALA A 1249 41.44 -28.51 -3.08
C ALA A 1249 41.19 -28.58 -1.57
N ALA A 1250 40.18 -29.35 -1.18
CA ALA A 1250 39.86 -29.56 0.21
C ALA A 1250 38.91 -30.75 0.33
N GLN A 1251 39.22 -31.67 1.23
CA GLN A 1251 38.43 -32.86 1.44
C GLN A 1251 38.02 -32.93 2.91
N VAL A 1252 36.73 -33.12 3.16
CA VAL A 1252 36.19 -33.27 4.51
C VAL A 1252 35.64 -34.68 4.62
N THR A 1253 36.17 -35.45 5.57
CA THR A 1253 35.76 -36.83 5.81
C THR A 1253 35.37 -36.96 7.27
N ILE A 1254 34.11 -36.69 7.57
CA ILE A 1254 33.60 -36.85 8.92
C ILE A 1254 33.18 -38.31 9.13
N GLN A 1255 33.64 -38.90 10.23
CA GLN A 1255 33.41 -40.32 10.47
C GLN A 1255 32.92 -40.51 11.89
N SER A 1256 31.84 -41.26 12.03
CA SER A 1256 31.37 -41.66 13.35
C SER A 1256 32.25 -42.77 13.90
N SER A 1257 32.37 -42.84 15.21
CA SER A 1257 33.06 -43.95 15.85
C SER A 1257 32.33 -45.27 15.68
N GLY A 1258 31.08 -45.23 15.21
CA GLY A 1258 30.30 -46.43 15.01
C GLY A 1258 30.32 -46.94 13.58
N THR A 1259 29.21 -46.78 12.87
CA THR A 1259 29.02 -47.41 11.57
C THR A 1259 29.22 -46.45 10.40
N PHE A 1260 28.46 -45.35 10.36
CA PHE A 1260 28.28 -44.56 9.14
C PHE A 1260 29.19 -43.33 9.18
N SER A 1261 29.90 -43.10 8.07
CA SER A 1261 30.67 -41.88 7.88
C SER A 1261 30.13 -41.08 6.71
N SER A 1262 30.59 -39.84 6.59
CA SER A 1262 30.19 -38.95 5.51
C SER A 1262 31.40 -38.22 4.95
N LYS A 1263 31.29 -37.80 3.70
CA LYS A 1263 32.37 -37.12 3.00
C LYS A 1263 31.88 -35.78 2.45
N PHE A 1264 32.78 -34.81 2.37
CA PHE A 1264 32.46 -33.50 1.84
C PHE A 1264 33.66 -32.92 1.13
N GLN A 1265 33.40 -32.04 0.17
CA GLN A 1265 34.42 -31.30 -0.54
C GLN A 1265 34.01 -29.83 -0.63
N VAL A 1266 34.93 -28.93 -0.30
CA VAL A 1266 34.68 -27.50 -0.31
C VAL A 1266 35.77 -26.83 -1.15
N ASP A 1267 35.44 -26.48 -2.38
CA ASP A 1267 36.31 -25.70 -3.24
C ASP A 1267 35.90 -24.22 -3.19
N ASN A 1268 36.47 -23.45 -4.13
CA ASN A 1268 36.26 -22.00 -4.12
C ASN A 1268 34.79 -21.60 -4.27
N ASN A 1269 34.04 -22.24 -5.17
CA ASN A 1269 32.64 -21.88 -5.36
C ASN A 1269 31.72 -22.51 -4.30
N ASN A 1270 32.19 -23.54 -3.60
CA ASN A 1270 31.45 -24.08 -2.47
C ASN A 1270 31.93 -23.52 -1.14
N ARG A 1271 32.86 -22.56 -1.15
CA ARG A 1271 33.28 -21.92 0.09
C ARG A 1271 32.12 -21.24 0.79
N LEU A 1272 31.12 -20.79 0.04
CA LEU A 1272 29.97 -20.12 0.61
C LEU A 1272 28.72 -21.00 0.63
N LEU A 1273 28.79 -22.18 0.03
CA LEU A 1273 27.63 -23.07 0.00
C LEU A 1273 27.58 -23.92 1.25
N LEU A 1274 26.45 -23.89 1.95
CA LEU A 1274 26.29 -24.66 3.18
C LEU A 1274 26.16 -26.14 2.86
N GLN A 1275 26.91 -26.97 3.60
CA GLN A 1275 26.85 -28.42 3.48
C GLN A 1275 26.56 -28.99 4.86
N GLN A 1276 25.33 -29.42 5.09
CA GLN A 1276 24.91 -29.88 6.40
C GLN A 1276 24.27 -31.26 6.29
N VAL A 1277 24.58 -32.14 7.25
CA VAL A 1277 23.98 -33.46 7.34
C VAL A 1277 23.58 -33.72 8.79
N SER A 1278 22.63 -34.63 8.96
CA SER A 1278 22.19 -35.05 10.28
C SER A 1278 22.99 -36.28 10.71
N LEU A 1279 23.44 -36.26 11.97
CA LEU A 1279 24.27 -37.33 12.52
C LEU A 1279 23.63 -37.82 13.82
N PRO A 1280 22.62 -38.68 13.74
CA PRO A 1280 21.94 -39.12 14.97
C PRO A 1280 22.75 -40.11 15.78
N GLU A 1281 23.33 -39.64 16.89
CA GLU A 1281 24.02 -40.48 17.84
C GLU A 1281 24.21 -39.72 19.14
N LEU A 1282 23.58 -40.17 20.22
CA LEU A 1282 23.61 -39.41 21.47
C LEU A 1282 25.02 -39.31 22.07
N PRO A 1283 25.84 -40.38 22.13
CA PRO A 1283 27.16 -40.22 22.74
C PRO A 1283 28.16 -39.57 21.79
N GLY A 1284 29.37 -39.31 22.27
CA GLY A 1284 30.40 -38.69 21.46
C GLY A 1284 31.12 -39.66 20.55
N GLU A 1285 30.36 -40.37 19.71
CA GLU A 1285 30.93 -41.32 18.76
C GLU A 1285 31.15 -40.69 17.39
N TYR A 1286 32.01 -39.66 17.33
CA TYR A 1286 32.29 -38.98 16.08
C TYR A 1286 33.73 -38.50 16.06
N SER A 1287 34.37 -38.60 14.90
CA SER A 1287 35.72 -38.13 14.70
C SER A 1287 35.93 -37.84 13.23
N MET A 1288 36.11 -36.55 12.90
CA MET A 1288 36.19 -36.09 11.52
C MET A 1288 37.64 -35.87 11.12
N LYS A 1289 37.96 -36.20 9.88
CA LYS A 1289 39.28 -35.98 9.31
C LYS A 1289 39.15 -35.03 8.13
N VAL A 1290 39.93 -33.95 8.13
CA VAL A 1290 39.90 -32.94 7.08
C VAL A 1290 41.25 -32.90 6.40
N THR A 1291 41.25 -33.02 5.08
CA THR A 1291 42.45 -32.92 4.26
C THR A 1291 42.23 -31.90 3.15
N GLY A 1292 43.32 -31.54 2.47
CA GLY A 1292 43.27 -30.59 1.38
C GLY A 1292 44.09 -29.34 1.65
N GLU A 1293 43.72 -28.27 0.97
CA GLU A 1293 44.44 -27.00 1.03
C GLU A 1293 43.53 -25.92 1.58
N GLY A 1294 44.09 -25.08 2.46
CA GLY A 1294 43.36 -23.96 3.01
C GLY A 1294 42.78 -24.23 4.39
N CYS A 1295 41.71 -23.52 4.72
CA CYS A 1295 41.05 -23.66 6.02
C CYS A 1295 39.61 -24.09 5.82
N VAL A 1296 39.13 -24.93 6.73
CA VAL A 1296 37.76 -25.45 6.70
C VAL A 1296 37.13 -25.21 8.06
N TYR A 1297 35.95 -24.60 8.06
CA TYR A 1297 35.21 -24.38 9.29
C TYR A 1297 34.16 -25.48 9.48
N LEU A 1298 34.23 -26.18 10.60
CA LEU A 1298 33.35 -27.31 10.89
C LEU A 1298 32.43 -26.91 12.03
N GLN A 1299 31.14 -26.81 11.74
CA GLN A 1299 30.13 -26.37 12.70
C GLN A 1299 29.42 -27.59 13.28
N THR A 1300 29.40 -27.69 14.60
CA THR A 1300 28.84 -28.85 15.29
C THR A 1300 27.96 -28.38 16.42
N SER A 1301 26.69 -28.78 16.39
CA SER A 1301 25.74 -28.45 17.44
C SER A 1301 24.75 -29.59 17.63
N LEU A 1302 24.13 -29.61 18.81
CA LEU A 1302 23.06 -30.56 19.11
C LEU A 1302 22.17 -29.95 20.19
N LYS A 1303 20.92 -30.37 20.20
CA LYS A 1303 19.94 -29.91 21.17
C LYS A 1303 19.33 -31.10 21.89
N TYR A 1304 19.17 -30.98 23.20
CA TYR A 1304 18.60 -32.04 24.01
C TYR A 1304 17.66 -31.41 25.03
N ASN A 1305 16.64 -32.16 25.44
CA ASN A 1305 15.58 -31.64 26.29
C ASN A 1305 15.73 -32.20 27.70
N ILE A 1306 15.69 -31.32 28.70
CA ILE A 1306 15.68 -31.69 30.10
C ILE A 1306 14.60 -30.89 30.80
N LEU A 1307 14.38 -31.21 32.08
CA LEU A 1307 13.48 -30.43 32.93
C LEU A 1307 13.85 -30.67 34.38
N PRO A 1308 14.84 -29.95 34.90
CA PRO A 1308 15.12 -30.01 36.35
C PRO A 1308 14.18 -29.12 37.13
N GLU A 1309 14.38 -29.04 38.44
CA GLU A 1309 13.55 -28.19 39.28
C GLU A 1309 14.36 -27.78 40.51
N LYS A 1310 13.92 -26.69 41.16
CA LYS A 1310 14.53 -26.20 42.40
C LYS A 1310 16.01 -25.90 42.24
N GLU A 1311 16.40 -25.40 41.06
CA GLU A 1311 17.79 -24.99 40.85
C GLU A 1311 17.96 -23.53 41.27
N GLU A 1312 19.20 -23.02 41.17
CA GLU A 1312 19.46 -21.64 41.55
C GLU A 1312 19.17 -20.71 40.39
N PHE A 1313 18.37 -19.68 40.64
CA PHE A 1313 17.97 -18.72 39.62
C PHE A 1313 18.12 -17.31 40.16
N PRO A 1314 18.87 -16.42 39.49
CA PRO A 1314 18.92 -15.03 39.93
C PRO A 1314 17.59 -14.30 39.81
N PHE A 1315 16.65 -14.82 39.03
CA PHE A 1315 15.33 -14.25 38.91
C PHE A 1315 14.35 -15.06 39.77
N ALA A 1316 13.10 -14.60 39.82
CA ALA A 1316 12.03 -15.32 40.50
C ALA A 1316 10.85 -15.41 39.53
N LEU A 1317 10.31 -16.61 39.36
CA LEU A 1317 9.24 -16.84 38.40
C LEU A 1317 8.04 -17.43 39.15
N GLY A 1318 7.17 -16.55 39.65
CA GLY A 1318 5.98 -16.93 40.37
C GLY A 1318 4.72 -17.06 39.54
N VAL A 1319 4.62 -18.08 38.71
CA VAL A 1319 3.46 -18.26 37.84
C VAL A 1319 2.39 -19.08 38.56
N GLN A 1320 1.14 -18.63 38.44
CA GLN A 1320 -0.01 -19.37 38.94
C GLN A 1320 -1.11 -19.33 37.88
N THR A 1321 -2.22 -19.98 38.19
CA THR A 1321 -3.37 -20.04 37.29
C THR A 1321 -4.60 -19.48 38.00
N LEU A 1322 -5.72 -19.45 37.28
CA LEU A 1322 -6.98 -18.98 37.84
C LEU A 1322 -8.10 -19.81 37.22
N PRO A 1323 -8.66 -20.78 37.96
CA PRO A 1323 -8.26 -21.14 39.33
C PRO A 1323 -7.03 -22.05 39.37
N GLN A 1324 -6.55 -22.35 40.58
CA GLN A 1324 -5.44 -23.29 40.72
C GLN A 1324 -5.83 -24.66 40.18
N THR A 1325 -7.04 -25.12 40.51
CA THR A 1325 -7.59 -26.35 39.98
C THR A 1325 -8.96 -26.03 39.39
N CYS A 1326 -9.17 -26.42 38.13
CA CYS A 1326 -10.41 -26.10 37.45
C CYS A 1326 -11.51 -27.06 37.85
N ASP A 1327 -12.70 -26.52 38.08
CA ASP A 1327 -13.89 -27.33 38.36
C ASP A 1327 -15.02 -26.94 37.42
N GLU A 1328 -15.11 -25.66 37.10
CA GLU A 1328 -16.14 -25.19 36.19
C GLU A 1328 -15.81 -25.64 34.76
N PRO A 1329 -16.81 -26.12 34.01
CA PRO A 1329 -16.55 -26.49 32.61
C PRO A 1329 -15.98 -25.37 31.77
N LYS A 1330 -16.38 -24.12 32.03
CA LYS A 1330 -15.84 -22.98 31.30
C LYS A 1330 -14.38 -22.69 31.60
N ALA A 1331 -13.85 -23.19 32.72
CA ALA A 1331 -12.44 -23.01 33.04
C ALA A 1331 -11.52 -23.84 32.16
N HIS A 1332 -12.05 -24.86 31.49
CA HIS A 1332 -11.24 -25.63 30.54
C HIS A 1332 -10.79 -24.76 29.37
N THR A 1333 -11.68 -23.91 28.87
CA THR A 1333 -11.39 -23.13 27.68
C THR A 1333 -10.47 -21.95 28.00
N SER A 1334 -10.91 -21.06 28.88
CA SER A 1334 -10.18 -19.84 29.19
C SER A 1334 -9.86 -19.78 30.67
N PHE A 1335 -8.72 -19.17 30.99
CA PHE A 1335 -8.28 -19.04 32.37
C PHE A 1335 -7.17 -18.00 32.43
N GLN A 1336 -7.12 -17.26 33.53
CA GLN A 1336 -6.04 -16.31 33.74
C GLN A 1336 -4.77 -17.03 34.18
N ILE A 1337 -3.63 -16.49 33.74
CA ILE A 1337 -2.32 -17.03 34.09
C ILE A 1337 -1.55 -15.91 34.78
N SER A 1338 -1.05 -16.19 35.98
CA SER A 1338 -0.29 -15.20 36.73
C SER A 1338 1.17 -15.20 36.31
N LEU A 1339 1.73 -14.02 36.09
CA LEU A 1339 3.14 -13.84 35.75
C LEU A 1339 3.74 -12.85 36.74
N SER A 1340 4.17 -13.35 37.90
CA SER A 1340 4.82 -12.54 38.91
C SER A 1340 6.31 -12.84 38.87
N VAL A 1341 7.11 -11.87 38.42
CA VAL A 1341 8.55 -12.05 38.24
C VAL A 1341 9.28 -11.06 39.13
N SER A 1342 10.34 -11.54 39.78
CA SER A 1342 11.17 -10.71 40.64
C SER A 1342 12.63 -10.91 40.28
N TYR A 1343 13.48 -10.07 40.86
CA TYR A 1343 14.90 -10.07 40.55
C TYR A 1343 15.69 -10.05 41.84
N THR A 1344 16.47 -11.11 42.08
CA THR A 1344 17.13 -11.29 43.37
C THR A 1344 18.42 -10.48 43.45
N GLY A 1345 19.39 -10.78 42.60
CA GLY A 1345 20.69 -10.14 42.68
C GLY A 1345 20.85 -8.94 41.78
N SER A 1346 20.66 -7.75 42.34
CA SER A 1346 20.84 -6.51 41.58
C SER A 1346 22.28 -6.25 41.19
N ARG A 1347 23.24 -6.93 41.83
CA ARG A 1347 24.64 -6.79 41.45
C ARG A 1347 24.97 -7.51 40.16
N SER A 1348 24.08 -8.38 39.68
CA SER A 1348 24.20 -8.96 38.36
C SER A 1348 23.74 -8.00 37.26
N ALA A 1349 23.11 -6.90 37.65
CA ALA A 1349 22.85 -5.74 36.79
C ALA A 1349 22.23 -6.14 35.46
N SER A 1350 21.26 -7.04 35.53
CA SER A 1350 20.46 -7.36 34.36
C SER A 1350 19.22 -6.49 34.32
N ASN A 1351 19.09 -5.71 33.25
CA ASN A 1351 18.03 -4.70 33.20
C ASN A 1351 16.85 -5.05 32.31
N MET A 1352 17.04 -5.33 31.03
CA MET A 1352 15.93 -5.51 30.12
C MET A 1352 15.81 -6.98 29.76
N ALA A 1353 14.69 -7.57 30.17
CA ALA A 1353 14.51 -9.01 30.11
C ALA A 1353 13.11 -9.32 29.61
N ILE A 1354 12.90 -10.55 29.17
CA ILE A 1354 11.62 -10.97 28.62
C ILE A 1354 11.24 -12.32 29.21
N VAL A 1355 9.95 -12.64 29.17
CA VAL A 1355 9.44 -13.93 29.60
C VAL A 1355 8.95 -14.68 28.37
N ASP A 1356 9.42 -15.91 28.20
CA ASP A 1356 9.01 -16.75 27.09
C ASP A 1356 7.91 -17.69 27.55
N VAL A 1357 6.68 -17.43 27.11
CA VAL A 1357 5.50 -18.13 27.59
C VAL A 1357 5.00 -19.01 26.45
N LYS A 1358 4.90 -20.31 26.71
CA LYS A 1358 4.42 -21.28 25.74
C LYS A 1358 3.04 -21.80 26.14
N MET A 1359 2.24 -22.11 25.13
CA MET A 1359 0.87 -22.59 25.34
C MET A 1359 0.86 -24.11 25.43
N VAL A 1360 -0.19 -24.64 26.06
CA VAL A 1360 -0.30 -26.09 26.25
C VAL A 1360 -1.02 -26.63 25.01
N SER A 1361 -0.26 -26.70 23.91
CA SER A 1361 -0.56 -27.55 22.77
C SER A 1361 -1.90 -27.28 22.09
N GLY A 1362 -2.72 -26.39 22.65
CA GLY A 1362 -4.04 -26.18 22.08
C GLY A 1362 -4.60 -24.78 22.21
N PHE A 1363 -3.80 -23.84 22.68
CA PHE A 1363 -4.32 -22.54 23.12
C PHE A 1363 -3.75 -21.42 22.25
N ILE A 1364 -4.64 -20.69 21.59
CA ILE A 1364 -4.26 -19.39 21.04
C ILE A 1364 -4.58 -18.31 22.08
N PRO A 1365 -3.58 -17.56 22.54
CA PRO A 1365 -3.84 -16.53 23.56
C PRO A 1365 -4.69 -15.41 23.01
N LEU A 1366 -5.53 -14.83 23.86
CA LEU A 1366 -6.34 -13.69 23.46
C LEU A 1366 -5.43 -12.48 23.26
N LYS A 1367 -5.33 -12.02 22.02
CA LYS A 1367 -4.52 -10.83 21.75
C LYS A 1367 -4.93 -9.61 22.56
N PRO A 1368 -6.22 -9.23 22.67
CA PRO A 1368 -6.56 -8.07 23.50
C PRO A 1368 -6.18 -8.22 24.96
N THR A 1369 -6.29 -9.41 25.54
CA THR A 1369 -5.93 -9.59 26.94
C THR A 1369 -4.44 -9.41 27.18
N VAL A 1370 -3.62 -9.72 26.19
CA VAL A 1370 -2.19 -9.43 26.24
C VAL A 1370 -1.91 -7.99 25.84
N LYS A 1371 -2.73 -7.43 24.96
CA LYS A 1371 -2.63 -6.03 24.61
C LYS A 1371 -3.10 -5.11 25.75
N MET A 1372 -3.72 -5.67 26.78
CA MET A 1372 -4.02 -4.89 27.98
C MET A 1372 -2.75 -4.48 28.71
N LEU A 1373 -1.64 -5.20 28.47
CA LEU A 1373 -0.46 -5.08 29.32
C LEU A 1373 0.30 -3.77 29.13
N GLU A 1374 0.41 -3.24 27.91
CA GLU A 1374 1.40 -2.20 27.64
C GLU A 1374 1.15 -0.92 28.45
N ARG A 1375 -0.11 -0.62 28.80
CA ARG A 1375 -0.34 0.56 29.60
C ARG A 1375 0.24 0.43 31.00
N SER A 1376 0.32 -0.77 31.54
CA SER A 1376 1.00 -0.99 32.81
C SER A 1376 2.49 -0.72 32.66
N ASN A 1377 3.08 -0.16 33.70
CA ASN A 1377 4.49 0.19 33.65
C ASN A 1377 5.36 -1.07 33.60
N HIS A 1378 6.60 -0.89 33.13
CA HIS A 1378 7.60 -1.94 32.99
C HIS A 1378 7.17 -3.04 32.01
N VAL A 1379 6.15 -2.78 31.19
CA VAL A 1379 5.74 -3.68 30.12
C VAL A 1379 5.44 -2.82 28.91
N SER A 1380 6.33 -2.83 27.93
CA SER A 1380 6.19 -1.95 26.77
C SER A 1380 5.48 -2.63 25.60
N ARG A 1381 6.06 -3.71 25.08
CA ARG A 1381 5.54 -4.35 23.88
C ARG A 1381 5.33 -5.84 24.16
N THR A 1382 4.22 -6.37 23.67
CA THR A 1382 3.85 -7.74 23.99
C THR A 1382 3.35 -8.51 22.77
N GLU A 1383 4.15 -8.53 21.70
CA GLU A 1383 3.79 -9.29 20.52
C GLU A 1383 3.72 -10.77 20.81
N VAL A 1384 2.81 -11.48 20.14
CA VAL A 1384 2.64 -12.91 20.30
C VAL A 1384 2.66 -13.54 18.91
N SER A 1385 3.30 -14.69 18.79
CA SER A 1385 3.44 -15.38 17.51
C SER A 1385 3.71 -16.85 17.76
N SER A 1386 2.87 -17.72 17.18
CA SER A 1386 3.08 -19.17 17.15
C SER A 1386 3.22 -19.74 18.57
N ASN A 1387 2.16 -19.57 19.36
CA ASN A 1387 2.00 -20.12 20.70
C ASN A 1387 3.03 -19.56 21.68
N HIS A 1388 3.83 -18.57 21.30
CA HIS A 1388 4.85 -18.00 22.18
C HIS A 1388 4.45 -16.59 22.57
N VAL A 1389 4.00 -16.42 23.80
CA VAL A 1389 3.70 -15.11 24.35
C VAL A 1389 4.98 -14.50 24.90
N LEU A 1390 5.28 -13.28 24.48
CA LEU A 1390 6.49 -12.59 24.91
C LEU A 1390 6.11 -11.24 25.50
N ILE A 1391 6.63 -10.95 26.69
CA ILE A 1391 6.41 -9.69 27.38
C ILE A 1391 7.75 -8.98 27.50
N TYR A 1392 7.80 -7.75 27.00
CA TYR A 1392 9.06 -7.00 26.97
C TYR A 1392 9.16 -6.19 28.26
N LEU A 1393 9.67 -6.83 29.30
CA LEU A 1393 9.85 -6.18 30.59
C LEU A 1393 10.98 -5.16 30.47
N ASP A 1394 10.65 -3.88 30.69
CA ASP A 1394 11.61 -2.81 30.46
C ASP A 1394 12.79 -2.90 31.42
N LYS A 1395 12.53 -2.98 32.72
CA LYS A 1395 13.60 -3.03 33.68
C LYS A 1395 13.13 -3.77 34.93
N VAL A 1396 14.01 -4.58 35.49
CA VAL A 1396 13.71 -5.40 36.65
C VAL A 1396 13.60 -4.54 37.90
N SER A 1397 13.15 -5.15 39.00
CA SER A 1397 13.10 -4.46 40.28
C SER A 1397 13.23 -5.49 41.40
N ASN A 1398 13.64 -5.01 42.57
CA ASN A 1398 13.63 -5.88 43.75
C ASN A 1398 12.21 -6.34 44.06
N GLN A 1399 11.22 -5.48 43.86
CA GLN A 1399 9.83 -5.87 44.02
C GLN A 1399 9.42 -6.83 42.91
N THR A 1400 8.32 -7.54 43.15
CA THR A 1400 7.78 -8.48 42.19
C THR A 1400 6.67 -7.82 41.38
N LEU A 1401 6.69 -8.05 40.07
CA LEU A 1401 5.71 -7.48 39.16
C LEU A 1401 4.82 -8.60 38.63
N SER A 1402 3.53 -8.51 38.91
CA SER A 1402 2.56 -9.54 38.55
C SER A 1402 1.89 -9.18 37.23
N LEU A 1403 1.87 -10.13 36.30
CA LEU A 1403 1.25 -9.94 34.99
C LEU A 1403 0.22 -11.03 34.78
N PHE A 1404 -0.84 -10.70 34.03
CA PHE A 1404 -1.93 -11.63 33.80
C PHE A 1404 -2.49 -11.44 32.39
N PHE A 1405 -3.02 -12.53 31.84
CA PHE A 1405 -3.70 -12.52 30.55
C PHE A 1405 -4.54 -13.79 30.45
N THR A 1406 -5.31 -13.91 29.37
CA THR A 1406 -6.25 -15.02 29.21
C THR A 1406 -6.02 -15.70 27.88
N VAL A 1407 -6.05 -17.03 27.89
CA VAL A 1407 -5.88 -17.83 26.67
C VAL A 1407 -7.20 -18.48 26.32
N LEU A 1408 -7.27 -19.11 25.14
CA LEU A 1408 -8.50 -19.76 24.68
C LEU A 1408 -8.16 -21.11 24.09
N GLN A 1409 -8.96 -22.12 24.45
CA GLN A 1409 -8.74 -23.48 23.98
C GLN A 1409 -9.35 -23.67 22.60
N ASP A 1410 -8.59 -24.26 21.68
CA ASP A 1410 -9.09 -24.60 20.36
C ASP A 1410 -9.19 -26.10 20.12
N VAL A 1411 -8.20 -26.87 20.56
CA VAL A 1411 -8.17 -28.32 20.38
C VAL A 1411 -8.06 -28.95 21.76
N PRO A 1412 -8.92 -29.91 22.12
CA PRO A 1412 -8.83 -30.55 23.45
C PRO A 1412 -7.62 -31.47 23.56
N VAL A 1413 -6.46 -30.86 23.81
CA VAL A 1413 -5.21 -31.60 23.89
C VAL A 1413 -4.81 -31.72 25.36
N ARG A 1414 -5.26 -32.77 26.02
CA ARG A 1414 -4.99 -32.99 27.45
C ARG A 1414 -4.78 -34.48 27.70
N ASP A 1415 -3.53 -34.93 27.63
CA ASP A 1415 -3.17 -36.23 28.20
C ASP A 1415 -2.15 -36.09 29.31
N LEU A 1416 -0.94 -35.58 29.03
CA LEU A 1416 -0.01 -35.21 30.09
C LEU A 1416 1.09 -34.34 29.48
N LYS A 1417 1.05 -33.05 29.78
CA LYS A 1417 2.23 -32.19 29.64
C LYS A 1417 2.12 -30.93 30.49
N PRO A 1418 2.98 -30.79 31.48
CA PRO A 1418 3.16 -29.50 32.16
C PRO A 1418 4.04 -28.59 31.33
N ALA A 1419 3.43 -27.59 30.70
CA ALA A 1419 4.15 -26.73 29.78
C ALA A 1419 5.09 -25.79 30.52
N ILE A 1420 6.13 -25.34 29.82
CA ILE A 1420 7.23 -24.63 30.44
C ILE A 1420 7.19 -23.15 30.05
N VAL A 1421 7.75 -22.31 30.91
CA VAL A 1421 7.87 -20.87 30.67
C VAL A 1421 9.30 -20.45 30.99
N LYS A 1422 9.85 -19.57 30.15
CA LYS A 1422 11.24 -19.16 30.26
C LYS A 1422 11.34 -17.66 30.46
N VAL A 1423 12.42 -17.23 31.10
CA VAL A 1423 12.70 -15.82 31.32
C VAL A 1423 14.20 -15.61 31.29
N TYR A 1424 14.64 -14.52 30.66
CA TYR A 1424 16.06 -14.25 30.51
C TYR A 1424 16.23 -12.81 30.06
N ASP A 1425 17.48 -12.35 30.08
CA ASP A 1425 17.81 -10.98 29.72
C ASP A 1425 18.25 -10.91 28.26
N TYR A 1426 17.94 -9.79 27.62
CA TYR A 1426 18.41 -9.56 26.26
C TYR A 1426 19.92 -9.65 26.13
N TYR A 1427 20.67 -8.92 26.96
CA TYR A 1427 22.06 -8.62 26.66
C TYR A 1427 23.07 -9.51 27.37
N GLU A 1428 22.63 -10.54 28.10
CA GLU A 1428 23.53 -11.62 28.48
C GLU A 1428 22.63 -12.76 28.90
N THR A 1429 22.87 -13.96 28.37
CA THR A 1429 21.87 -15.01 28.38
C THR A 1429 22.02 -15.99 29.54
N ASP A 1430 23.01 -15.82 30.41
CA ASP A 1430 23.26 -16.84 31.44
C ASP A 1430 22.24 -16.79 32.56
N GLU A 1431 21.59 -15.66 32.81
CA GLU A 1431 20.54 -15.58 33.81
C GLU A 1431 19.23 -16.08 33.21
N PHE A 1432 18.84 -17.28 33.61
CA PHE A 1432 17.56 -17.86 33.20
C PHE A 1432 16.95 -18.56 34.40
N ALA A 1433 15.65 -18.35 34.59
CA ALA A 1433 14.91 -18.84 35.75
C ALA A 1433 13.75 -19.75 35.34
N ILE A 1434 14.04 -20.74 34.51
CA ILE A 1434 13.02 -21.65 34.00
C ILE A 1434 12.27 -22.32 35.15
N ALA A 1435 10.99 -22.01 35.26
CA ALA A 1435 10.07 -22.74 36.11
C ALA A 1435 8.82 -23.04 35.28
N GLU A 1436 7.86 -23.71 35.91
CA GLU A 1436 6.79 -24.36 35.16
C GLU A 1436 5.43 -23.93 35.67
N TYR A 1437 4.48 -23.80 34.74
CA TYR A 1437 3.06 -23.64 35.09
C TYR A 1437 2.27 -24.70 34.33
N ASN A 1438 1.48 -25.46 35.06
CA ASN A 1438 0.74 -26.56 34.46
C ASN A 1438 -0.62 -26.10 33.97
N ALA A 1439 -1.20 -26.89 33.09
CA ALA A 1439 -2.57 -26.63 32.65
C ALA A 1439 -3.51 -26.74 33.85
N PRO A 1440 -4.42 -25.77 34.03
CA PRO A 1440 -5.28 -25.79 35.22
C PRO A 1440 -6.17 -27.02 35.34
N CYS A 1441 -6.47 -27.68 34.22
CA CYS A 1441 -7.34 -28.84 34.23
C CYS A 1441 -6.60 -30.16 34.18
N SER A 1442 -5.26 -30.13 34.20
CA SER A 1442 -4.48 -31.36 34.15
C SER A 1442 -3.10 -31.15 34.77
#